data_1ZRN
# 
_entry.id   1ZRN 
# 
_audit_conform.dict_name       mmcif_pdbx.dic 
_audit_conform.dict_version    5.375 
_audit_conform.dict_location   http://mmcif.pdb.org/dictionaries/ascii/mmcif_pdbx.dic 
# 
loop_
_database_2.database_id 
_database_2.database_code 
_database_2.pdbx_database_accession 
_database_2.pdbx_DOI 
PDB   1ZRN         pdb_00001zrn 10.2210/pdb1zrn/pdb 
WWPDB D_1000177530 ?            ?                   
# 
_pdbx_database_status.status_code                     REL 
_pdbx_database_status.entry_id                        1ZRN 
_pdbx_database_status.recvd_initial_deposition_date   1998-03-03 
_pdbx_database_status.deposit_site                    ? 
_pdbx_database_status.process_site                    BNL 
_pdbx_database_status.SG_entry                        . 
_pdbx_database_status.pdb_format_compatible           Y 
_pdbx_database_status.status_code_mr                  ? 
_pdbx_database_status.status_code_sf                  ? 
_pdbx_database_status.status_code_cs                  ? 
_pdbx_database_status.methods_development_category    ? 
_pdbx_database_status.status_code_nmr_data            ? 
# 
loop_
_audit_author.name 
_audit_author.pdbx_ordinal 
'Li, Y.-F.'     1 
'Hata, Y.'      2 
'Fujii, T.'     3 
'Hisano, T.'    4 
'Nishihara, M.' 5 
'Kurihara, T.'  6 
'Esaki, N.'     7 
# 
_citation.id                        primary 
_citation.title                     
'Crystal structures of reaction intermediates of L-2-haloacid dehalogenase and implications for the reaction mechanism.' 
_citation.journal_abbrev            J.Biol.Chem. 
_citation.journal_volume            273 
_citation.page_first                15035 
_citation.page_last                 15044 
_citation.year                      1998 
_citation.journal_id_ASTM           JBCHA3 
_citation.country                   US 
_citation.journal_id_ISSN           0021-9258 
_citation.journal_id_CSD            0071 
_citation.book_publisher            ? 
_citation.pdbx_database_id_PubMed   9614112 
_citation.pdbx_database_id_DOI      10.1074/jbc.273.24.15035 
# 
loop_
_citation_author.citation_id 
_citation_author.name 
_citation_author.ordinal 
_citation_author.identifier_ORCID 
primary 'Li, Y.F.'      1 ? 
primary 'Hata, Y.'      2 ? 
primary 'Fujii, T.'     3 ? 
primary 'Hisano, T.'    4 ? 
primary 'Nishihara, M.' 5 ? 
primary 'Kurihara, T.'  6 ? 
primary 'Esaki, N.'     7 ? 
# 
_cell.entry_id           1ZRN 
_cell.length_a           92.080 
_cell.length_b           62.740 
_cell.length_c           50.480 
_cell.angle_alpha        90.00 
_cell.angle_beta         122.10 
_cell.angle_gamma        90.00 
_cell.Z_PDB              4 
_cell.pdbx_unique_axis   ? 
# 
_symmetry.entry_id                         1ZRN 
_symmetry.space_group_name_H-M             'C 1 2 1' 
_symmetry.pdbx_full_space_group_name_H-M   ? 
_symmetry.cell_setting                     ? 
_symmetry.Int_Tables_number                5 
# 
loop_
_entity.id 
_entity.type 
_entity.src_method 
_entity.pdbx_description 
_entity.formula_weight 
_entity.pdbx_number_of_molecules 
_entity.pdbx_ec 
_entity.pdbx_mutation 
_entity.pdbx_fragment 
_entity.details 
1 polymer     man 'L-2-HALOACID DEHALOGENASE' 26191.588 1  3.8.1.2 S175A ? ? 
2 non-polymer syn 'ACETIC ACID'               60.052    1  ?       ?     ? ? 
3 water       nat water                       18.015    66 ?       ?     ? ? 
# 
_entity_poly.entity_id                      1 
_entity_poly.type                           'polypeptide(L)' 
_entity_poly.nstd_linkage                   no 
_entity_poly.nstd_monomer                   no 
_entity_poly.pdbx_seq_one_letter_code       
;MDYIKGIAFDLYGTLFDVHSVVGRCDEAFPGRGREISALWRQKQLEYTWLRSLMNRYVNFQQATEDALRFTCRHLGLDLD
ARTRSTLCDAYLRLAPFSEVPDSLRELKRRGLKLAILSNGSPQSIDAVVSHAGLRDGFDHLLSVDPVQVYKPDNRVYELA
EQALGLDRSAILFVASNAWDATGARYFGFPTCWINRTGNVFEEMGQTPDWEVTSLRAVVELFETAAGKAEKG
;
_entity_poly.pdbx_seq_one_letter_code_can   
;MDYIKGIAFDLYGTLFDVHSVVGRCDEAFPGRGREISALWRQKQLEYTWLRSLMNRYVNFQQATEDALRFTCRHLGLDLD
ARTRSTLCDAYLRLAPFSEVPDSLRELKRRGLKLAILSNGSPQSIDAVVSHAGLRDGFDHLLSVDPVQVYKPDNRVYELA
EQALGLDRSAILFVASNAWDATGARYFGFPTCWINRTGNVFEEMGQTPDWEVTSLRAVVELFETAAGKAEKG
;
_entity_poly.pdbx_strand_id                 A 
_entity_poly.pdbx_target_identifier         ? 
# 
loop_
_entity_poly_seq.entity_id 
_entity_poly_seq.num 
_entity_poly_seq.mon_id 
_entity_poly_seq.hetero 
1 1   MET n 
1 2   ASP n 
1 3   TYR n 
1 4   ILE n 
1 5   LYS n 
1 6   GLY n 
1 7   ILE n 
1 8   ALA n 
1 9   PHE n 
1 10  ASP n 
1 11  LEU n 
1 12  TYR n 
1 13  GLY n 
1 14  THR n 
1 15  LEU n 
1 16  PHE n 
1 17  ASP n 
1 18  VAL n 
1 19  HIS n 
1 20  SER n 
1 21  VAL n 
1 22  VAL n 
1 23  GLY n 
1 24  ARG n 
1 25  CYS n 
1 26  ASP n 
1 27  GLU n 
1 28  ALA n 
1 29  PHE n 
1 30  PRO n 
1 31  GLY n 
1 32  ARG n 
1 33  GLY n 
1 34  ARG n 
1 35  GLU n 
1 36  ILE n 
1 37  SER n 
1 38  ALA n 
1 39  LEU n 
1 40  TRP n 
1 41  ARG n 
1 42  GLN n 
1 43  LYS n 
1 44  GLN n 
1 45  LEU n 
1 46  GLU n 
1 47  TYR n 
1 48  THR n 
1 49  TRP n 
1 50  LEU n 
1 51  ARG n 
1 52  SER n 
1 53  LEU n 
1 54  MET n 
1 55  ASN n 
1 56  ARG n 
1 57  TYR n 
1 58  VAL n 
1 59  ASN n 
1 60  PHE n 
1 61  GLN n 
1 62  GLN n 
1 63  ALA n 
1 64  THR n 
1 65  GLU n 
1 66  ASP n 
1 67  ALA n 
1 68  LEU n 
1 69  ARG n 
1 70  PHE n 
1 71  THR n 
1 72  CYS n 
1 73  ARG n 
1 74  HIS n 
1 75  LEU n 
1 76  GLY n 
1 77  LEU n 
1 78  ASP n 
1 79  LEU n 
1 80  ASP n 
1 81  ALA n 
1 82  ARG n 
1 83  THR n 
1 84  ARG n 
1 85  SER n 
1 86  THR n 
1 87  LEU n 
1 88  CYS n 
1 89  ASP n 
1 90  ALA n 
1 91  TYR n 
1 92  LEU n 
1 93  ARG n 
1 94  LEU n 
1 95  ALA n 
1 96  PRO n 
1 97  PHE n 
1 98  SER n 
1 99  GLU n 
1 100 VAL n 
1 101 PRO n 
1 102 ASP n 
1 103 SER n 
1 104 LEU n 
1 105 ARG n 
1 106 GLU n 
1 107 LEU n 
1 108 LYS n 
1 109 ARG n 
1 110 ARG n 
1 111 GLY n 
1 112 LEU n 
1 113 LYS n 
1 114 LEU n 
1 115 ALA n 
1 116 ILE n 
1 117 LEU n 
1 118 SER n 
1 119 ASN n 
1 120 GLY n 
1 121 SER n 
1 122 PRO n 
1 123 GLN n 
1 124 SER n 
1 125 ILE n 
1 126 ASP n 
1 127 ALA n 
1 128 VAL n 
1 129 VAL n 
1 130 SER n 
1 131 HIS n 
1 132 ALA n 
1 133 GLY n 
1 134 LEU n 
1 135 ARG n 
1 136 ASP n 
1 137 GLY n 
1 138 PHE n 
1 139 ASP n 
1 140 HIS n 
1 141 LEU n 
1 142 LEU n 
1 143 SER n 
1 144 VAL n 
1 145 ASP n 
1 146 PRO n 
1 147 VAL n 
1 148 GLN n 
1 149 VAL n 
1 150 TYR n 
1 151 LYS n 
1 152 PRO n 
1 153 ASP n 
1 154 ASN n 
1 155 ARG n 
1 156 VAL n 
1 157 TYR n 
1 158 GLU n 
1 159 LEU n 
1 160 ALA n 
1 161 GLU n 
1 162 GLN n 
1 163 ALA n 
1 164 LEU n 
1 165 GLY n 
1 166 LEU n 
1 167 ASP n 
1 168 ARG n 
1 169 SER n 
1 170 ALA n 
1 171 ILE n 
1 172 LEU n 
1 173 PHE n 
1 174 VAL n 
1 175 ALA n 
1 176 SER n 
1 177 ASN n 
1 178 ALA n 
1 179 TRP n 
1 180 ASP n 
1 181 ALA n 
1 182 THR n 
1 183 GLY n 
1 184 ALA n 
1 185 ARG n 
1 186 TYR n 
1 187 PHE n 
1 188 GLY n 
1 189 PHE n 
1 190 PRO n 
1 191 THR n 
1 192 CYS n 
1 193 TRP n 
1 194 ILE n 
1 195 ASN n 
1 196 ARG n 
1 197 THR n 
1 198 GLY n 
1 199 ASN n 
1 200 VAL n 
1 201 PHE n 
1 202 GLU n 
1 203 GLU n 
1 204 MET n 
1 205 GLY n 
1 206 GLN n 
1 207 THR n 
1 208 PRO n 
1 209 ASP n 
1 210 TRP n 
1 211 GLU n 
1 212 VAL n 
1 213 THR n 
1 214 SER n 
1 215 LEU n 
1 216 ARG n 
1 217 ALA n 
1 218 VAL n 
1 219 VAL n 
1 220 GLU n 
1 221 LEU n 
1 222 PHE n 
1 223 GLU n 
1 224 THR n 
1 225 ALA n 
1 226 ALA n 
1 227 GLY n 
1 228 LYS n 
1 229 ALA n 
1 230 GLU n 
1 231 LYS n 
1 232 GLY n 
# 
_entity_src_gen.entity_id                          1 
_entity_src_gen.pdbx_src_id                        1 
_entity_src_gen.pdbx_alt_source_flag               sample 
_entity_src_gen.pdbx_seq_type                      ? 
_entity_src_gen.pdbx_beg_seq_num                   ? 
_entity_src_gen.pdbx_end_seq_num                   ? 
_entity_src_gen.gene_src_common_name               ? 
_entity_src_gen.gene_src_genus                     ? 
_entity_src_gen.pdbx_gene_src_gene                 L-DEX_YL 
_entity_src_gen.gene_src_species                   ? 
_entity_src_gen.gene_src_strain                    YL 
_entity_src_gen.gene_src_tissue                    ? 
_entity_src_gen.gene_src_tissue_fraction           ? 
_entity_src_gen.gene_src_details                   ? 
_entity_src_gen.pdbx_gene_src_fragment             ? 
_entity_src_gen.pdbx_gene_src_scientific_name      'Pseudomonas sp.' 
_entity_src_gen.pdbx_gene_src_ncbi_taxonomy_id     66693 
_entity_src_gen.pdbx_gene_src_variant              ? 
_entity_src_gen.pdbx_gene_src_cell_line            ? 
_entity_src_gen.pdbx_gene_src_atcc                 ? 
_entity_src_gen.pdbx_gene_src_organ                ? 
_entity_src_gen.pdbx_gene_src_organelle            ? 
_entity_src_gen.pdbx_gene_src_cell                 ? 
_entity_src_gen.pdbx_gene_src_cellular_location    ? 
_entity_src_gen.host_org_common_name               ? 
_entity_src_gen.pdbx_host_org_scientific_name      'Escherichia coli' 
_entity_src_gen.pdbx_host_org_ncbi_taxonomy_id     562 
_entity_src_gen.host_org_genus                     Escherichia 
_entity_src_gen.pdbx_host_org_gene                 L-DEX_YL 
_entity_src_gen.pdbx_host_org_organ                ? 
_entity_src_gen.host_org_species                   ? 
_entity_src_gen.pdbx_host_org_tissue               ? 
_entity_src_gen.pdbx_host_org_tissue_fraction      ? 
_entity_src_gen.pdbx_host_org_strain               JM109 
_entity_src_gen.pdbx_host_org_variant              ? 
_entity_src_gen.pdbx_host_org_cell_line            ? 
_entity_src_gen.pdbx_host_org_atcc                 ? 
_entity_src_gen.pdbx_host_org_culture_collection   ? 
_entity_src_gen.pdbx_host_org_cell                 ? 
_entity_src_gen.pdbx_host_org_organelle            ? 
_entity_src_gen.pdbx_host_org_cellular_location    ? 
_entity_src_gen.pdbx_host_org_vector_type          PUC119 
_entity_src_gen.pdbx_host_org_vector               ? 
_entity_src_gen.host_org_details                   ? 
_entity_src_gen.expression_system_id               ? 
_entity_src_gen.plasmid_name                       PBA501 
_entity_src_gen.plasmid_details                    ? 
_entity_src_gen.pdbx_description                   ? 
# 
_struct_ref.id                         1 
_struct_ref.db_name                    UNP 
_struct_ref.db_code                    HAD_PSEUY 
_struct_ref.entity_id                  1 
_struct_ref.pdbx_db_accession          Q53464 
_struct_ref.pdbx_align_begin           1 
_struct_ref.pdbx_seq_one_letter_code   
;MDYIKGIAFDLYGTLFDVHSVVGRCDEAFPGRGREISALWRQKQLEYTWLRSLMNRYVNFQQATEDALRFTCRHLGLDLD
ARTRSTLCDAYLRLAPFSEVPDSLRELKRRGLKLAILSNGSPQSIDAVVSHAGLRDGFDHLLSVDPVQVYKPDNRVYELA
EQALGLDRSAILFVSSNAWDATGARYFGFPTCWINRTGNVFEEMGQTPDWEVTSLRAVVELFETAAGKAEKG
;
_struct_ref.pdbx_db_isoform            ? 
# 
_struct_ref_seq.align_id                      1 
_struct_ref_seq.ref_id                        1 
_struct_ref_seq.pdbx_PDB_id_code              1ZRN 
_struct_ref_seq.pdbx_strand_id                A 
_struct_ref_seq.seq_align_beg                 1 
_struct_ref_seq.pdbx_seq_align_beg_ins_code   ? 
_struct_ref_seq.seq_align_end                 232 
_struct_ref_seq.pdbx_seq_align_end_ins_code   ? 
_struct_ref_seq.pdbx_db_accession             Q53464 
_struct_ref_seq.db_align_beg                  1 
_struct_ref_seq.pdbx_db_align_beg_ins_code    ? 
_struct_ref_seq.db_align_end                  232 
_struct_ref_seq.pdbx_db_align_end_ins_code    ? 
_struct_ref_seq.pdbx_auth_seq_align_beg       1 
_struct_ref_seq.pdbx_auth_seq_align_end       232 
# 
_struct_ref_seq_dif.align_id                     1 
_struct_ref_seq_dif.pdbx_pdb_id_code             1ZRN 
_struct_ref_seq_dif.mon_id                       ALA 
_struct_ref_seq_dif.pdbx_pdb_strand_id           A 
_struct_ref_seq_dif.seq_num                      175 
_struct_ref_seq_dif.pdbx_pdb_ins_code            ? 
_struct_ref_seq_dif.pdbx_seq_db_name             UNP 
_struct_ref_seq_dif.pdbx_seq_db_accession_code   Q53464 
_struct_ref_seq_dif.db_mon_id                    SER 
_struct_ref_seq_dif.pdbx_seq_db_seq_num          175 
_struct_ref_seq_dif.details                      'engineered mutation' 
_struct_ref_seq_dif.pdbx_auth_seq_num            175 
_struct_ref_seq_dif.pdbx_ordinal                 1 
# 
loop_
_chem_comp.id 
_chem_comp.type 
_chem_comp.mon_nstd_flag 
_chem_comp.name 
_chem_comp.pdbx_synonyms 
_chem_comp.formula 
_chem_comp.formula_weight 
ACY non-polymer         . 'ACETIC ACID'   ? 'C2 H4 O2'       60.052  
ALA 'L-peptide linking' y ALANINE         ? 'C3 H7 N O2'     89.093  
ARG 'L-peptide linking' y ARGININE        ? 'C6 H15 N4 O2 1' 175.209 
ASN 'L-peptide linking' y ASPARAGINE      ? 'C4 H8 N2 O3'    132.118 
ASP 'L-peptide linking' y 'ASPARTIC ACID' ? 'C4 H7 N O4'     133.103 
CYS 'L-peptide linking' y CYSTEINE        ? 'C3 H7 N O2 S'   121.158 
GLN 'L-peptide linking' y GLUTAMINE       ? 'C5 H10 N2 O3'   146.144 
GLU 'L-peptide linking' y 'GLUTAMIC ACID' ? 'C5 H9 N O4'     147.129 
GLY 'peptide linking'   y GLYCINE         ? 'C2 H5 N O2'     75.067  
HIS 'L-peptide linking' y HISTIDINE       ? 'C6 H10 N3 O2 1' 156.162 
HOH non-polymer         . WATER           ? 'H2 O'           18.015  
ILE 'L-peptide linking' y ISOLEUCINE      ? 'C6 H13 N O2'    131.173 
LEU 'L-peptide linking' y LEUCINE         ? 'C6 H13 N O2'    131.173 
LYS 'L-peptide linking' y LYSINE          ? 'C6 H15 N2 O2 1' 147.195 
MET 'L-peptide linking' y METHIONINE      ? 'C5 H11 N O2 S'  149.211 
PHE 'L-peptide linking' y PHENYLALANINE   ? 'C9 H11 N O2'    165.189 
PRO 'L-peptide linking' y PROLINE         ? 'C5 H9 N O2'     115.130 
SER 'L-peptide linking' y SERINE          ? 'C3 H7 N O3'     105.093 
THR 'L-peptide linking' y THREONINE       ? 'C4 H9 N O3'     119.119 
TRP 'L-peptide linking' y TRYPTOPHAN      ? 'C11 H12 N2 O2'  204.225 
TYR 'L-peptide linking' y TYROSINE        ? 'C9 H11 N O3'    181.189 
VAL 'L-peptide linking' y VALINE          ? 'C5 H11 N O2'    117.146 
# 
_exptl.entry_id          1ZRN 
_exptl.method            'X-RAY DIFFRACTION' 
_exptl.crystals_number   1 
# 
_exptl_crystal.id                    1 
_exptl_crystal.density_meas          ? 
_exptl_crystal.density_Matthews      2.36 
_exptl_crystal.density_percent_sol   48.0 
_exptl_crystal.description           ? 
# 
_exptl_crystal_grow.crystal_id      1 
_exptl_crystal_grow.method          ? 
_exptl_crystal_grow.temp            ? 
_exptl_crystal_grow.temp_details    ? 
_exptl_crystal_grow.pH              5.5 
_exptl_crystal_grow.pdbx_pH_range   ? 
_exptl_crystal_grow.pdbx_details    'pH 5.5' 
# 
_diffrn.id                     1 
_diffrn.ambient_temp           293 
_diffrn.ambient_temp_details   ? 
_diffrn.crystal_id             1 
# 
_diffrn_detector.diffrn_id              1 
_diffrn_detector.detector               'IMAGE PLATE' 
_diffrn_detector.type                   'RIGAKU RAXIS IIC' 
_diffrn_detector.pdbx_collection_date   1996-11-26 
_diffrn_detector.details                ? 
# 
_diffrn_radiation.diffrn_id                        1 
_diffrn_radiation.wavelength_id                    1 
_diffrn_radiation.pdbx_monochromatic_or_laue_m_l   M 
_diffrn_radiation.monochromator                    'GRAPHITE(002)' 
_diffrn_radiation.pdbx_diffrn_protocol             ? 
_diffrn_radiation.pdbx_scattering_type             x-ray 
# 
_diffrn_radiation_wavelength.id           1 
_diffrn_radiation_wavelength.wavelength   1.5418 
_diffrn_radiation_wavelength.wt           1.0 
# 
_diffrn_source.diffrn_id                   1 
_diffrn_source.source                      ? 
_diffrn_source.type                        ? 
_diffrn_source.pdbx_synchrotron_site       ? 
_diffrn_source.pdbx_synchrotron_beamline   ? 
_diffrn_source.pdbx_wavelength             1.5418 
_diffrn_source.pdbx_wavelength_list        ? 
# 
_reflns.entry_id                     1ZRN 
_reflns.observed_criterion_sigma_I   1.0 
_reflns.observed_criterion_sigma_F   ? 
_reflns.d_resolution_low             15.00 
_reflns.d_resolution_high            1.83 
_reflns.number_obs                   17918 
_reflns.number_all                   ? 
_reflns.percent_possible_obs         95.0 
_reflns.pdbx_Rmerge_I_obs            0.0578000 
_reflns.pdbx_Rsym_value              ? 
_reflns.pdbx_netI_over_sigmaI        11.47 
_reflns.B_iso_Wilson_estimate        20.96 
_reflns.pdbx_redundancy              3.05 
_reflns.pdbx_ordinal                 1 
_reflns.pdbx_diffrn_id               1 
# 
_reflns_shell.d_res_high             1.83 
_reflns_shell.d_res_low              1.89 
_reflns_shell.percent_possible_all   90.2 
_reflns_shell.Rmerge_I_obs           0.2370000 
_reflns_shell.pdbx_Rsym_value        ? 
_reflns_shell.meanI_over_sigI_obs    ? 
_reflns_shell.pdbx_redundancy        1.56 
_reflns_shell.pdbx_ordinal           1 
_reflns_shell.pdbx_diffrn_id         1 
# 
_refine.entry_id                                 1ZRN 
_refine.ls_number_reflns_obs                     17609 
_refine.ls_number_reflns_all                     ? 
_refine.pdbx_ls_sigma_I                          ? 
_refine.pdbx_ls_sigma_F                          2.0 
_refine.pdbx_data_cutoff_high_absF               100000.00 
_refine.pdbx_data_cutoff_low_absF                0.1000 
_refine.pdbx_data_cutoff_high_rms_absF           ? 
_refine.ls_d_res_low                             8.0 
_refine.ls_d_res_high                            1.83 
_refine.ls_percent_reflns_obs                    78.7 
_refine.ls_R_factor_obs                          0.1990000 
_refine.ls_R_factor_all                          ? 
_refine.ls_R_factor_R_work                       0.1990000 
_refine.ls_R_factor_R_free                       0.2580000 
_refine.ls_R_factor_R_free_error                 ? 
_refine.ls_R_factor_R_free_error_details         ? 
_refine.ls_percent_reflns_R_free                 9.86 
_refine.ls_number_reflns_R_free                  1737 
_refine.ls_number_parameters                     ? 
_refine.ls_number_restraints                     ? 
_refine.occupancy_min                            ? 
_refine.occupancy_max                            ? 
_refine.B_iso_mean                               29.98 
_refine.aniso_B[1][1]                            0.00 
_refine.aniso_B[2][2]                            0.00 
_refine.aniso_B[3][3]                            0.00 
_refine.aniso_B[1][2]                            0.00 
_refine.aniso_B[1][3]                            0.00 
_refine.aniso_B[2][3]                            0.00 
_refine.solvent_model_details                    ? 
_refine.solvent_model_param_ksol                 ? 
_refine.solvent_model_param_bsol                 ? 
_refine.pdbx_ls_cross_valid_method               THROUGHOUT 
_refine.details                                  ? 
_refine.pdbx_starting_model                      1JUD 
_refine.pdbx_method_to_determine_struct          'MOLECULAR REPLACEMENT' 
_refine.pdbx_isotropic_thermal_model             RESTRAINED 
_refine.pdbx_stereochemistry_target_values       ? 
_refine.pdbx_stereochem_target_val_spec_case     ? 
_refine.pdbx_R_Free_selection_details            RANDOM 
_refine.pdbx_overall_ESU_R                       ? 
_refine.pdbx_overall_ESU_R_Free                  ? 
_refine.overall_SU_ML                            ? 
_refine.overall_SU_B                             ? 
_refine.pdbx_refine_id                           'X-RAY DIFFRACTION' 
_refine.pdbx_diffrn_id                           1 
_refine.pdbx_TLS_residual_ADP_flag               ? 
_refine.correlation_coeff_Fo_to_Fc               ? 
_refine.correlation_coeff_Fo_to_Fc_free          ? 
_refine.pdbx_solvent_vdw_probe_radii             ? 
_refine.pdbx_solvent_ion_probe_radii             ? 
_refine.pdbx_solvent_shrinkage_radii             ? 
_refine.pdbx_overall_phase_error                 ? 
_refine.overall_SU_R_Cruickshank_DPI             ? 
_refine.pdbx_overall_SU_R_free_Cruickshank_DPI   ? 
_refine.pdbx_overall_SU_R_Blow_DPI               ? 
_refine.pdbx_overall_SU_R_free_Blow_DPI          ? 
# 
_refine_analyze.entry_id                        1ZRN 
_refine_analyze.Luzzati_coordinate_error_obs    0.23 
_refine_analyze.Luzzati_sigma_a_obs             0.28 
_refine_analyze.Luzzati_d_res_low_obs           5.00 
_refine_analyze.Luzzati_coordinate_error_free   0.28 
_refine_analyze.Luzzati_sigma_a_free            0.39 
_refine_analyze.Luzzati_d_res_low_free          ? 
_refine_analyze.number_disordered_residues      ? 
_refine_analyze.occupancy_sum_hydrogen          ? 
_refine_analyze.occupancy_sum_non_hydrogen      ? 
_refine_analyze.pdbx_refine_id                  'X-RAY DIFFRACTION' 
# 
_refine_hist.pdbx_refine_id                   'X-RAY DIFFRACTION' 
_refine_hist.cycle_id                         LAST 
_refine_hist.pdbx_number_atoms_protein        1746 
_refine_hist.pdbx_number_atoms_nucleic_acid   0 
_refine_hist.pdbx_number_atoms_ligand         4 
_refine_hist.number_atoms_solvent             66 
_refine_hist.number_atoms_total               1816 
_refine_hist.d_res_high                       1.83 
_refine_hist.d_res_low                        8.0 
# 
loop_
_refine_ls_restr.type 
_refine_ls_restr.dev_ideal 
_refine_ls_restr.dev_ideal_target 
_refine_ls_restr.weight 
_refine_ls_restr.number 
_refine_ls_restr.pdbx_refine_id 
_refine_ls_restr.pdbx_restraint_function 
x_bond_d                0.007 ? ? ? 'X-RAY DIFFRACTION' ? 
x_bond_d_na             ?     ? ? ? 'X-RAY DIFFRACTION' ? 
x_bond_d_prot           ?     ? ? ? 'X-RAY DIFFRACTION' ? 
x_angle_d               ?     ? ? ? 'X-RAY DIFFRACTION' ? 
x_angle_d_na            ?     ? ? ? 'X-RAY DIFFRACTION' ? 
x_angle_d_prot          ?     ? ? ? 'X-RAY DIFFRACTION' ? 
x_angle_deg             1.32  ? ? ? 'X-RAY DIFFRACTION' ? 
x_angle_deg_na          ?     ? ? ? 'X-RAY DIFFRACTION' ? 
x_angle_deg_prot        ?     ? ? ? 'X-RAY DIFFRACTION' ? 
x_dihedral_angle_d      22.8  ? ? ? 'X-RAY DIFFRACTION' ? 
x_dihedral_angle_d_na   ?     ? ? ? 'X-RAY DIFFRACTION' ? 
x_dihedral_angle_d_prot ?     ? ? ? 'X-RAY DIFFRACTION' ? 
x_improper_angle_d      1.18  ? ? ? 'X-RAY DIFFRACTION' ? 
x_improper_angle_d_na   ?     ? ? ? 'X-RAY DIFFRACTION' ? 
x_improper_angle_d_prot ?     ? ? ? 'X-RAY DIFFRACTION' ? 
x_mcbond_it             ?     ? ? ? 'X-RAY DIFFRACTION' ? 
x_mcangle_it            ?     ? ? ? 'X-RAY DIFFRACTION' ? 
x_scbond_it             ?     ? ? ? 'X-RAY DIFFRACTION' ? 
x_scangle_it            ?     ? ? ? 'X-RAY DIFFRACTION' ? 
# 
_refine_ls_shell.pdbx_total_number_of_bins_used   8 
_refine_ls_shell.d_res_high                       1.83 
_refine_ls_shell.d_res_low                        1.88 
_refine_ls_shell.number_reflns_R_work             848 
_refine_ls_shell.R_factor_R_work                  0.3070000 
_refine_ls_shell.percent_reflns_obs               70.9 
_refine_ls_shell.R_factor_R_free                  0.3250000 
_refine_ls_shell.R_factor_R_free_error            ? 
_refine_ls_shell.percent_reflns_R_free            9.91 
_refine_ls_shell.number_reflns_R_free             84 
_refine_ls_shell.pdbx_refine_id                   'X-RAY DIFFRACTION' 
_refine_ls_shell.number_reflns_all                ? 
_refine_ls_shell.R_factor_all                     ? 
# 
loop_
_pdbx_xplor_file.serial_no 
_pdbx_xplor_file.param_file 
_pdbx_xplor_file.topol_file 
_pdbx_xplor_file.pdbx_refine_id 
1 PARHCSDX.PRO TOPHCSDX.PRO 'X-RAY DIFFRACTION' 
2 PARA.WATER   TOPO.WATER   'X-RAY DIFFRACTION' 
3 PARA.CMD     TOPO.CMD     'X-RAY DIFFRACTION' 
# 
_struct.entry_id                  1ZRN 
_struct.title                     'INTERMEDIATE STRUCTURE OF L-2-HALOACID DEHALOGENASE WITH MONOCHLOROACETATE' 
_struct.pdbx_model_details        ? 
_struct.pdbx_CASP_flag            ? 
_struct.pdbx_model_type_details   ? 
# 
_struct_keywords.entry_id        1ZRN 
_struct_keywords.pdbx_keywords   DEHALOGENASE 
_struct_keywords.text            'DEHALOGENASE, HYDROLASE' 
# 
loop_
_struct_asym.id 
_struct_asym.pdbx_blank_PDB_chainid_flag 
_struct_asym.pdbx_modified 
_struct_asym.entity_id 
_struct_asym.details 
A N N 1 ? 
B N N 2 ? 
C N N 3 ? 
# 
_struct_biol.id   1 
# 
loop_
_struct_conf.conf_type_id 
_struct_conf.id 
_struct_conf.pdbx_PDB_helix_id 
_struct_conf.beg_label_comp_id 
_struct_conf.beg_label_asym_id 
_struct_conf.beg_label_seq_id 
_struct_conf.pdbx_beg_PDB_ins_code 
_struct_conf.end_label_comp_id 
_struct_conf.end_label_asym_id 
_struct_conf.end_label_seq_id 
_struct_conf.pdbx_end_PDB_ins_code 
_struct_conf.beg_auth_comp_id 
_struct_conf.beg_auth_asym_id 
_struct_conf.beg_auth_seq_id 
_struct_conf.end_auth_comp_id 
_struct_conf.end_auth_asym_id 
_struct_conf.end_auth_seq_id 
_struct_conf.pdbx_PDB_helix_class 
_struct_conf.details 
_struct_conf.pdbx_PDB_helix_length 
HELX_P HELX_P1  1  VAL A 18  ? ALA A 28  ? VAL A 18  ALA A 28  5 ? 11 
HELX_P HELX_P2  2  GLY A 33  ? MET A 54  ? GLY A 33  MET A 54  1 ? 22 
HELX_P HELX_P3  3  PHE A 60  ? LEU A 75  ? PHE A 60  LEU A 75  1 ? 16 
HELX_P HELX_P4  4  ALA A 81  ? ARG A 93  ? ALA A 81  ARG A 93  1 ? 13 
HELX_P HELX_P5  5  VAL A 100 ? ARG A 110 ? VAL A 100 ARG A 110 1 ? 11 
HELX_P HELX_P6  6  PRO A 122 ? HIS A 131 ? PRO A 122 HIS A 131 1 ? 10 
HELX_P HELX_P7  7  ARG A 135 ? GLY A 137 ? ARG A 135 GLY A 137 5 ? 3  
HELX_P HELX_P8  8  ASP A 145 ? VAL A 147 ? ASP A 145 VAL A 147 5 ? 3  
HELX_P HELX_P9  9  ASN A 154 ? LEU A 164 ? ASN A 154 LEU A 164 1 ? 11 
HELX_P HELX_P10 10 ARG A 168 ? ALA A 170 ? ARG A 168 ALA A 170 5 ? 3  
HELX_P HELX_P11 11 ALA A 178 ? PHE A 187 ? ALA A 178 PHE A 187 1 ? 10 
HELX_P HELX_P12 12 LEU A 215 ? VAL A 219 ? LEU A 215 VAL A 219 1 ? 5  
# 
_struct_conf_type.id          HELX_P 
_struct_conf_type.criteria    ? 
_struct_conf_type.reference   ? 
# 
_struct_conn.id                            covale1 
_struct_conn.conn_type_id                  covale 
_struct_conn.pdbx_leaving_atom_flag        none 
_struct_conn.pdbx_PDB_id                   ? 
_struct_conn.ptnr1_label_asym_id           A 
_struct_conn.ptnr1_label_comp_id           ASP 
_struct_conn.ptnr1_label_seq_id            10 
_struct_conn.ptnr1_label_atom_id           OD2 
_struct_conn.pdbx_ptnr1_label_alt_id       ? 
_struct_conn.pdbx_ptnr1_PDB_ins_code       ? 
_struct_conn.pdbx_ptnr1_standard_comp_id   ? 
_struct_conn.ptnr1_symmetry                1_555 
_struct_conn.ptnr2_label_asym_id           B 
_struct_conn.ptnr2_label_comp_id           ACY 
_struct_conn.ptnr2_label_seq_id            . 
_struct_conn.ptnr2_label_atom_id           CH3 
_struct_conn.pdbx_ptnr2_label_alt_id       ? 
_struct_conn.pdbx_ptnr2_PDB_ins_code       ? 
_struct_conn.ptnr1_auth_asym_id            A 
_struct_conn.ptnr1_auth_comp_id            ASP 
_struct_conn.ptnr1_auth_seq_id             10 
_struct_conn.ptnr2_auth_asym_id            A 
_struct_conn.ptnr2_auth_comp_id            ACY 
_struct_conn.ptnr2_auth_seq_id             300 
_struct_conn.ptnr2_symmetry                1_555 
_struct_conn.pdbx_ptnr3_label_atom_id      ? 
_struct_conn.pdbx_ptnr3_label_seq_id       ? 
_struct_conn.pdbx_ptnr3_label_comp_id      ? 
_struct_conn.pdbx_ptnr3_label_asym_id      ? 
_struct_conn.pdbx_ptnr3_label_alt_id       ? 
_struct_conn.pdbx_ptnr3_PDB_ins_code       ? 
_struct_conn.details                       ? 
_struct_conn.pdbx_dist_value               1.438 
_struct_conn.pdbx_value_order              ? 
_struct_conn.pdbx_role                     ? 
# 
_struct_conn_type.id          covale 
_struct_conn_type.criteria    ? 
_struct_conn_type.reference   ? 
# 
_struct_mon_prot_cis.pdbx_id                1 
_struct_mon_prot_cis.label_comp_id          LYS 
_struct_mon_prot_cis.label_seq_id           151 
_struct_mon_prot_cis.label_asym_id          A 
_struct_mon_prot_cis.label_alt_id           . 
_struct_mon_prot_cis.pdbx_PDB_ins_code      ? 
_struct_mon_prot_cis.auth_comp_id           LYS 
_struct_mon_prot_cis.auth_seq_id            151 
_struct_mon_prot_cis.auth_asym_id           A 
_struct_mon_prot_cis.pdbx_label_comp_id_2   PRO 
_struct_mon_prot_cis.pdbx_label_seq_id_2    152 
_struct_mon_prot_cis.pdbx_label_asym_id_2   A 
_struct_mon_prot_cis.pdbx_PDB_ins_code_2    ? 
_struct_mon_prot_cis.pdbx_auth_comp_id_2    PRO 
_struct_mon_prot_cis.pdbx_auth_seq_id_2     152 
_struct_mon_prot_cis.pdbx_auth_asym_id_2    A 
_struct_mon_prot_cis.pdbx_PDB_model_num     1 
_struct_mon_prot_cis.pdbx_omega_angle       -0.23 
# 
_struct_sheet.id               A 
_struct_sheet.type             ? 
_struct_sheet.number_strands   6 
_struct_sheet.details          ? 
# 
loop_
_struct_sheet_order.sheet_id 
_struct_sheet_order.range_id_1 
_struct_sheet_order.range_id_2 
_struct_sheet_order.offset 
_struct_sheet_order.sense 
A 1 2 ? parallel 
A 2 3 ? parallel 
A 3 4 ? parallel 
A 4 5 ? parallel 
A 5 6 ? parallel 
# 
loop_
_struct_sheet_range.sheet_id 
_struct_sheet_range.id 
_struct_sheet_range.beg_label_comp_id 
_struct_sheet_range.beg_label_asym_id 
_struct_sheet_range.beg_label_seq_id 
_struct_sheet_range.pdbx_beg_PDB_ins_code 
_struct_sheet_range.end_label_comp_id 
_struct_sheet_range.end_label_asym_id 
_struct_sheet_range.end_label_seq_id 
_struct_sheet_range.pdbx_end_PDB_ins_code 
_struct_sheet_range.beg_auth_comp_id 
_struct_sheet_range.beg_auth_asym_id 
_struct_sheet_range.beg_auth_seq_id 
_struct_sheet_range.end_auth_comp_id 
_struct_sheet_range.end_auth_asym_id 
_struct_sheet_range.end_auth_seq_id 
A 1 TRP A 210 ? VAL A 212 ? TRP A 210 VAL A 212 
A 2 PRO A 190 ? ILE A 194 ? PRO A 190 ILE A 194 
A 3 ILE A 171 ? ALA A 175 ? ILE A 171 ALA A 175 
A 4 GLY A 6   ? PHE A 9   ? GLY A 6   PHE A 9   
A 5 LYS A 113 ? SER A 118 ? LYS A 113 SER A 118 
A 6 HIS A 140 ? SER A 143 ? HIS A 140 SER A 143 
# 
loop_
_pdbx_struct_sheet_hbond.sheet_id 
_pdbx_struct_sheet_hbond.range_id_1 
_pdbx_struct_sheet_hbond.range_id_2 
_pdbx_struct_sheet_hbond.range_1_label_atom_id 
_pdbx_struct_sheet_hbond.range_1_label_comp_id 
_pdbx_struct_sheet_hbond.range_1_label_asym_id 
_pdbx_struct_sheet_hbond.range_1_label_seq_id 
_pdbx_struct_sheet_hbond.range_1_PDB_ins_code 
_pdbx_struct_sheet_hbond.range_1_auth_atom_id 
_pdbx_struct_sheet_hbond.range_1_auth_comp_id 
_pdbx_struct_sheet_hbond.range_1_auth_asym_id 
_pdbx_struct_sheet_hbond.range_1_auth_seq_id 
_pdbx_struct_sheet_hbond.range_2_label_atom_id 
_pdbx_struct_sheet_hbond.range_2_label_comp_id 
_pdbx_struct_sheet_hbond.range_2_label_asym_id 
_pdbx_struct_sheet_hbond.range_2_label_seq_id 
_pdbx_struct_sheet_hbond.range_2_PDB_ins_code 
_pdbx_struct_sheet_hbond.range_2_auth_atom_id 
_pdbx_struct_sheet_hbond.range_2_auth_comp_id 
_pdbx_struct_sheet_hbond.range_2_auth_asym_id 
_pdbx_struct_sheet_hbond.range_2_auth_seq_id 
A 1 2 O TRP A 210 ? O TRP A 210 N TRP A 193 ? N TRP A 193 
A 2 3 O PRO A 190 ? O PRO A 190 N PHE A 173 ? N PHE A 173 
A 3 4 O LEU A 172 ? O LEU A 172 N GLY A 6   ? N GLY A 6   
A 4 5 O ILE A 7   ? O ILE A 7   N LYS A 113 ? N LYS A 113 
A 5 6 O ILE A 116 ? O ILE A 116 N HIS A 140 ? N HIS A 140 
# 
_struct_site.id                   AC1 
_struct_site.pdbx_evidence_code   Software 
_struct_site.pdbx_auth_asym_id    A 
_struct_site.pdbx_auth_comp_id    ACY 
_struct_site.pdbx_auth_seq_id     300 
_struct_site.pdbx_auth_ins_code   ? 
_struct_site.pdbx_num_residues    5 
_struct_site.details              'BINDING SITE FOR RESIDUE ACY A 300' 
# 
loop_
_struct_site_gen.id 
_struct_site_gen.site_id 
_struct_site_gen.pdbx_num_res 
_struct_site_gen.label_comp_id 
_struct_site_gen.label_asym_id 
_struct_site_gen.label_seq_id 
_struct_site_gen.pdbx_auth_ins_code 
_struct_site_gen.auth_comp_id 
_struct_site_gen.auth_asym_id 
_struct_site_gen.auth_seq_id 
_struct_site_gen.label_atom_id 
_struct_site_gen.label_alt_id 
_struct_site_gen.symmetry 
_struct_site_gen.details 
1 AC1 5 ASP A 10  ? ASP A 10  . ? 1_555 ? 
2 AC1 5 LEU A 11  ? LEU A 11  . ? 1_555 ? 
3 AC1 5 TYR A 12  ? TYR A 12  . ? 1_555 ? 
4 AC1 5 SER A 118 ? SER A 118 . ? 1_555 ? 
5 AC1 5 ASN A 119 ? ASN A 119 . ? 1_555 ? 
# 
_atom_sites.entry_id                    1ZRN 
_atom_sites.fract_transf_matrix[1][1]   0.00759878 
_atom_sites.fract_transf_matrix[1][2]   -0.00883898 
_atom_sites.fract_transf_matrix[1][3]   -0.00533738 
_atom_sites.fract_transf_matrix[2][1]   0.00009531 
_atom_sites.fract_transf_matrix[2][2]   0.00829892 
_atom_sites.fract_transf_matrix[2][3]   -0.01360774 
_atom_sites.fract_transf_matrix[3][1]   0.02332031 
_atom_sites.fract_transf_matrix[3][2]   0.00140664 
_atom_sites.fract_transf_matrix[3][3]   0.00102120 
_atom_sites.fract_transf_vector[1]      0.298812 
_atom_sites.fract_transf_vector[2]      0.226894 
_atom_sites.fract_transf_vector[3]      0.292323 
# 
loop_
_atom_type.symbol 
C 
N 
O 
S 
# 
loop_
_atom_site.group_PDB 
_atom_site.id 
_atom_site.type_symbol 
_atom_site.label_atom_id 
_atom_site.label_alt_id 
_atom_site.label_comp_id 
_atom_site.label_asym_id 
_atom_site.label_entity_id 
_atom_site.label_seq_id 
_atom_site.pdbx_PDB_ins_code 
_atom_site.Cartn_x 
_atom_site.Cartn_y 
_atom_site.Cartn_z 
_atom_site.occupancy 
_atom_site.B_iso_or_equiv 
_atom_site.pdbx_formal_charge 
_atom_site.auth_seq_id 
_atom_site.auth_comp_id 
_atom_site.auth_asym_id 
_atom_site.auth_atom_id 
_atom_site.pdbx_PDB_model_num 
ATOM   1    N N   . TYR A 1 3   ? -22.084 -9.521  8.043   1.00 40.23  ? 3   TYR A N   1 
ATOM   2    C CA  . TYR A 1 3   ? -20.936 -10.451 8.258   1.00 38.89  ? 3   TYR A CA  1 
ATOM   3    C C   . TYR A 1 3   ? -19.637 -9.678  8.488   1.00 37.16  ? 3   TYR A C   1 
ATOM   4    O O   . TYR A 1 3   ? -18.960 -9.881  9.496   1.00 40.80  ? 3   TYR A O   1 
ATOM   5    C CB  . TYR A 1 3   ? -20.793 -11.413 7.077   1.00 41.30  ? 3   TYR A CB  1 
ATOM   6    N N   . ILE A 1 4   ? -19.297 -8.788  7.556   1.00 31.78  ? 4   ILE A N   1 
ATOM   7    C CA  . ILE A 1 4   ? -18.084 -7.984  7.675   1.00 27.68  ? 4   ILE A CA  1 
ATOM   8    C C   . ILE A 1 4   ? -18.351 -6.843  8.646   1.00 25.68  ? 4   ILE A C   1 
ATOM   9    O O   . ILE A 1 4   ? -19.366 -6.156  8.539   1.00 26.38  ? 4   ILE A O   1 
ATOM   10   C CB  . ILE A 1 4   ? -17.618 -7.404  6.294   1.00 24.70  ? 4   ILE A CB  1 
ATOM   11   C CG1 . ILE A 1 4   ? -17.042 -8.507  5.403   1.00 25.82  ? 4   ILE A CG1 1 
ATOM   12   C CG2 . ILE A 1 4   ? -16.540 -6.348  6.487   1.00 21.37  ? 4   ILE A CG2 1 
ATOM   13   C CD1 . ILE A 1 4   ? -18.068 -9.408  4.781   1.00 30.87  ? 4   ILE A CD1 1 
ATOM   14   N N   . LYS A 1 5   ? -17.458 -6.688  9.616   1.00 25.38  ? 5   LYS A N   1 
ATOM   15   C CA  . LYS A 1 5   ? -17.570 -5.641  10.620  1.00 24.71  ? 5   LYS A CA  1 
ATOM   16   C C   . LYS A 1 5   ? -16.377 -4.694  10.521  1.00 24.25  ? 5   LYS A C   1 
ATOM   17   O O   . LYS A 1 5   ? -16.366 -3.626  11.138  1.00 23.28  ? 5   LYS A O   1 
ATOM   18   C CB  . LYS A 1 5   ? -17.608 -6.262  12.023  1.00 29.64  ? 5   LYS A CB  1 
ATOM   19   C CG  . LYS A 1 5   ? -18.718 -7.279  12.257  1.00 35.44  ? 5   LYS A CG  1 
ATOM   20   C CD  . LYS A 1 5   ? -20.081 -6.618  12.406  1.00 42.28  ? 5   LYS A CD  1 
ATOM   21   C CE  . LYS A 1 5   ? -21.144 -7.642  12.794  1.00 49.87  ? 5   LYS A CE  1 
ATOM   22   N NZ  . LYS A 1 5   ? -21.431 -8.638  11.714  1.00 53.01  ? 5   LYS A NZ  1 
ATOM   23   N N   . GLY A 1 6   ? -15.375 -5.077  9.737   1.00 22.65  ? 6   GLY A N   1 
ATOM   24   C CA  . GLY A 1 6   ? -14.197 -4.243  9.598   1.00 18.85  ? 6   GLY A CA  1 
ATOM   25   C C   . GLY A 1 6   ? -13.603 -4.347  8.208   1.00 20.25  ? 6   GLY A C   1 
ATOM   26   O O   . GLY A 1 6   ? -13.919 -5.275  7.458   1.00 17.14  ? 6   GLY A O   1 
ATOM   27   N N   . ILE A 1 7   ? -12.774 -3.372  7.849   1.00 21.13  ? 7   ILE A N   1 
ATOM   28   C CA  . ILE A 1 7   ? -12.128 -3.348  6.544   1.00 21.18  ? 7   ILE A CA  1 
ATOM   29   C C   . ILE A 1 7   ? -10.678 -2.959  6.733   1.00 19.25  ? 7   ILE A C   1 
ATOM   30   O O   . ILE A 1 7   ? -10.375 -2.013  7.472   1.00 19.87  ? 7   ILE A O   1 
ATOM   31   C CB  . ILE A 1 7   ? -12.775 -2.306  5.578   1.00 19.69  ? 7   ILE A CB  1 
ATOM   32   C CG1 . ILE A 1 7   ? -14.261 -2.609  5.363   1.00 22.02  ? 7   ILE A CG1 1 
ATOM   33   C CG2 . ILE A 1 7   ? -12.056 -2.317  4.236   1.00 17.71  ? 7   ILE A CG2 1 
ATOM   34   C CD1 . ILE A 1 7   ? -14.954 -1.682  4.384   1.00 20.93  ? 7   ILE A CD1 1 
ATOM   35   N N   . ALA A 1 8   ? -9.781  -3.725  6.118   1.00 21.59  ? 8   ALA A N   1 
ATOM   36   C CA  . ALA A 1 8   ? -8.352  -3.432  6.177   1.00 18.88  ? 8   ALA A CA  1 
ATOM   37   C C   . ALA A 1 8   ? -7.973  -2.945  4.774   1.00 17.23  ? 8   ALA A C   1 
ATOM   38   O O   . ALA A 1 8   ? -8.264  -3.626  3.794   1.00 19.44  ? 8   ALA A O   1 
ATOM   39   C CB  . ALA A 1 8   ? -7.571  -4.684  6.542   1.00 19.46  ? 8   ALA A CB  1 
ATOM   40   N N   . PHE A 1 9   ? -7.392  -1.748  4.685   1.00 16.06  ? 9   PHE A N   1 
ATOM   41   C CA  . PHE A 1 9   ? -6.994  -1.153  3.398   1.00 17.24  ? 9   PHE A CA  1 
ATOM   42   C C   . PHE A 1 9   ? -5.483  -1.079  3.249   1.00 18.19  ? 9   PHE A C   1 
ATOM   43   O O   . PHE A 1 9   ? -4.766  -0.850  4.222   1.00 19.81  ? 9   PHE A O   1 
ATOM   44   C CB  . PHE A 1 9   ? -7.475  0.308   3.284   1.00 15.03  ? 9   PHE A CB  1 
ATOM   45   C CG  . PHE A 1 9   ? -8.972  0.480   3.189   1.00 18.37  ? 9   PHE A CG  1 
ATOM   46   C CD1 . PHE A 1 9   ? -9.657  0.124   2.030   1.00 16.14  ? 9   PHE A CD1 1 
ATOM   47   C CD2 . PHE A 1 9   ? -9.679  1.039   4.243   1.00 18.08  ? 9   PHE A CD2 1 
ATOM   48   C CE1 . PHE A 1 9   ? -11.034 0.326   1.932   1.00 18.20  ? 9   PHE A CE1 1 
ATOM   49   C CE2 . PHE A 1 9   ? -11.049 1.242   4.152   1.00 17.08  ? 9   PHE A CE2 1 
ATOM   50   C CZ  . PHE A 1 9   ? -11.729 0.883   2.995   1.00 17.78  ? 9   PHE A CZ  1 
ATOM   51   N N   . ASP A 1 10  ? -5.010  -1.239  2.017   1.00 21.57  ? 10  ASP A N   1 
ATOM   52   C CA  . ASP A 1 10  ? -3.592  -1.073  1.720   1.00 18.13  ? 10  ASP A CA  1 
ATOM   53   C C   . ASP A 1 10  ? -3.528  0.438   1.477   1.00 17.14  ? 10  ASP A C   1 
ATOM   54   O O   . ASP A 1 10  ? -4.537  1.049   1.113   1.00 18.82  ? 10  ASP A O   1 
ATOM   55   C CB  . ASP A 1 10  ? -3.207  -1.836  0.446   1.00 21.78  ? 10  ASP A CB  1 
ATOM   56   C CG  . ASP A 1 10  ? -1.687  -1.914  0.383   1.00 26.13  ? 10  ASP A CG  1 
ATOM   57   O OD1 . ASP A 1 10  ? -1.013  -2.776  0.920   1.00 29.04  ? 10  ASP A OD1 1 
ATOM   58   O OD2 . ASP A 1 10  ? -1.225  -0.901  -0.353  1.00 29.01  ? 10  ASP A OD2 1 
ATOM   59   N N   . LEU A 1 11  ? -2.376  1.057   1.679   1.00 15.40  ? 11  LEU A N   1 
ATOM   60   C CA  . LEU A 1 11  ? -2.267  2.497   1.491   1.00 16.63  ? 11  LEU A CA  1 
ATOM   61   C C   . LEU A 1 11  ? -1.897  2.963   0.077   1.00 21.48  ? 11  LEU A C   1 
ATOM   62   O O   . LEU A 1 11  ? -2.752  3.469   -0.660  1.00 20.53  ? 11  LEU A O   1 
ATOM   63   C CB  . LEU A 1 11  ? -1.275  3.071   2.496   1.00 13.98  ? 11  LEU A CB  1 
ATOM   64   C CG  . LEU A 1 11  ? -1.176  4.588   2.530   1.00 19.72  ? 11  LEU A CG  1 
ATOM   65   C CD1 . LEU A 1 11  ? -2.457  5.169   3.111   1.00 26.56  ? 11  LEU A CD1 1 
ATOM   66   C CD2 . LEU A 1 11  ? 0.007   4.990   3.367   1.00 22.16  ? 11  LEU A CD2 1 
ATOM   67   N N   . TYR A 1 12  ? -0.630  2.787   -0.290  1.00 22.96  ? 12  TYR A N   1 
ATOM   68   C CA  . TYR A 1 12  ? -0.098  3.212   -1.587  1.00 24.28  ? 12  TYR A CA  1 
ATOM   69   C C   . TYR A 1 12  ? -0.649  2.436   -2.777  1.00 24.67  ? 12  TYR A C   1 
ATOM   70   O O   . TYR A 1 12  ? -0.350  1.256   -2.950  1.00 28.01  ? 12  TYR A O   1 
ATOM   71   C CB  . TYR A 1 12  ? 1.431   3.107   -1.590  1.00 26.95  ? 12  TYR A CB  1 
ATOM   72   C CG  . TYR A 1 12  ? 2.121   3.876   -0.484  1.00 28.63  ? 12  TYR A CG  1 
ATOM   73   C CD1 . TYR A 1 12  ? 1.950   5.253   -0.352  1.00 32.09  ? 12  TYR A CD1 1 
ATOM   74   C CD2 . TYR A 1 12  ? 2.950   3.225   0.432   1.00 33.58  ? 12  TYR A CD2 1 
ATOM   75   C CE1 . TYR A 1 12  ? 2.582   5.965   0.665   1.00 32.38  ? 12  TYR A CE1 1 
ATOM   76   C CE2 . TYR A 1 12  ? 3.588   3.925   1.455   1.00 34.62  ? 12  TYR A CE2 1 
ATOM   77   C CZ  . TYR A 1 12  ? 3.400   5.295   1.564   1.00 39.51  ? 12  TYR A CZ  1 
ATOM   78   O OH  . TYR A 1 12  ? 4.015   5.992   2.586   1.00 48.61  ? 12  TYR A OH  1 
ATOM   79   N N   . GLY A 1 13  ? -1.399  3.127   -3.630  1.00 25.43  ? 13  GLY A N   1 
ATOM   80   C CA  . GLY A 1 13  ? -1.976  2.490   -4.801  1.00 22.52  ? 13  GLY A CA  1 
ATOM   81   C C   . GLY A 1 13  ? -3.419  2.048   -4.642  1.00 23.68  ? 13  GLY A C   1 
ATOM   82   O O   . GLY A 1 13  ? -4.110  1.790   -5.628  1.00 22.26  ? 13  GLY A O   1 
ATOM   83   N N   . THR A 1 14  ? -3.896  1.983   -3.406  1.00 25.74  ? 14  THR A N   1 
ATOM   84   C CA  . THR A 1 14  ? -5.266  1.566   -3.147  1.00 22.92  ? 14  THR A CA  1 
ATOM   85   C C   . THR A 1 14  ? -6.135  2.771   -2.791  1.00 22.51  ? 14  THR A C   1 
ATOM   86   O O   . THR A 1 14  ? -7.199  2.981   -3.373  1.00 23.14  ? 14  THR A O   1 
ATOM   87   C CB  . THR A 1 14  ? -5.310  0.524   -2.012  1.00 24.77  ? 14  THR A CB  1 
ATOM   88   O OG1 . THR A 1 14  ? -4.522  -0.614  -2.391  1.00 24.38  ? 14  THR A OG1 1 
ATOM   89   C CG2 . THR A 1 14  ? -6.737  0.077   -1.738  1.00 19.38  ? 14  THR A CG2 1 
ATOM   90   N N   . LEU A 1 15  ? -5.679  3.552   -1.819  1.00 21.13  ? 15  LEU A N   1 
ATOM   91   C CA  . LEU A 1 15  ? -6.405  4.733   -1.382  1.00 20.62  ? 15  LEU A CA  1 
ATOM   92   C C   . LEU A 1 15  ? -5.706  5.981   -1.899  1.00 20.74  ? 15  LEU A C   1 
ATOM   93   O O   . LEU A 1 15  ? -6.361  6.964   -2.251  1.00 21.31  ? 15  LEU A O   1 
ATOM   94   C CB  . LEU A 1 15  ? -6.473  4.783   0.148   1.00 20.55  ? 15  LEU A CB  1 
ATOM   95   C CG  . LEU A 1 15  ? -7.134  3.605   0.867   1.00 18.56  ? 15  LEU A CG  1 
ATOM   96   C CD1 . LEU A 1 15  ? -6.961  3.751   2.372   1.00 20.84  ? 15  LEU A CD1 1 
ATOM   97   C CD2 . LEU A 1 15  ? -8.592  3.529   0.491   1.00 16.82  ? 15  LEU A CD2 1 
ATOM   98   N N   . PHE A 1 16  ? -4.376  5.928   -1.946  1.00 18.68  ? 16  PHE A N   1 
ATOM   99   C CA  . PHE A 1 16  ? -3.565  7.049   -2.410  1.00 20.82  ? 16  PHE A CA  1 
ATOM   100  C C   . PHE A 1 16  ? -2.831  6.793   -3.722  1.00 23.80  ? 16  PHE A C   1 
ATOM   101  O O   . PHE A 1 16  ? -2.198  5.754   -3.904  1.00 22.77  ? 16  PHE A O   1 
ATOM   102  C CB  . PHE A 1 16  ? -2.572  7.462   -1.325  1.00 19.91  ? 16  PHE A CB  1 
ATOM   103  C CG  . PHE A 1 16  ? -3.222  8.112   -0.138  1.00 26.57  ? 16  PHE A CG  1 
ATOM   104  C CD1 . PHE A 1 16  ? -3.777  7.341   0.878   1.00 27.19  ? 16  PHE A CD1 1 
ATOM   105  C CD2 . PHE A 1 16  ? -3.309  9.501   -0.049  1.00 24.23  ? 16  PHE A CD2 1 
ATOM   106  C CE1 . PHE A 1 16  ? -4.427  7.944   1.959   1.00 30.16  ? 16  PHE A CE1 1 
ATOM   107  C CE2 . PHE A 1 16  ? -3.954  10.111  1.025   1.00 27.28  ? 16  PHE A CE2 1 
ATOM   108  C CZ  . PHE A 1 16  ? -4.511  9.332   2.033   1.00 27.21  ? 16  PHE A CZ  1 
ATOM   109  N N   . ASP A 1 17  ? -2.918  7.768   -4.623  1.00 26.92  ? 17  ASP A N   1 
ATOM   110  C CA  . ASP A 1 17  ? -2.294  7.707   -5.944  1.00 28.98  ? 17  ASP A CA  1 
ATOM   111  C C   . ASP A 1 17  ? -0.796  8.029   -5.880  1.00 29.18  ? 17  ASP A C   1 
ATOM   112  O O   . ASP A 1 17  ? -0.400  9.125   -5.488  1.00 31.03  ? 17  ASP A O   1 
ATOM   113  C CB  . ASP A 1 17  ? -3.008  8.701   -6.873  1.00 31.93  ? 17  ASP A CB  1 
ATOM   114  C CG  . ASP A 1 17  ? -2.768  8.422   -8.353  1.00 37.75  ? 17  ASP A CG  1 
ATOM   115  O OD1 . ASP A 1 17  ? -1.938  7.558   -8.704  1.00 35.99  ? 17  ASP A OD1 1 
ATOM   116  O OD2 . ASP A 1 17  ? -3.435  9.079   -9.179  1.00 41.70  ? 17  ASP A OD2 1 
ATOM   117  N N   . VAL A 1 18  ? 0.028   7.083   -6.319  1.00 31.12  ? 18  VAL A N   1 
ATOM   118  C CA  . VAL A 1 18  ? 1.477   7.252   -6.310  1.00 33.59  ? 18  VAL A CA  1 
ATOM   119  C C   . VAL A 1 18  ? 2.011   7.895   -7.599  1.00 36.77  ? 18  VAL A C   1 
ATOM   120  O O   . VAL A 1 18  ? 3.199   8.201   -7.710  1.00 35.43  ? 18  VAL A O   1 
ATOM   121  C CB  . VAL A 1 18  ? 2.181   5.897   -6.070  1.00 31.45  ? 18  VAL A CB  1 
ATOM   122  C CG1 . VAL A 1 18  ? 1.673   5.274   -4.786  1.00 30.22  ? 18  VAL A CG1 1 
ATOM   123  C CG2 . VAL A 1 18  ? 1.944   4.952   -7.238  1.00 31.38  ? 18  VAL A CG2 1 
ATOM   124  N N   . HIS A 1 19  ? 1.120   8.127   -8.556  1.00 40.96  ? 19  HIS A N   1 
ATOM   125  C CA  . HIS A 1 19  ? 1.505   8.728   -9.829  1.00 47.06  ? 19  HIS A CA  1 
ATOM   126  C C   . HIS A 1 19  ? 2.240   10.063  -9.666  1.00 45.83  ? 19  HIS A C   1 
ATOM   127  O O   . HIS A 1 19  ? 3.019   10.456  -10.538 1.00 45.27  ? 19  HIS A O   1 
ATOM   128  C CB  . HIS A 1 19  ? 0.273   8.913   -10.728 1.00 56.73  ? 19  HIS A CB  1 
ATOM   129  C CG  . HIS A 1 19  ? 0.565   9.636   -12.002 1.00 68.09  ? 19  HIS A CG  1 
ATOM   130  N ND1 . HIS A 1 19  ? 0.326   10.982  -12.168 1.00 73.95  ? 19  HIS A ND1 1 
ATOM   131  C CD2 . HIS A 1 19  ? 1.126   9.209   -13.165 1.00 72.82  ? 19  HIS A CD2 1 
ATOM   132  C CE1 . HIS A 1 19  ? 0.733   11.362  -13.368 1.00 76.64  ? 19  HIS A CE1 1 
ATOM   133  N NE2 . HIS A 1 19  ? 1.222   10.300  -13.989 1.00 76.57  ? 19  HIS A NE2 1 
ATOM   134  N N   . SER A 1 20  ? 1.997   10.752  -8.554  1.00 42.97  ? 20  SER A N   1 
ATOM   135  C CA  . SER A 1 20  ? 2.643   12.037  -8.295  1.00 40.26  ? 20  SER A CA  1 
ATOM   136  C C   . SER A 1 20  ? 4.160   11.926  -8.158  1.00 38.23  ? 20  SER A C   1 
ATOM   137  O O   . SER A 1 20  ? 4.887   12.888  -8.429  1.00 38.62  ? 20  SER A O   1 
ATOM   138  C CB  . SER A 1 20  ? 2.043   12.707  -7.053  1.00 39.73  ? 20  SER A CB  1 
ATOM   139  O OG  . SER A 1 20  ? 1.919   11.797  -5.973  1.00 42.63  ? 20  SER A OG  1 
ATOM   140  N N   . VAL A 1 21  ? 4.640   10.745  -7.781  1.00 34.26  ? 21  VAL A N   1 
ATOM   141  C CA  . VAL A 1 21  ? 6.074   10.535  -7.623  1.00 30.65  ? 21  VAL A CA  1 
ATOM   142  C C   . VAL A 1 21  ? 6.769   10.615  -8.981  1.00 26.67  ? 21  VAL A C   1 
ATOM   143  O O   . VAL A 1 21  ? 7.891   11.113  -9.077  1.00 26.15  ? 21  VAL A O   1 
ATOM   144  C CB  . VAL A 1 21  ? 6.384   9.191   -6.933  1.00 31.75  ? 21  VAL A CB  1 
ATOM   145  C CG1 . VAL A 1 21  ? 7.887   9.006   -6.790  1.00 32.47  ? 21  VAL A CG1 1 
ATOM   146  C CG2 . VAL A 1 21  ? 5.719   9.147   -5.566  1.00 30.77  ? 21  VAL A CG2 1 
ATOM   147  N N   . VAL A 1 22  ? 6.077   10.172  -10.029 1.00 25.75  ? 22  VAL A N   1 
ATOM   148  C CA  . VAL A 1 22  ? 6.615   10.211  -11.389 1.00 25.60  ? 22  VAL A CA  1 
ATOM   149  C C   . VAL A 1 22  ? 7.059   11.636  -11.702 1.00 28.40  ? 22  VAL A C   1 
ATOM   150  O O   . VAL A 1 22  ? 8.194   11.877  -12.126 1.00 27.44  ? 22  VAL A O   1 
ATOM   151  C CB  . VAL A 1 22  ? 5.548   9.795   -12.424 1.00 24.27  ? 22  VAL A CB  1 
ATOM   152  C CG1 . VAL A 1 22  ? 6.105   9.907   -13.834 1.00 26.80  ? 22  VAL A CG1 1 
ATOM   153  C CG2 . VAL A 1 22  ? 5.078   8.378   -12.153 1.00 27.23  ? 22  VAL A CG2 1 
ATOM   154  N N   . GLY A 1 23  ? 6.167   12.581  -11.416 1.00 28.42  ? 23  GLY A N   1 
ATOM   155  C CA  . GLY A 1 23  ? 6.441   13.982  -11.665 1.00 24.26  ? 23  GLY A CA  1 
ATOM   156  C C   . GLY A 1 23  ? 7.622   14.516  -10.893 1.00 25.34  ? 23  GLY A C   1 
ATOM   157  O O   . GLY A 1 23  ? 8.473   15.200  -11.464 1.00 26.41  ? 23  GLY A O   1 
ATOM   158  N N   . ARG A 1 24  ? 7.700   14.200  -9.605  1.00 25.98  ? 24  ARG A N   1 
ATOM   159  C CA  . ARG A 1 24  ? 8.806   14.681  -8.785  1.00 29.03  ? 24  ARG A CA  1 
ATOM   160  C C   . ARG A 1 24  ? 10.114  14.058  -9.270  1.00 26.68  ? 24  ARG A C   1 
ATOM   161  O O   . ARG A 1 24  ? 11.188  14.643  -9.113  1.00 28.26  ? 24  ARG A O   1 
ATOM   162  C CB  . ARG A 1 24  ? 8.541   14.379  -7.307  1.00 37.85  ? 24  ARG A CB  1 
ATOM   163  C CG  . ARG A 1 24  ? 9.292   15.279  -6.317  1.00 51.26  ? 24  ARG A CG  1 
ATOM   164  C CD  . ARG A 1 24  ? 8.620   15.226  -4.935  1.00 59.62  ? 24  ARG A CD  1 
ATOM   165  N NE  . ARG A 1 24  ? 9.415   15.826  -3.860  1.00 65.85  ? 24  ARG A NE  1 
ATOM   166  C CZ  . ARG A 1 24  ? 9.006   15.948  -2.596  1.00 68.52  ? 24  ARG A CZ  1 
ATOM   167  N NH1 . ARG A 1 24  ? 7.801   15.525  -2.235  1.00 71.77  ? 24  ARG A NH1 1 
ATOM   168  N NH2 . ARG A 1 24  ? 9.818   16.455  -1.676  1.00 67.69  ? 24  ARG A NH2 1 
ATOM   169  N N   . CYS A 1 25  ? 10.012  12.885  -9.890  1.00 26.60  ? 25  CYS A N   1 
ATOM   170  C CA  . CYS A 1 25  ? 11.172  12.188  -10.440 1.00 26.36  ? 25  CYS A CA  1 
ATOM   171  C C   . CYS A 1 25  ? 11.629  12.866  -11.722 1.00 26.52  ? 25  CYS A C   1 
ATOM   172  O O   . CYS A 1 25  ? 12.827  12.993  -11.979 1.00 26.35  ? 25  CYS A O   1 
ATOM   173  C CB  . CYS A 1 25  ? 10.826  10.732  -10.753 1.00 25.52  ? 25  CYS A CB  1 
ATOM   174  S SG  . CYS A 1 25  ? 10.820  9.667   -9.319  1.00 28.36  ? 25  CYS A SG  1 
ATOM   175  N N   . ASP A 1 26  ? 10.671  13.289  -12.537 1.00 28.91  ? 26  ASP A N   1 
ATOM   176  C CA  . ASP A 1 26  ? 10.983  13.948  -13.795 1.00 29.27  ? 26  ASP A CA  1 
ATOM   177  C C   . ASP A 1 26  ? 11.563  15.334  -13.582 1.00 28.04  ? 26  ASP A C   1 
ATOM   178  O O   . ASP A 1 26  ? 12.272  15.856  -14.438 1.00 28.58  ? 26  ASP A O   1 
ATOM   179  C CB  . ASP A 1 26  ? 9.746   14.039  -14.672 1.00 32.63  ? 26  ASP A CB  1 
ATOM   180  C CG  . ASP A 1 26  ? 10.097  14.143  -16.135 1.00 37.04  ? 26  ASP A CG  1 
ATOM   181  O OD1 . ASP A 1 26  ? 10.299  15.274  -16.621 1.00 45.68  ? 26  ASP A OD1 1 
ATOM   182  O OD2 . ASP A 1 26  ? 10.199  13.088  -16.796 1.00 42.46  ? 26  ASP A OD2 1 
ATOM   183  N N   . GLU A 1 27  ? 11.225  15.942  -12.456 1.00 27.23  ? 27  GLU A N   1 
ATOM   184  C CA  . GLU A 1 27  ? 11.737  17.264  -12.140 1.00 30.61  ? 27  GLU A CA  1 
ATOM   185  C C   . GLU A 1 27  ? 13.198  17.162  -11.741 1.00 30.12  ? 27  GLU A C   1 
ATOM   186  O O   . GLU A 1 27  ? 13.989  18.063  -12.010 1.00 29.05  ? 27  GLU A O   1 
ATOM   187  C CB  . GLU A 1 27  ? 10.935  17.871  -10.998 1.00 33.26  ? 27  GLU A CB  1 
ATOM   188  C CG  . GLU A 1 27  ? 9.497   18.156  -11.364 1.00 40.92  ? 27  GLU A CG  1 
ATOM   189  C CD  . GLU A 1 27  ? 8.691   18.674  -10.194 1.00 46.54  ? 27  GLU A CD  1 
ATOM   190  O OE1 . GLU A 1 27  ? 9.274   18.877  -9.104  1.00 45.35  ? 27  GLU A OE1 1 
ATOM   191  O OE2 . GLU A 1 27  ? 7.469   18.878  -10.364 1.00 54.03  ? 27  GLU A OE2 1 
ATOM   192  N N   . ALA A 1 28  ? 13.533  16.062  -11.070 1.00 30.71  ? 28  ALA A N   1 
ATOM   193  C CA  . ALA A 1 28  ? 14.892  15.796  -10.611 1.00 27.68  ? 28  ALA A CA  1 
ATOM   194  C C   . ALA A 1 28  ? 15.767  15.362  -11.785 1.00 24.83  ? 28  ALA A C   1 
ATOM   195  O O   . ALA A 1 28  ? 16.919  15.767  -11.887 1.00 28.10  ? 28  ALA A O   1 
ATOM   196  C CB  . ALA A 1 28  ? 14.877  14.718  -9.527  1.00 25.25  ? 28  ALA A CB  1 
ATOM   197  N N   . PHE A 1 29  ? 15.204  14.531  -12.655 1.00 25.35  ? 29  PHE A N   1 
ATOM   198  C CA  . PHE A 1 29  ? 15.897  14.029  -13.837 1.00 27.62  ? 29  PHE A CA  1 
ATOM   199  C C   . PHE A 1 29  ? 14.923  14.187  -15.014 1.00 29.43  ? 29  PHE A C   1 
ATOM   200  O O   . PHE A 1 29  ? 14.186  13.252  -15.353 1.00 29.92  ? 29  PHE A O   1 
ATOM   201  C CB  . PHE A 1 29  ? 16.283  12.549  -13.640 1.00 28.92  ? 29  PHE A CB  1 
ATOM   202  C CG  . PHE A 1 29  ? 17.184  12.298  -12.443 1.00 33.14  ? 29  PHE A CG  1 
ATOM   203  C CD1 . PHE A 1 29  ? 18.550  12.587  -12.504 1.00 30.55  ? 29  PHE A CD1 1 
ATOM   204  C CD2 . PHE A 1 29  ? 16.661  11.808  -11.249 1.00 31.91  ? 29  PHE A CD2 1 
ATOM   205  C CE1 . PHE A 1 29  ? 19.381  12.378  -11.388 1.00 29.68  ? 29  PHE A CE1 1 
ATOM   206  C CE2 . PHE A 1 29  ? 17.485  11.596  -10.132 1.00 30.69  ? 29  PHE A CE2 1 
ATOM   207  C CZ  . PHE A 1 29  ? 18.843  11.887  -10.201 1.00 29.22  ? 29  PHE A CZ  1 
ATOM   208  N N   . PRO A 1 30  ? 14.888  15.385  -15.634 1.00 29.62  ? 30  PRO A N   1 
ATOM   209  C CA  . PRO A 1 30  ? 14.005  15.691  -16.764 1.00 30.60  ? 30  PRO A CA  1 
ATOM   210  C C   . PRO A 1 30  ? 14.028  14.657  -17.875 1.00 33.88  ? 30  PRO A C   1 
ATOM   211  O O   . PRO A 1 30  ? 15.089  14.316  -18.407 1.00 37.42  ? 30  PRO A O   1 
ATOM   212  C CB  . PRO A 1 30  ? 14.517  17.053  -17.231 1.00 30.34  ? 30  PRO A CB  1 
ATOM   213  C CG  . PRO A 1 30  ? 14.965  17.686  -15.960 1.00 26.61  ? 30  PRO A CG  1 
ATOM   214  C CD  . PRO A 1 30  ? 15.730  16.553  -15.312 1.00 29.31  ? 30  PRO A CD  1 
ATOM   215  N N   . GLY A 1 31  ? 12.846  14.139  -18.195 1.00 36.64  ? 31  GLY A N   1 
ATOM   216  C CA  . GLY A 1 31  ? 12.710  13.135  -19.232 1.00 37.58  ? 31  GLY A CA  1 
ATOM   217  C C   . GLY A 1 31  ? 12.869  11.707  -18.736 1.00 40.21  ? 31  GLY A C   1 
ATOM   218  O O   . GLY A 1 31  ? 12.426  10.773  -19.404 1.00 41.74  ? 31  GLY A O   1 
ATOM   219  N N   . ARG A 1 32  ? 13.457  11.532  -17.555 1.00 41.30  ? 32  ARG A N   1 
ATOM   220  C CA  . ARG A 1 32  ? 13.688  10.200  -16.984 1.00 42.89  ? 32  ARG A CA  1 
ATOM   221  C C   . ARG A 1 32  ? 12.604  9.709   -16.014 1.00 39.95  ? 32  ARG A C   1 
ATOM   222  O O   . ARG A 1 32  ? 12.507  8.511   -15.738 1.00 37.27  ? 32  ARG A O   1 
ATOM   223  C CB  . ARG A 1 32  ? 15.041  10.169  -16.272 1.00 46.13  ? 32  ARG A CB  1 
ATOM   224  C CG  . ARG A 1 32  ? 16.247  10.482  -17.150 1.00 50.21  ? 32  ARG A CG  1 
ATOM   225  C CD  . ARG A 1 32  ? 16.614  9.311   -18.043 1.00 51.85  ? 32  ARG A CD  1 
ATOM   226  N NE  . ARG A 1 32  ? 18.064  9.131   -18.088 1.00 55.76  ? 32  ARG A NE  1 
ATOM   227  C CZ  . ARG A 1 32  ? 18.676  7.950   -18.126 1.00 56.84  ? 32  ARG A CZ  1 
ATOM   228  N NH1 . ARG A 1 32  ? 17.969  6.828   -18.131 1.00 57.01  ? 32  ARG A NH1 1 
ATOM   229  N NH2 . ARG A 1 32  ? 20.000  7.892   -18.121 1.00 59.76  ? 32  ARG A NH2 1 
ATOM   230  N N   . GLY A 1 33  ? 11.799  10.642  -15.511 1.00 37.24  ? 33  GLY A N   1 
ATOM   231  C CA  . GLY A 1 33  ? 10.736  10.349  -14.559 1.00 32.04  ? 33  GLY A CA  1 
ATOM   232  C C   . GLY A 1 33  ? 10.060  8.993   -14.582 1.00 32.24  ? 33  GLY A C   1 
ATOM   233  O O   . GLY A 1 33  ? 10.216  8.210   -13.645 1.00 29.83  ? 33  GLY A O   1 
ATOM   234  N N   . ARG A 1 34  ? 9.295   8.719   -15.633 1.00 34.71  ? 34  ARG A N   1 
ATOM   235  C CA  . ARG A 1 34  ? 8.576   7.451   -15.754 1.00 40.11  ? 34  ARG A CA  1 
ATOM   236  C C   . ARG A 1 34  ? 9.497   6.242   -15.622 1.00 39.94  ? 34  ARG A C   1 
ATOM   237  O O   . ARG A 1 34  ? 9.166   5.275   -14.936 1.00 42.44  ? 34  ARG A O   1 
ATOM   238  C CB  . ARG A 1 34  ? 7.812   7.374   -17.078 1.00 48.00  ? 34  ARG A CB  1 
ATOM   239  C CG  . ARG A 1 34  ? 6.819   8.513   -17.306 1.00 61.70  ? 34  ARG A CG  1 
ATOM   240  C CD  . ARG A 1 34  ? 5.617   8.066   -18.144 1.00 72.64  ? 34  ARG A CD  1 
ATOM   241  N NE  . ARG A 1 34  ? 5.974   7.168   -19.247 1.00 83.54  ? 34  ARG A NE  1 
ATOM   242  C CZ  . ARG A 1 34  ? 5.099   6.656   -20.113 1.00 87.98  ? 34  ARG A CZ  1 
ATOM   243  N NH1 . ARG A 1 34  ? 3.804   6.939   -20.003 1.00 93.79  ? 34  ARG A NH1 1 
ATOM   244  N NH2 . ARG A 1 34  ? 5.506   5.822   -21.062 1.00 86.13  ? 34  ARG A NH2 1 
ATOM   245  N N   . GLU A 1 35  ? 10.655  6.322   -16.266 1.00 35.78  ? 35  GLU A N   1 
ATOM   246  C CA  . GLU A 1 35  ? 11.650  5.258   -16.247 1.00 33.47  ? 35  GLU A CA  1 
ATOM   247  C C   . GLU A 1 35  ? 12.158  4.982   -14.834 1.00 28.17  ? 35  GLU A C   1 
ATOM   248  O O   . GLU A 1 35  ? 12.209  3.834   -14.387 1.00 25.86  ? 35  GLU A O   1 
ATOM   249  C CB  . GLU A 1 35  ? 12.816  5.649   -17.159 1.00 37.14  ? 35  GLU A CB  1 
ATOM   250  C CG  . GLU A 1 35  ? 13.959  4.649   -17.197 1.00 42.06  ? 35  GLU A CG  1 
ATOM   251  C CD  . GLU A 1 35  ? 14.940  4.931   -18.322 1.00 47.43  ? 35  GLU A CD  1 
ATOM   252  O OE1 . GLU A 1 35  ? 15.266  6.114   -18.558 1.00 49.52  ? 35  GLU A OE1 1 
ATOM   253  O OE2 . GLU A 1 35  ? 15.378  3.960   -18.978 1.00 48.05  ? 35  GLU A OE2 1 
ATOM   254  N N   . ILE A 1 36  ? 12.515  6.048   -14.137 1.00 23.90  ? 36  ILE A N   1 
ATOM   255  C CA  . ILE A 1 36  ? 13.025  5.953   -12.784 1.00 25.50  ? 36  ILE A CA  1 
ATOM   256  C C   . ILE A 1 36  ? 11.987  5.392   -11.821 1.00 27.73  ? 36  ILE A C   1 
ATOM   257  O O   . ILE A 1 36  ? 12.288  4.518   -11.005 1.00 27.39  ? 36  ILE A O   1 
ATOM   258  C CB  . ILE A 1 36  ? 13.484  7.334   -12.288 1.00 23.76  ? 36  ILE A CB  1 
ATOM   259  C CG1 . ILE A 1 36  ? 14.652  7.823   -13.146 1.00 26.91  ? 36  ILE A CG1 1 
ATOM   260  C CG2 . ILE A 1 36  ? 13.845  7.282   -10.804 1.00 24.01  ? 36  ILE A CG2 1 
ATOM   261  C CD1 . ILE A 1 36  ? 15.160  9.195   -12.776 1.00 32.27  ? 36  ILE A CD1 1 
ATOM   262  N N   . SER A 1 37  ? 10.761  5.880   -11.930 1.00 26.42  ? 37  SER A N   1 
ATOM   263  C CA  . SER A 1 37  ? 9.698   5.440   -11.045 1.00 25.48  ? 37  SER A CA  1 
ATOM   264  C C   . SER A 1 37  ? 9.311   3.992   -11.221 1.00 22.80  ? 37  SER A C   1 
ATOM   265  O O   . SER A 1 37  ? 9.068   3.289   -10.241 1.00 23.50  ? 37  SER A O   1 
ATOM   266  C CB  . SER A 1 37  ? 8.480   6.339   -11.204 1.00 27.90  ? 37  SER A CB  1 
ATOM   267  O OG  . SER A 1 37  ? 8.826   7.667   -10.860 1.00 37.80  ? 37  SER A OG  1 
ATOM   268  N N   . ALA A 1 38  ? 9.254   3.543   -12.467 1.00 22.96  ? 38  ALA A N   1 
ATOM   269  C CA  . ALA A 1 38  ? 8.885   2.167   -12.759 1.00 23.43  ? 38  ALA A CA  1 
ATOM   270  C C   . ALA A 1 38  ? 9.861   1.189   -12.115 1.00 23.41  ? 38  ALA A C   1 
ATOM   271  O O   . ALA A 1 38  ? 9.459   0.198   -11.506 1.00 23.53  ? 38  ALA A O   1 
ATOM   272  C CB  . ALA A 1 38  ? 8.834   1.947   -14.257 1.00 24.84  ? 38  ALA A CB  1 
ATOM   273  N N   . LEU A 1 39  ? 11.145  1.478   -12.258 1.00 22.28  ? 39  LEU A N   1 
ATOM   274  C CA  . LEU A 1 39  ? 12.179  0.634   -11.702 1.00 23.92  ? 39  LEU A CA  1 
ATOM   275  C C   . LEU A 1 39  ? 12.235  0.746   -10.187 1.00 24.36  ? 39  LEU A C   1 
ATOM   276  O O   . LEU A 1 39  ? 12.375  -0.263  -9.500  1.00 24.72  ? 39  LEU A O   1 
ATOM   277  C CB  . LEU A 1 39  ? 13.534  0.990   -12.307 1.00 21.93  ? 39  LEU A CB  1 
ATOM   278  C CG  . LEU A 1 39  ? 14.686  0.096   -11.860 1.00 24.46  ? 39  LEU A CG  1 
ATOM   279  C CD1 . LEU A 1 39  ? 14.355  -1.361  -12.157 1.00 22.29  ? 39  LEU A CD1 1 
ATOM   280  C CD2 . LEU A 1 39  ? 15.965  0.521   -12.555 1.00 23.03  ? 39  LEU A CD2 1 
ATOM   281  N N   . TRP A 1 40  ? 12.114  1.968   -9.677  1.00 22.44  ? 40  TRP A N   1 
ATOM   282  C CA  . TRP A 1 40  ? 12.151  2.227   -8.238  1.00 22.04  ? 40  TRP A CA  1 
ATOM   283  C C   . TRP A 1 40  ? 11.062  1.432   -7.508  1.00 21.80  ? 40  TRP A C   1 
ATOM   284  O O   . TRP A 1 40  ? 11.323  0.785   -6.495  1.00 21.23  ? 40  TRP A O   1 
ATOM   285  C CB  . TRP A 1 40  ? 11.985  3.729   -7.986  1.00 21.73  ? 40  TRP A CB  1 
ATOM   286  C CG  . TRP A 1 40  ? 12.127  4.178   -6.557  1.00 19.06  ? 40  TRP A CG  1 
ATOM   287  C CD1 . TRP A 1 40  ? 12.600  3.448   -5.505  1.00 18.30  ? 40  TRP A CD1 1 
ATOM   288  C CD2 . TRP A 1 40  ? 11.818  5.476   -6.039  1.00 19.38  ? 40  TRP A CD2 1 
ATOM   289  N NE1 . TRP A 1 40  ? 12.611  4.213   -4.367  1.00 17.58  ? 40  TRP A NE1 1 
ATOM   290  C CE2 . TRP A 1 40  ? 12.133  5.468   -4.667  1.00 20.39  ? 40  TRP A CE2 1 
ATOM   291  C CE3 . TRP A 1 40  ? 11.306  6.656   -6.608  1.00 18.21  ? 40  TRP A CE3 1 
ATOM   292  C CZ2 . TRP A 1 40  ? 11.960  6.588   -3.846  1.00 20.76  ? 40  TRP A CZ2 1 
ATOM   293  C CZ3 . TRP A 1 40  ? 11.133  7.772   -5.794  1.00 15.49  ? 40  TRP A CZ3 1 
ATOM   294  C CH2 . TRP A 1 40  ? 11.461  7.730   -4.429  1.00 17.64  ? 40  TRP A CH2 1 
ATOM   295  N N   . ARG A 1 41  ? 9.849   1.477   -8.045  1.00 22.73  ? 41  ARG A N   1 
ATOM   296  C CA  . ARG A 1 41  ? 8.695   0.782   -7.488  1.00 27.06  ? 41  ARG A CA  1 
ATOM   297  C C   . ARG A 1 41  ? 8.930   -0.723  -7.493  1.00 23.02  ? 41  ARG A C   1 
ATOM   298  O O   . ARG A 1 41  ? 8.625   -1.402  -6.520  1.00 21.48  ? 41  ARG A O   1 
ATOM   299  C CB  . ARG A 1 41  ? 7.451   1.091   -8.331  1.00 36.38  ? 41  ARG A CB  1 
ATOM   300  C CG  . ARG A 1 41  ? 6.136   1.268   -7.549  1.00 59.23  ? 41  ARG A CG  1 
ATOM   301  C CD  . ARG A 1 41  ? 4.950   1.251   -8.527  1.00 73.39  ? 41  ARG A CD  1 
ATOM   302  N NE  . ARG A 1 41  ? 3.629   1.668   -7.992  1.00 87.35  ? 41  ARG A NE  1 
ATOM   303  C CZ  . ARG A 1 41  ? 3.104   1.327   -6.807  1.00 92.70  ? 41  ARG A CZ  1 
ATOM   304  N NH1 . ARG A 1 41  ? 3.770   0.583   -5.933  1.00 96.68  ? 41  ARG A NH1 1 
ATOM   305  N NH2 . ARG A 1 41  ? 1.847   1.679   -6.539  1.00 93.82  ? 41  ARG A NH2 1 
ATOM   306  N N   . GLN A 1 42  ? 9.463   -1.238  -8.593  1.00 17.40  ? 42  GLN A N   1 
ATOM   307  C CA  . GLN A 1 42  ? 9.730   -2.662  -8.722  1.00 19.39  ? 42  GLN A CA  1 
ATOM   308  C C   . GLN A 1 42  ? 10.791  -3.137  -7.720  1.00 17.65  ? 42  GLN A C   1 
ATOM   309  O O   . GLN A 1 42  ? 10.610  -4.167  -7.066  1.00 16.49  ? 42  GLN A O   1 
ATOM   310  C CB  . GLN A 1 42  ? 10.159  -2.988  -10.161 1.00 21.99  ? 42  GLN A CB  1 
ATOM   311  C CG  . GLN A 1 42  ? 10.382  -4.472  -10.445 1.00 26.09  ? 42  GLN A CG  1 
ATOM   312  C CD  . GLN A 1 42  ? 9.146   -5.324  -10.181 1.00 33.83  ? 42  GLN A CD  1 
ATOM   313  O OE1 . GLN A 1 42  ? 8.029   -4.946  -10.529 1.00 38.38  ? 42  GLN A OE1 1 
ATOM   314  N NE2 . GLN A 1 42  ? 9.345   -6.488  -9.572  1.00 34.45  ? 42  GLN A NE2 1 
ATOM   315  N N   . LYS A 1 43  ? 11.884  -2.390  -7.584  1.00 16.31  ? 43  LYS A N   1 
ATOM   316  C CA  . LYS A 1 43  ? 12.944  -2.773  -6.651  1.00 19.57  ? 43  LYS A CA  1 
ATOM   317  C C   . LYS A 1 43  ? 12.493  -2.713  -5.194  1.00 21.52  ? 43  LYS A C   1 
ATOM   318  O O   . LYS A 1 43  ? 12.984  -3.483  -4.373  1.00 19.22  ? 43  LYS A O   1 
ATOM   319  C CB  . LYS A 1 43  ? 14.210  -1.936  -6.855  1.00 18.61  ? 43  LYS A CB  1 
ATOM   320  C CG  . LYS A 1 43  ? 14.786  -2.017  -8.260  1.00 22.76  ? 43  LYS A CG  1 
ATOM   321  C CD  . LYS A 1 43  ? 14.949  -3.451  -8.740  1.00 24.56  ? 43  LYS A CD  1 
ATOM   322  C CE  . LYS A 1 43  ? 16.141  -4.130  -8.097  1.00 22.88  ? 43  LYS A CE  1 
ATOM   323  N NZ  . LYS A 1 43  ? 16.358  -5.488  -8.665  1.00 21.84  ? 43  LYS A NZ  1 
ATOM   324  N N   . GLN A 1 44  ? 11.595  -1.783  -4.866  1.00 21.62  ? 44  GLN A N   1 
ATOM   325  C CA  . GLN A 1 44  ? 11.057  -1.678  -3.503  1.00 19.94  ? 44  GLN A CA  1 
ATOM   326  C C   . GLN A 1 44  ? 10.364  -3.003  -3.193  1.00 16.57  ? 44  GLN A C   1 
ATOM   327  O O   . GLN A 1 44  ? 10.568  -3.597  -2.132  1.00 20.12  ? 44  GLN A O   1 
ATOM   328  C CB  . GLN A 1 44  ? 9.992   -0.586  -3.407  1.00 20.36  ? 44  GLN A CB  1 
ATOM   329  C CG  . GLN A 1 44  ? 10.470  0.833   -3.426  1.00 28.79  ? 44  GLN A CG  1 
ATOM   330  C CD  . GLN A 1 44  ? 9.339   1.791   -3.104  1.00 33.15  ? 44  GLN A CD  1 
ATOM   331  O OE1 . GLN A 1 44  ? 9.448   2.607   -2.195  1.00 40.97  ? 44  GLN A OE1 1 
ATOM   332  N NE2 . GLN A 1 44  ? 8.226   1.660   -3.818  1.00 33.46  ? 44  GLN A NE2 1 
ATOM   333  N N   . LEU A 1 45  ? 9.526   -3.441  -4.127  1.00 13.65  ? 45  LEU A N   1 
ATOM   334  C CA  . LEU A 1 45  ? 8.786   -4.688  -3.999  1.00 16.60  ? 45  LEU A CA  1 
ATOM   335  C C   . LEU A 1 45  ? 9.725   -5.862  -3.809  1.00 18.16  ? 45  LEU A C   1 
ATOM   336  O O   . LEU A 1 45  ? 9.651   -6.568  -2.806  1.00 17.73  ? 45  LEU A O   1 
ATOM   337  C CB  . LEU A 1 45  ? 7.946   -4.948  -5.245  1.00 20.80  ? 45  LEU A CB  1 
ATOM   338  C CG  . LEU A 1 45  ? 6.585   -4.282  -5.392  1.00 27.25  ? 45  LEU A CG  1 
ATOM   339  C CD1 . LEU A 1 45  ? 6.027   -4.632  -6.758  1.00 27.21  ? 45  LEU A CD1 1 
ATOM   340  C CD2 . LEU A 1 45  ? 5.652   -4.763  -4.294  1.00 24.91  ? 45  LEU A CD2 1 
ATOM   341  N N   . GLU A 1 46  ? 10.604  -6.072  -4.784  1.00 17.00  ? 46  GLU A N   1 
ATOM   342  C CA  . GLU A 1 46  ? 11.551  -7.177  -4.728  1.00 14.56  ? 46  GLU A CA  1 
ATOM   343  C C   . GLU A 1 46  ? 12.354  -7.208  -3.438  1.00 13.36  ? 46  GLU A C   1 
ATOM   344  O O   . GLU A 1 46  ? 12.525  -8.267  -2.842  1.00 15.73  ? 46  GLU A O   1 
ATOM   345  C CB  . GLU A 1 46  ? 12.495  -7.128  -5.928  1.00 12.78  ? 46  GLU A CB  1 
ATOM   346  C CG  . GLU A 1 46  ? 11.807  -7.366  -7.257  1.00 16.76  ? 46  GLU A CG  1 
ATOM   347  C CD  . GLU A 1 46  ? 12.761  -7.281  -8.446  1.00 20.38  ? 46  GLU A CD  1 
ATOM   348  O OE1 . GLU A 1 46  ? 13.973  -7.056  -8.243  1.00 21.40  ? 46  GLU A OE1 1 
ATOM   349  O OE2 . GLU A 1 46  ? 12.291  -7.441  -9.591  1.00 26.98  ? 46  GLU A OE2 1 
ATOM   350  N N   . TYR A 1 47  ? 12.842  -6.055  -2.999  1.00 14.28  ? 47  TYR A N   1 
ATOM   351  C CA  . TYR A 1 47  ? 13.629  -5.982  -1.778  1.00 16.20  ? 47  TYR A CA  1 
ATOM   352  C C   . TYR A 1 47  ? 12.835  -6.370  -0.529  1.00 20.91  ? 47  TYR A C   1 
ATOM   353  O O   . TYR A 1 47  ? 13.403  -6.942  0.404   1.00 19.08  ? 47  TYR A O   1 
ATOM   354  C CB  . TYR A 1 47  ? 14.270  -4.602  -1.611  1.00 14.34  ? 47  TYR A CB  1 
ATOM   355  C CG  . TYR A 1 47  ? 15.402  -4.320  -2.578  1.00 14.29  ? 47  TYR A CG  1 
ATOM   356  C CD1 . TYR A 1 47  ? 15.734  -5.227  -3.582  1.00 16.48  ? 47  TYR A CD1 1 
ATOM   357  C CD2 . TYR A 1 47  ? 16.148  -3.150  -2.479  1.00 15.32  ? 47  TYR A CD2 1 
ATOM   358  C CE1 . TYR A 1 47  ? 16.787  -4.979  -4.456  1.00 15.67  ? 47  TYR A CE1 1 
ATOM   359  C CE2 . TYR A 1 47  ? 17.202  -2.893  -3.349  1.00 18.51  ? 47  TYR A CE2 1 
ATOM   360  C CZ  . TYR A 1 47  ? 17.513  -3.811  -4.336  1.00 13.68  ? 47  TYR A CZ  1 
ATOM   361  O OH  . TYR A 1 47  ? 18.553  -3.563  -5.198  1.00 18.89  ? 47  TYR A OH  1 
ATOM   362  N N   . THR A 1 48  ? 11.534  -6.092  -0.508  1.00 16.33  ? 48  THR A N   1 
ATOM   363  C CA  . THR A 1 48  ? 10.738  -6.462  0.655   1.00 17.64  ? 48  THR A CA  1 
ATOM   364  C C   . THR A 1 48  ? 10.558  -7.974  0.677   1.00 16.09  ? 48  THR A C   1 
ATOM   365  O O   . THR A 1 48  ? 10.675  -8.608  1.726   1.00 15.93  ? 48  THR A O   1 
ATOM   366  C CB  . THR A 1 48  ? 9.349   -5.737  0.720   1.00 17.78  ? 48  THR A CB  1 
ATOM   367  O OG1 . THR A 1 48  ? 8.514   -6.120  -0.384  1.00 17.45  ? 48  THR A OG1 1 
ATOM   368  C CG2 . THR A 1 48  ? 9.529   -4.232  0.740   1.00 13.41  ? 48  THR A CG2 1 
ATOM   369  N N   . TRP A 1 49  ? 10.310  -8.557  -0.491  1.00 14.89  ? 49  TRP A N   1 
ATOM   370  C CA  . TRP A 1 49  ? 10.123  -9.997  -0.596  1.00 16.38  ? 49  TRP A CA  1 
ATOM   371  C C   . TRP A 1 49  ? 11.419  -10.760 -0.314  1.00 17.65  ? 49  TRP A C   1 
ATOM   372  O O   . TRP A 1 49  ? 11.436  -11.719 0.460   1.00 15.74  ? 49  TRP A O   1 
ATOM   373  C CB  . TRP A 1 49  ? 9.638   -10.382 -1.994  1.00 16.42  ? 49  TRP A CB  1 
ATOM   374  C CG  . TRP A 1 49  ? 8.315   -9.814  -2.402  1.00 21.86  ? 49  TRP A CG  1 
ATOM   375  C CD1 . TRP A 1 49  ? 7.264   -9.497  -1.586  1.00 22.16  ? 49  TRP A CD1 1 
ATOM   376  C CD2 . TRP A 1 49  ? 7.890   -9.521  -3.735  1.00 22.32  ? 49  TRP A CD2 1 
ATOM   377  N NE1 . TRP A 1 49  ? 6.210   -9.030  -2.333  1.00 20.29  ? 49  TRP A NE1 1 
ATOM   378  C CE2 . TRP A 1 49  ? 6.566   -9.037  -3.661  1.00 24.71  ? 49  TRP A CE2 1 
ATOM   379  C CE3 . TRP A 1 49  ? 8.501   -9.628  -4.999  1.00 18.68  ? 49  TRP A CE3 1 
ATOM   380  C CZ2 . TRP A 1 49  ? 5.836   -8.651  -4.791  1.00 23.69  ? 49  TRP A CZ2 1 
ATOM   381  C CZ3 . TRP A 1 49  ? 7.778   -9.248  -6.125  1.00 19.12  ? 49  TRP A CZ3 1 
ATOM   382  C CH2 . TRP A 1 49  ? 6.458   -8.767  -6.014  1.00 23.85  ? 49  TRP A CH2 1 
ATOM   383  N N   . LEU A 1 50  ? 12.495  -10.327 -0.959  1.00 17.25  ? 50  LEU A N   1 
ATOM   384  C CA  . LEU A 1 50  ? 13.797  -10.966 -0.831  1.00 15.07  ? 50  LEU A CA  1 
ATOM   385  C C   . LEU A 1 50  ? 14.370  -10.883 0.568   1.00 14.24  ? 50  LEU A C   1 
ATOM   386  O O   . LEU A 1 50  ? 14.878  -11.879 1.084   1.00 17.31  ? 50  LEU A O   1 
ATOM   387  C CB  . LEU A 1 50  ? 14.769  -10.404 -1.868  1.00 13.22  ? 50  LEU A CB  1 
ATOM   388  C CG  . LEU A 1 50  ? 14.392  -10.767 -3.308  1.00 16.18  ? 50  LEU A CG  1 
ATOM   389  C CD1 . LEU A 1 50  ? 15.232  -9.984  -4.300  1.00 14.26  ? 50  LEU A CD1 1 
ATOM   390  C CD2 . LEU A 1 50  ? 14.564  -12.259 -3.516  1.00 16.70  ? 50  LEU A CD2 1 
ATOM   391  N N   . ARG A 1 51  ? 14.281  -9.716  1.196   1.00 16.04  ? 51  ARG A N   1 
ATOM   392  C CA  . ARG A 1 51  ? 14.782  -9.570  2.556   1.00 15.26  ? 51  ARG A CA  1 
ATOM   393  C C   . ARG A 1 51  ? 13.985  -10.422 3.550   1.00 15.63  ? 51  ARG A C   1 
ATOM   394  O O   . ARG A 1 51  ? 14.531  -10.905 4.543   1.00 16.01  ? 51  ARG A O   1 
ATOM   395  C CB  . ARG A 1 51  ? 14.794  -8.108  2.978   1.00 14.09  ? 51  ARG A CB  1 
ATOM   396  C CG  . ARG A 1 51  ? 15.992  -7.350  2.470   1.00 11.99  ? 51  ARG A CG  1 
ATOM   397  C CD  . ARG A 1 51  ? 16.034  -6.009  3.138   1.00 12.45  ? 51  ARG A CD  1 
ATOM   398  N NE  . ARG A 1 51  ? 17.204  -5.197  2.815   1.00 18.21  ? 51  ARG A NE  1 
ATOM   399  C CZ  . ARG A 1 51  ? 18.357  -5.221  3.479   1.00 19.21  ? 51  ARG A CZ  1 
ATOM   400  N NH1 . ARG A 1 51  ? 18.546  -6.074  4.476   1.00 19.98  ? 51  ARG A NH1 1 
ATOM   401  N NH2 . ARG A 1 51  ? 19.349  -4.417  3.115   1.00 19.42  ? 51  ARG A NH2 1 
ATOM   402  N N   . SER A 1 52  ? 12.709  -10.643 3.254   1.00 14.76  ? 52  SER A N   1 
ATOM   403  C CA  . SER A 1 52  ? 11.854  -11.463 4.097   1.00 17.72  ? 52  SER A CA  1 
ATOM   404  C C   . SER A 1 52  ? 12.285  -12.920 4.001   1.00 19.43  ? 52  SER A C   1 
ATOM   405  O O   . SER A 1 52  ? 12.431  -13.597 5.019   1.00 21.22  ? 52  SER A O   1 
ATOM   406  C CB  . SER A 1 52  ? 10.396  -11.322 3.674   1.00 12.77  ? 52  SER A CB  1 
ATOM   407  O OG  . SER A 1 52  ? 9.910   -10.050 4.042   1.00 17.34  ? 52  SER A OG  1 
ATOM   408  N N   . LEU A 1 53  ? 12.516  -13.383 2.774   1.00 18.56  ? 53  LEU A N   1 
ATOM   409  C CA  . LEU A 1 53  ? 12.952  -14.751 2.524   1.00 18.14  ? 53  LEU A CA  1 
ATOM   410  C C   . LEU A 1 53  ? 14.332  -15.048 3.121   1.00 17.38  ? 53  LEU A C   1 
ATOM   411  O O   . LEU A 1 53  ? 14.608  -16.172 3.522   1.00 23.25  ? 53  LEU A O   1 
ATOM   412  C CB  . LEU A 1 53  ? 12.950  -15.035 1.023   1.00 17.81  ? 53  LEU A CB  1 
ATOM   413  C CG  . LEU A 1 53  ? 11.569  -15.333 0.438   1.00 22.16  ? 53  LEU A CG  1 
ATOM   414  C CD1 . LEU A 1 53  ? 11.590  -15.303 -1.083  1.00 20.58  ? 53  LEU A CD1 1 
ATOM   415  C CD2 . LEU A 1 53  ? 11.105  -16.688 0.945   1.00 24.30  ? 53  LEU A CD2 1 
ATOM   416  N N   . MET A 1 54  ? 15.192  -14.038 3.173   1.00 16.90  ? 54  MET A N   1 
ATOM   417  C CA  . MET A 1 54  ? 16.532  -14.194 3.729   1.00 16.14  ? 54  MET A CA  1 
ATOM   418  C C   . MET A 1 54  ? 16.544  -13.936 5.222   1.00 21.11  ? 54  MET A C   1 
ATOM   419  O O   . MET A 1 54  ? 17.546  -14.176 5.885   1.00 21.82  ? 54  MET A O   1 
ATOM   420  C CB  . MET A 1 54  ? 17.488  -13.188 3.102   1.00 14.17  ? 54  MET A CB  1 
ATOM   421  C CG  . MET A 1 54  ? 17.648  -13.307 1.615   1.00 19.56  ? 54  MET A CG  1 
ATOM   422  S SD  . MET A 1 54  ? 19.015  -12.293 1.078   1.00 19.62  ? 54  MET A SD  1 
ATOM   423  C CE  . MET A 1 54  ? 18.341  -10.656 1.248   1.00 23.10  ? 54  MET A CE  1 
ATOM   424  N N   . ASN A 1 55  ? 15.442  -13.390 5.728   1.00 24.38  ? 55  ASN A N   1 
ATOM   425  C CA  . ASN A 1 55  ? 15.311  -13.037 7.137   1.00 25.17  ? 55  ASN A CA  1 
ATOM   426  C C   . ASN A 1 55  ? 16.310  -11.925 7.481   1.00 24.48  ? 55  ASN A C   1 
ATOM   427  O O   . ASN A 1 55  ? 16.959  -11.944 8.529   1.00 22.45  ? 55  ASN A O   1 
ATOM   428  C CB  . ASN A 1 55  ? 15.503  -14.261 8.036   1.00 35.36  ? 55  ASN A CB  1 
ATOM   429  C CG  . ASN A 1 55  ? 14.762  -14.139 9.357   1.00 45.06  ? 55  ASN A CG  1 
ATOM   430  O OD1 . ASN A 1 55  ? 15.048  -14.860 10.310  1.00 51.62  ? 55  ASN A OD1 1 
ATOM   431  N ND2 . ASN A 1 55  ? 13.786  -13.232 9.413   1.00 47.01  ? 55  ASN A ND2 1 
ATOM   432  N N   . ARG A 1 56  ? 16.396  -10.943 6.581   1.00 23.62  ? 56  ARG A N   1 
ATOM   433  C CA  . ARG A 1 56  ? 17.283  -9.788  6.721   1.00 22.45  ? 56  ARG A CA  1 
ATOM   434  C C   . ARG A 1 56  ? 16.438  -8.521  6.644   1.00 24.34  ? 56  ARG A C   1 
ATOM   435  O O   . ARG A 1 56  ? 16.576  -7.720  5.719   1.00 26.03  ? 56  ARG A O   1 
ATOM   436  C CB  . ARG A 1 56  ? 18.314  -9.777  5.592   1.00 19.53  ? 56  ARG A CB  1 
ATOM   437  C CG  . ARG A 1 56  ? 19.265  -10.924 5.642   1.00 19.96  ? 56  ARG A CG  1 
ATOM   438  C CD  . ARG A 1 56  ? 20.103  -10.813 6.879   1.00 23.27  ? 56  ARG A CD  1 
ATOM   439  N NE  . ARG A 1 56  ? 20.787  -12.069 7.142   1.00 34.62  ? 56  ARG A NE  1 
ATOM   440  C CZ  . ARG A 1 56  ? 21.874  -12.185 7.893   1.00 36.90  ? 56  ARG A CZ  1 
ATOM   441  N NH1 . ARG A 1 56  ? 22.418  -11.109 8.454   1.00 38.95  ? 56  ARG A NH1 1 
ATOM   442  N NH2 . ARG A 1 56  ? 22.425  -13.380 8.069   1.00 37.72  ? 56  ARG A NH2 1 
ATOM   443  N N   . TYR A 1 57  ? 15.561  -8.347  7.622   1.00 22.22  ? 57  TYR A N   1 
ATOM   444  C CA  . TYR A 1 57  ? 14.664  -7.204  7.663   1.00 22.82  ? 57  TYR A CA  1 
ATOM   445  C C   . TYR A 1 57  ? 15.308  -5.853  7.937   1.00 21.44  ? 57  TYR A C   1 
ATOM   446  O O   . TYR A 1 57  ? 16.245  -5.739  8.723   1.00 27.29  ? 57  TYR A O   1 
ATOM   447  C CB  . TYR A 1 57  ? 13.555  -7.446  8.709   1.00 22.52  ? 57  TYR A CB  1 
ATOM   448  C CG  . TYR A 1 57  ? 12.563  -6.310  8.847   1.00 15.09  ? 57  TYR A CG  1 
ATOM   449  C CD1 . TYR A 1 57  ? 11.442  -6.240  8.024   1.00 18.34  ? 57  TYR A CD1 1 
ATOM   450  C CD2 . TYR A 1 57  ? 12.763  -5.289  9.777   1.00 14.43  ? 57  TYR A CD2 1 
ATOM   451  C CE1 . TYR A 1 57  ? 10.548  -5.181  8.117   1.00 17.70  ? 57  TYR A CE1 1 
ATOM   452  C CE2 . TYR A 1 57  ? 11.881  -4.226  9.872   1.00 16.44  ? 57  TYR A CE2 1 
ATOM   453  C CZ  . TYR A 1 57  ? 10.776  -4.182  9.039   1.00 16.45  ? 57  TYR A CZ  1 
ATOM   454  O OH  . TYR A 1 57  ? 9.915   -3.119  9.104   1.00 24.35  ? 57  TYR A OH  1 
ATOM   455  N N   . VAL A 1 58  ? 14.794  -4.843  7.241   1.00 21.38  ? 58  VAL A N   1 
ATOM   456  C CA  . VAL A 1 58  ? 15.162  -3.437  7.412   1.00 18.80  ? 58  VAL A CA  1 
ATOM   457  C C   . VAL A 1 58  ? 13.826  -2.752  7.169   1.00 13.60  ? 58  VAL A C   1 
ATOM   458  O O   . VAL A 1 58  ? 12.963  -3.312  6.488   1.00 15.31  ? 58  VAL A O   1 
ATOM   459  C CB  . VAL A 1 58  ? 16.226  -2.917  6.412   1.00 20.34  ? 58  VAL A CB  1 
ATOM   460  C CG1 . VAL A 1 58  ? 17.559  -3.587  6.669   1.00 19.49  ? 58  VAL A CG1 1 
ATOM   461  C CG2 . VAL A 1 58  ? 15.765  -3.110  4.981   1.00 25.59  ? 58  VAL A CG2 1 
ATOM   462  N N   . ASN A 1 59  ? 13.617  -1.584  7.754   1.00 16.78  ? 59  ASN A N   1 
ATOM   463  C CA  . ASN A 1 59  ? 12.336  -0.924  7.569   1.00 22.71  ? 59  ASN A CA  1 
ATOM   464  C C   . ASN A 1 59  ? 12.141  -0.418  6.154   1.00 23.54  ? 59  ASN A C   1 
ATOM   465  O O   . ASN A 1 59  ? 13.086  -0.377  5.357   1.00 23.47  ? 59  ASN A O   1 
ATOM   466  C CB  . ASN A 1 59  ? 12.082  0.172   8.617   1.00 23.45  ? 59  ASN A CB  1 
ATOM   467  C CG  . ASN A 1 59  ? 13.079  1.306   8.553   1.00 27.17  ? 59  ASN A CG  1 
ATOM   468  O OD1 . ASN A 1 59  ? 13.564  1.674   7.486   1.00 33.99  ? 59  ASN A OD1 1 
ATOM   469  N ND2 . ASN A 1 59  ? 13.361  1.894   9.703   1.00 34.39  ? 59  ASN A ND2 1 
ATOM   470  N N   . PHE A 1 60  ? 10.901  -0.059  5.845   1.00 21.70  ? 60  PHE A N   1 
ATOM   471  C CA  . PHE A 1 60  ? 10.537  0.408   4.521   1.00 21.13  ? 60  PHE A CA  1 
ATOM   472  C C   . PHE A 1 60  ? 11.255  1.659   4.060   1.00 20.36  ? 60  PHE A C   1 
ATOM   473  O O   . PHE A 1 60  ? 11.509  1.812   2.876   1.00 21.70  ? 60  PHE A O   1 
ATOM   474  C CB  . PHE A 1 60  ? 9.029   0.593   4.413   1.00 19.32  ? 60  PHE A CB  1 
ATOM   475  C CG  . PHE A 1 60  ? 8.529   0.566   3.004   1.00 22.38  ? 60  PHE A CG  1 
ATOM   476  C CD1 . PHE A 1 60  ? 8.841   -0.502  2.167   1.00 20.27  ? 60  PHE A CD1 1 
ATOM   477  C CD2 . PHE A 1 60  ? 7.743   1.601   2.510   1.00 20.09  ? 60  PHE A CD2 1 
ATOM   478  C CE1 . PHE A 1 60  ? 8.388   -0.536  0.860   1.00 26.23  ? 60  PHE A CE1 1 
ATOM   479  C CE2 . PHE A 1 60  ? 7.284   1.578   1.201   1.00 22.89  ? 60  PHE A CE2 1 
ATOM   480  C CZ  . PHE A 1 60  ? 7.603   0.503   0.373   1.00 24.12  ? 60  PHE A CZ  1 
ATOM   481  N N   . GLN A 1 61  ? 11.583  2.562   4.976   1.00 21.10  ? 61  GLN A N   1 
ATOM   482  C CA  . GLN A 1 61  ? 12.295  3.766   4.572   1.00 27.05  ? 61  GLN A CA  1 
ATOM   483  C C   . GLN A 1 61  ? 13.644  3.337   4.016   1.00 23.86  ? 61  GLN A C   1 
ATOM   484  O O   . GLN A 1 61  ? 14.064  3.791   2.954   1.00 23.84  ? 61  GLN A O   1 
ATOM   485  C CB  . GLN A 1 61  ? 12.486  4.726   5.747   1.00 35.49  ? 61  GLN A CB  1 
ATOM   486  C CG  . GLN A 1 61  ? 11.650  6.004   5.639   1.00 55.15  ? 61  GLN A CG  1 
ATOM   487  C CD  . GLN A 1 61  ? 11.975  6.823   4.394   1.00 65.33  ? 61  GLN A CD  1 
ATOM   488  O OE1 . GLN A 1 61  ? 13.081  7.353   4.249   1.00 69.23  ? 61  GLN A OE1 1 
ATOM   489  N NE2 . GLN A 1 61  ? 11.005  6.932   3.489   1.00 68.02  ? 61  GLN A NE2 1 
ATOM   490  N N   . GLN A 1 62  ? 14.277  2.398   4.712   1.00 25.16  ? 62  GLN A N   1 
ATOM   491  C CA  . GLN A 1 62  ? 15.567  1.861   4.308   1.00 25.32  ? 62  GLN A CA  1 
ATOM   492  C C   . GLN A 1 62  ? 15.450  1.176   2.953   1.00 21.50  ? 62  GLN A C   1 
ATOM   493  O O   . GLN A 1 62  ? 16.213  1.473   2.034   1.00 20.87  ? 62  GLN A O   1 
ATOM   494  C CB  . GLN A 1 62  ? 16.064  0.854   5.346   1.00 30.87  ? 62  GLN A CB  1 
ATOM   495  C CG  . GLN A 1 62  ? 17.428  1.181   5.927   1.00 42.31  ? 62  GLN A CG  1 
ATOM   496  C CD  . GLN A 1 62  ? 18.519  1.212   4.879   1.00 47.32  ? 62  GLN A CD  1 
ATOM   497  O OE1 . GLN A 1 62  ? 18.830  2.263   4.316   1.00 49.74  ? 62  GLN A OE1 1 
ATOM   498  N NE2 . GLN A 1 62  ? 19.113  0.054   4.612   1.00 52.13  ? 62  GLN A NE2 1 
ATOM   499  N N   . ALA A 1 63  ? 14.483  0.271   2.833   1.00 18.98  ? 63  ALA A N   1 
ATOM   500  C CA  . ALA A 1 63  ? 14.259  -0.466  1.598   1.00 19.08  ? 63  ALA A CA  1 
ATOM   501  C C   . ALA A 1 63  ? 13.995  0.481   0.429   1.00 18.02  ? 63  ALA A C   1 
ATOM   502  O O   . ALA A 1 63  ? 14.426  0.228   -0.697  1.00 19.42  ? 63  ALA A O   1 
ATOM   503  C CB  . ALA A 1 63  ? 13.106  -1.457  1.766   1.00 13.54  ? 63  ALA A CB  1 
ATOM   504  N N   . THR A 1 64  ? 13.324  1.590   0.711   1.00 19.07  ? 64  THR A N   1 
ATOM   505  C CA  . THR A 1 64  ? 13.010  2.595   -0.301  1.00 20.92  ? 64  THR A CA  1 
ATOM   506  C C   . THR A 1 64  ? 14.283  3.305   -0.775  1.00 18.84  ? 64  THR A C   1 
ATOM   507  O O   . THR A 1 64  ? 14.465  3.505   -1.979  1.00 20.38  ? 64  THR A O   1 
ATOM   508  C CB  . THR A 1 64  ? 11.955  3.620   0.238   1.00 20.51  ? 64  THR A CB  1 
ATOM   509  O OG1 . THR A 1 64  ? 10.740  2.925   0.544   1.00 17.78  ? 64  THR A OG1 1 
ATOM   510  C CG2 . THR A 1 64  ? 11.653  4.707   -0.784  1.00 17.91  ? 64  THR A CG2 1 
ATOM   511  N N   . GLU A 1 65  ? 15.170  3.667   0.152   1.00 22.10  ? 65  GLU A N   1 
ATOM   512  C CA  . GLU A 1 65  ? 16.427  4.326   -0.209  1.00 24.78  ? 65  GLU A CA  1 
ATOM   513  C C   . GLU A 1 65  ? 17.308  3.383   -1.005  1.00 24.91  ? 65  GLU A C   1 
ATOM   514  O O   . GLU A 1 65  ? 17.859  3.764   -2.043  1.00 23.90  ? 65  GLU A O   1 
ATOM   515  C CB  . GLU A 1 65  ? 17.191  4.796   1.021   1.00 30.12  ? 65  GLU A CB  1 
ATOM   516  C CG  . GLU A 1 65  ? 16.874  6.214   1.430   1.00 53.36  ? 65  GLU A CG  1 
ATOM   517  C CD  . GLU A 1 65  ? 17.776  6.717   2.541   1.00 68.10  ? 65  GLU A CD  1 
ATOM   518  O OE1 . GLU A 1 65  ? 19.013  6.521   2.451   1.00 72.26  ? 65  GLU A OE1 1 
ATOM   519  O OE2 . GLU A 1 65  ? 17.246  7.314   3.509   1.00 77.94  ? 65  GLU A OE2 1 
ATOM   520  N N   . ASP A 1 66  ? 17.441  2.154   -0.517  1.00 21.90  ? 66  ASP A N   1 
ATOM   521  C CA  . ASP A 1 66  ? 18.242  1.137   -1.189  1.00 19.97  ? 66  ASP A CA  1 
ATOM   522  C C   . ASP A 1 66  ? 17.751  0.931   -2.620  1.00 18.04  ? 66  ASP A C   1 
ATOM   523  O O   . ASP A 1 66  ? 18.549  0.823   -3.553  1.00 19.42  ? 66  ASP A O   1 
ATOM   524  C CB  . ASP A 1 66  ? 18.160  -0.190  -0.434  1.00 20.10  ? 66  ASP A CB  1 
ATOM   525  C CG  . ASP A 1 66  ? 18.781  -0.122  0.951   1.00 22.53  ? 66  ASP A CG  1 
ATOM   526  O OD1 . ASP A 1 66  ? 19.508  0.843   1.254   1.00 23.22  ? 66  ASP A OD1 1 
ATOM   527  O OD2 . ASP A 1 66  ? 18.546  -1.056  1.743   1.00 27.64  ? 66  ASP A OD2 1 
ATOM   528  N N   . ALA A 1 67  ? 16.433  0.865   -2.781  1.00 18.12  ? 67  ALA A N   1 
ATOM   529  C CA  . ALA A 1 67  ? 15.818  0.681   -4.086  1.00 16.87  ? 67  ALA A CA  1 
ATOM   530  C C   . ALA A 1 67  ? 16.030  1.876   -5.017  1.00 17.21  ? 67  ALA A C   1 
ATOM   531  O O   . ALA A 1 67  ? 16.080  1.699   -6.230  1.00 18.75  ? 67  ALA A O   1 
ATOM   532  C CB  . ALA A 1 67  ? 14.343  0.389   -3.937  1.00 15.13  ? 67  ALA A CB  1 
ATOM   533  N N   . LEU A 1 68  ? 16.127  3.086   -4.468  1.00 20.26  ? 68  LEU A N   1 
ATOM   534  C CA  . LEU A 1 68  ? 16.357  4.270   -5.305  1.00 23.23  ? 68  LEU A CA  1 
ATOM   535  C C   . LEU A 1 68  ? 17.835  4.330   -5.697  1.00 25.82  ? 68  LEU A C   1 
ATOM   536  O O   . LEU A 1 68  ? 18.176  4.630   -6.842  1.00 24.47  ? 68  LEU A O   1 
ATOM   537  C CB  . LEU A 1 68  ? 15.944  5.561   -4.585  1.00 23.40  ? 68  LEU A CB  1 
ATOM   538  C CG  . LEU A 1 68  ? 16.107  6.879   -5.363  1.00 22.21  ? 68  LEU A CG  1 
ATOM   539  C CD1 . LEU A 1 68  ? 15.373  6.819   -6.698  1.00 18.87  ? 68  LEU A CD1 1 
ATOM   540  C CD2 . LEU A 1 68  ? 15.610  8.050   -4.525  1.00 22.46  ? 68  LEU A CD2 1 
ATOM   541  N N   . ARG A 1 69  ? 18.699  4.027   -4.732  1.00 26.08  ? 69  ARG A N   1 
ATOM   542  C CA  . ARG A 1 69  ? 20.146  4.002   -4.924  1.00 28.27  ? 69  ARG A CA  1 
ATOM   543  C C   . ARG A 1 69  ? 20.495  3.036   -6.064  1.00 27.47  ? 69  ARG A C   1 
ATOM   544  O O   . ARG A 1 69  ? 21.328  3.348   -6.923  1.00 28.48  ? 69  ARG A O   1 
ATOM   545  C CB  . ARG A 1 69  ? 20.808  3.540   -3.632  1.00 30.41  ? 69  ARG A CB  1 
ATOM   546  C CG  . ARG A 1 69  ? 22.314  3.635   -3.609  1.00 41.22  ? 69  ARG A CG  1 
ATOM   547  C CD  . ARG A 1 69  ? 22.847  3.024   -2.324  1.00 49.71  ? 69  ARG A CD  1 
ATOM   548  N NE  . ARG A 1 69  ? 22.062  3.455   -1.169  1.00 57.08  ? 69  ARG A NE  1 
ATOM   549  C CZ  . ARG A 1 69  ? 21.689  2.660   -0.170  1.00 58.49  ? 69  ARG A CZ  1 
ATOM   550  N NH1 . ARG A 1 69  ? 22.032  1.375   -0.164  1.00 54.75  ? 69  ARG A NH1 1 
ATOM   551  N NH2 . ARG A 1 69  ? 20.941  3.147   0.812   1.00 60.71  ? 69  ARG A NH2 1 
ATOM   552  N N   . PHE A 1 70  ? 19.832  1.880   -6.076  1.00 22.90  ? 70  PHE A N   1 
ATOM   553  C CA  . PHE A 1 70  ? 20.043  0.879   -7.108  1.00 23.21  ? 70  PHE A CA  1 
ATOM   554  C C   . PHE A 1 70  ? 19.576  1.410   -8.466  1.00 26.80  ? 70  PHE A C   1 
ATOM   555  O O   . PHE A 1 70  ? 20.303  1.320   -9.457  1.00 25.20  ? 70  PHE A O   1 
ATOM   556  C CB  . PHE A 1 70  ? 19.306  -0.425  -6.776  1.00 16.65  ? 70  PHE A CB  1 
ATOM   557  C CG  . PHE A 1 70  ? 19.328  -1.430  -7.893  1.00 19.85  ? 70  PHE A CG  1 
ATOM   558  C CD1 . PHE A 1 70  ? 18.391  -1.360  -8.926  1.00 17.72  ? 70  PHE A CD1 1 
ATOM   559  C CD2 . PHE A 1 70  ? 20.321  -2.403  -7.955  1.00 20.99  ? 70  PHE A CD2 1 
ATOM   560  C CE1 . PHE A 1 70  ? 18.439  -2.234  -10.002 1.00 19.93  ? 70  PHE A CE1 1 
ATOM   561  C CE2 . PHE A 1 70  ? 20.377  -3.291  -9.033  1.00 17.32  ? 70  PHE A CE2 1 
ATOM   562  C CZ  . PHE A 1 70  ? 19.437  -3.200  -10.060 1.00 21.38  ? 70  PHE A CZ  1 
ATOM   563  N N   . THR A 1 71  ? 18.347  1.924   -8.510  1.00 27.74  ? 71  THR A N   1 
ATOM   564  C CA  . THR A 1 71  ? 17.759  2.470   -9.732  1.00 27.09  ? 71  THR A CA  1 
ATOM   565  C C   . THR A 1 71  ? 18.691  3.494   -10.366 1.00 27.54  ? 71  THR A C   1 
ATOM   566  O O   . THR A 1 71  ? 18.980  3.422   -11.565 1.00 27.20  ? 71  THR A O   1 
ATOM   567  C CB  . THR A 1 71  ? 16.378  3.116   -9.448  1.00 26.84  ? 71  THR A CB  1 
ATOM   568  O OG1 . THR A 1 71  ? 15.438  2.089   -9.103  1.00 22.10  ? 71  THR A OG1 1 
ATOM   569  C CG2 . THR A 1 71  ? 15.859  3.873   -10.663 1.00 26.51  ? 71  THR A CG2 1 
ATOM   570  N N   . CYS A 1 72  ? 19.210  4.401   -9.549  1.00 23.62  ? 72  CYS A N   1 
ATOM   571  C CA  . CYS A 1 72  ? 20.114  5.420   -10.037 1.00 28.96  ? 72  CYS A CA  1 
ATOM   572  C C   . CYS A 1 72  ? 21.419  4.835   -10.568 1.00 31.09  ? 72  CYS A C   1 
ATOM   573  O O   . CYS A 1 72  ? 21.855  5.216   -11.654 1.00 31.63  ? 72  CYS A O   1 
ATOM   574  C CB  . CYS A 1 72  ? 20.351  6.496   -8.979  1.00 29.46  ? 72  CYS A CB  1 
ATOM   575  S SG  . CYS A 1 72  ? 18.917  7.613   -8.823  1.00 39.89  ? 72  CYS A SG  1 
ATOM   576  N N   . ARG A 1 73  ? 22.022  3.887   -9.849  1.00 30.48  ? 73  ARG A N   1 
ATOM   577  C CA  . ARG A 1 73  ? 23.261  3.268   -10.329 1.00 30.18  ? 73  ARG A CA  1 
ATOM   578  C C   . ARG A 1 73  ? 22.983  2.539   -11.644 1.00 25.59  ? 73  ARG A C   1 
ATOM   579  O O   . ARG A 1 73  ? 23.764  2.616   -12.588 1.00 29.05  ? 73  ARG A O   1 
ATOM   580  C CB  . ARG A 1 73  ? 23.824  2.254   -9.325  1.00 34.70  ? 73  ARG A CB  1 
ATOM   581  C CG  . ARG A 1 73  ? 24.653  2.829   -8.194  1.00 43.73  ? 73  ARG A CG  1 
ATOM   582  C CD  . ARG A 1 73  ? 25.540  1.745   -7.558  1.00 55.56  ? 73  ARG A CD  1 
ATOM   583  N NE  . ARG A 1 73  ? 26.864  1.637   -8.186  1.00 65.84  ? 73  ARG A NE  1 
ATOM   584  C CZ  . ARG A 1 73  ? 27.424  0.502   -8.612  1.00 68.70  ? 73  ARG A CZ  1 
ATOM   585  N NH1 . ARG A 1 73  ? 26.778  -0.656  -8.518  1.00 69.09  ? 73  ARG A NH1 1 
ATOM   586  N NH2 . ARG A 1 73  ? 28.636  0.526   -9.158  1.00 68.54  ? 73  ARG A NH2 1 
ATOM   587  N N   . HIS A 1 74  ? 21.847  1.853   -11.696 1.00 23.79  ? 74  HIS A N   1 
ATOM   588  C CA  . HIS A 1 74  ? 21.443  1.099   -12.866 1.00 25.28  ? 74  HIS A CA  1 
ATOM   589  C C   . HIS A 1 74  ? 21.189  1.952   -14.105 1.00 30.49  ? 74  HIS A C   1 
ATOM   590  O O   . HIS A 1 74  ? 21.359  1.478   -15.227 1.00 32.40  ? 74  HIS A O   1 
ATOM   591  C CB  . HIS A 1 74  ? 20.187  0.290   -12.560 1.00 25.90  ? 74  HIS A CB  1 
ATOM   592  C CG  . HIS A 1 74  ? 19.594  -0.372  -13.764 1.00 28.34  ? 74  HIS A CG  1 
ATOM   593  N ND1 . HIS A 1 74  ? 20.036  -1.589  -14.233 1.00 30.64  ? 74  HIS A ND1 1 
ATOM   594  C CD2 . HIS A 1 74  ? 18.607  0.020   -14.606 1.00 33.78  ? 74  HIS A CD2 1 
ATOM   595  C CE1 . HIS A 1 74  ? 19.345  -1.920  -15.315 1.00 31.33  ? 74  HIS A CE1 1 
ATOM   596  N NE2 . HIS A 1 74  ? 18.474  -0.959  -15.559 1.00 32.24  ? 74  HIS A NE2 1 
ATOM   597  N N   . LEU A 1 75  ? 20.694  3.166   -13.909 1.00 31.47  ? 75  LEU A N   1 
ATOM   598  C CA  . LEU A 1 75  ? 20.405  4.042   -15.036 1.00 33.89  ? 75  LEU A CA  1 
ATOM   599  C C   . LEU A 1 75  ? 21.563  4.964   -15.400 1.00 35.69  ? 75  LEU A C   1 
ATOM   600  O O   . LEU A 1 75  ? 21.570  5.573   -16.469 1.00 37.73  ? 75  LEU A O   1 
ATOM   601  C CB  . LEU A 1 75  ? 19.157  4.870   -14.749 1.00 30.62  ? 75  LEU A CB  1 
ATOM   602  C CG  . LEU A 1 75  ? 17.843  4.104   -14.649 1.00 29.20  ? 75  LEU A CG  1 
ATOM   603  C CD1 . LEU A 1 75  ? 16.740  5.070   -14.284 1.00 30.44  ? 75  LEU A CD1 1 
ATOM   604  C CD2 . LEU A 1 75  ? 17.529  3.396   -15.963 1.00 29.61  ? 75  LEU A CD2 1 
ATOM   605  N N   . GLY A 1 76  ? 22.526  5.085   -14.492 1.00 39.45  ? 76  GLY A N   1 
ATOM   606  C CA  . GLY A 1 76  ? 23.674  5.937   -14.740 1.00 42.95  ? 76  GLY A CA  1 
ATOM   607  C C   . GLY A 1 76  ? 23.492  7.346   -14.215 1.00 46.76  ? 76  GLY A C   1 
ATOM   608  O O   . GLY A 1 76  ? 24.354  8.203   -14.421 1.00 51.99  ? 76  GLY A O   1 
ATOM   609  N N   . LEU A 1 77  ? 22.384  7.582   -13.517 1.00 46.75  ? 77  LEU A N   1 
ATOM   610  C CA  . LEU A 1 77  ? 22.083  8.898   -12.956 1.00 45.95  ? 77  LEU A CA  1 
ATOM   611  C C   . LEU A 1 77  ? 22.908  9.191   -11.714 1.00 46.72  ? 77  LEU A C   1 
ATOM   612  O O   . LEU A 1 77  ? 23.183  8.293   -10.918 1.00 48.24  ? 77  LEU A O   1 
ATOM   613  C CB  . LEU A 1 77  ? 20.603  8.998   -12.584 1.00 44.60  ? 77  LEU A CB  1 
ATOM   614  C CG  . LEU A 1 77  ? 19.549  9.150   -13.677 1.00 46.09  ? 77  LEU A CG  1 
ATOM   615  C CD1 . LEU A 1 77  ? 20.193  9.246   -15.050 1.00 48.68  ? 77  LEU A CD1 1 
ATOM   616  C CD2 . LEU A 1 77  ? 18.577  7.998   -13.603 1.00 45.10  ? 77  LEU A CD2 1 
ATOM   617  N N   . ASP A 1 78  ? 23.274  10.454  -11.539 1.00 50.22  ? 78  ASP A N   1 
ATOM   618  C CA  . ASP A 1 78  ? 24.043  10.866  -10.375 1.00 55.60  ? 78  ASP A CA  1 
ATOM   619  C C   . ASP A 1 78  ? 23.046  11.341  -9.323  1.00 55.56  ? 78  ASP A C   1 
ATOM   620  O O   . ASP A 1 78  ? 22.384  12.368  -9.497  1.00 57.16  ? 78  ASP A O   1 
ATOM   621  C CB  . ASP A 1 78  ? 25.012  11.994  -10.746 1.00 66.75  ? 78  ASP A CB  1 
ATOM   622  C CG  . ASP A 1 78  ? 26.140  12.154  -9.733  1.00 78.21  ? 78  ASP A CG  1 
ATOM   623  O OD1 . ASP A 1 78  ? 26.547  11.142  -9.118  1.00 81.77  ? 78  ASP A OD1 1 
ATOM   624  O OD2 . ASP A 1 78  ? 26.631  13.294  -9.558  1.00 86.27  ? 78  ASP A OD2 1 
ATOM   625  N N   . LEU A 1 79  ? 22.921  10.578  -8.246  1.00 56.07  ? 79  LEU A N   1 
ATOM   626  C CA  . LEU A 1 79  ? 21.989  10.901  -7.170  1.00 54.75  ? 79  LEU A CA  1 
ATOM   627  C C   . LEU A 1 79  ? 22.691  11.359  -5.897  1.00 53.09  ? 79  LEU A C   1 
ATOM   628  O O   . LEU A 1 79  ? 23.342  10.568  -5.213  1.00 55.85  ? 79  LEU A O   1 
ATOM   629  C CB  . LEU A 1 79  ? 21.109  9.684   -6.859  1.00 54.14  ? 79  LEU A CB  1 
ATOM   630  C CG  . LEU A 1 79  ? 20.001  9.823   -5.811  1.00 50.52  ? 79  LEU A CG  1 
ATOM   631  C CD1 . LEU A 1 79  ? 18.857  10.652  -6.377  1.00 48.87  ? 79  LEU A CD1 1 
ATOM   632  C CD2 . LEU A 1 79  ? 19.507  8.442   -5.407  1.00 48.06  ? 79  LEU A CD2 1 
ATOM   633  N N   . ASP A 1 80  ? 22.577  12.644  -5.595  1.00 50.01  ? 80  ASP A N   1 
ATOM   634  C CA  . ASP A 1 80  ? 23.173  13.195  -4.386  1.00 44.67  ? 80  ASP A CA  1 
ATOM   635  C C   . ASP A 1 80  ? 22.197  12.988  -3.223  1.00 40.40  ? 80  ASP A C   1 
ATOM   636  O O   . ASP A 1 80  ? 21.031  12.657  -3.438  1.00 36.71  ? 80  ASP A O   1 
ATOM   637  C CB  . ASP A 1 80  ? 23.496  14.683  -4.575  1.00 48.97  ? 80  ASP A CB  1 
ATOM   638  C CG  . ASP A 1 80  ? 22.281  15.507  -4.958  1.00 47.90  ? 80  ASP A CG  1 
ATOM   639  O OD1 . ASP A 1 80  ? 21.650  15.200  -5.993  1.00 51.08  ? 80  ASP A OD1 1 
ATOM   640  O OD2 . ASP A 1 80  ? 21.963  16.467  -4.230  1.00 46.84  ? 80  ASP A OD2 1 
ATOM   641  N N   . ALA A 1 81  ? 22.673  13.204  -2.003  1.00 39.40  ? 81  ALA A N   1 
ATOM   642  C CA  . ALA A 1 81  ? 21.856  13.025  -0.804  1.00 39.97  ? 81  ALA A CA  1 
ATOM   643  C C   . ALA A 1 81  ? 20.573  13.850  -0.800  1.00 41.33  ? 81  ALA A C   1 
ATOM   644  O O   . ALA A 1 81  ? 19.499  13.336  -0.488  1.00 40.34  ? 81  ALA A O   1 
ATOM   645  C CB  . ALA A 1 81  ? 22.678  13.333  0.436   1.00 39.47  ? 81  ALA A CB  1 
ATOM   646  N N   . ARG A 1 82  ? 20.696  15.127  -1.153  1.00 42.43  ? 82  ARG A N   1 
ATOM   647  C CA  . ARG A 1 82  ? 19.559  16.042  -1.192  1.00 44.20  ? 82  ARG A CA  1 
ATOM   648  C C   . ARG A 1 82  ? 18.413  15.494  -2.041  1.00 39.59  ? 82  ARG A C   1 
ATOM   649  O O   . ARG A 1 82  ? 17.291  15.330  -1.554  1.00 41.93  ? 82  ARG A O   1 
ATOM   650  C CB  . ARG A 1 82  ? 20.005  17.414  -1.715  1.00 52.62  ? 82  ARG A CB  1 
ATOM   651  C CG  . ARG A 1 82  ? 18.863  18.351  -2.101  1.00 66.82  ? 82  ARG A CG  1 
ATOM   652  C CD  . ARG A 1 82  ? 19.358  19.603  -2.821  1.00 75.57  ? 82  ARG A CD  1 
ATOM   653  N NE  . ARG A 1 82  ? 18.287  20.284  -3.550  1.00 84.47  ? 82  ARG A NE  1 
ATOM   654  C CZ  . ARG A 1 82  ? 18.186  20.322  -4.879  1.00 88.94  ? 82  ARG A CZ  1 
ATOM   655  N NH1 . ARG A 1 82  ? 19.089  19.714  -5.641  1.00 88.42  ? 82  ARG A NH1 1 
ATOM   656  N NH2 . ARG A 1 82  ? 17.186  20.987  -5.452  1.00 93.01  ? 82  ARG A NH2 1 
ATOM   657  N N   . THR A 1 83  ? 18.701  15.208  -3.306  1.00 36.05  ? 83  THR A N   1 
ATOM   658  C CA  . THR A 1 83  ? 17.701  14.679  -4.224  1.00 35.21  ? 83  THR A CA  1 
ATOM   659  C C   . THR A 1 83  ? 17.137  13.365  -3.707  1.00 34.70  ? 83  THR A C   1 
ATOM   660  O O   . THR A 1 83  ? 15.965  13.056  -3.934  1.00 36.06  ? 83  THR A O   1 
ATOM   661  C CB  . THR A 1 83  ? 18.303  14.440  -5.612  1.00 34.83  ? 83  THR A CB  1 
ATOM   662  O OG1 . THR A 1 83  ? 18.946  15.640  -6.057  1.00 40.95  ? 83  THR A OG1 1 
ATOM   663  C CG2 . THR A 1 83  ? 17.224  14.056  -6.609  1.00 37.06  ? 83  THR A CG2 1 
ATOM   664  N N   . ARG A 1 84  ? 17.976  12.598  -3.014  1.00 35.67  ? 84  ARG A N   1 
ATOM   665  C CA  . ARG A 1 84  ? 17.567  11.318  -2.458  1.00 37.65  ? 84  ARG A CA  1 
ATOM   666  C C   . ARG A 1 84  ? 16.448  11.541  -1.450  1.00 36.46  ? 84  ARG A C   1 
ATOM   667  O O   . ARG A 1 84  ? 15.373  10.945  -1.563  1.00 37.64  ? 84  ARG A O   1 
ATOM   668  C CB  . ARG A 1 84  ? 18.754  10.618  -1.795  1.00 42.19  ? 84  ARG A CB  1 
ATOM   669  C CG  . ARG A 1 84  ? 18.497  9.161   -1.433  1.00 48.81  ? 84  ARG A CG  1 
ATOM   670  C CD  . ARG A 1 84  ? 19.774  8.446   -0.997  1.00 53.26  ? 84  ARG A CD  1 
ATOM   671  N NE  . ARG A 1 84  ? 20.287  8.928   0.284   1.00 59.33  ? 84  ARG A NE  1 
ATOM   672  C CZ  . ARG A 1 84  ? 21.507  9.430   0.463   1.00 61.74  ? 84  ARG A CZ  1 
ATOM   673  N NH1 . ARG A 1 84  ? 22.354  9.522   -0.555  1.00 65.56  ? 84  ARG A NH1 1 
ATOM   674  N NH2 . ARG A 1 84  ? 21.883  9.839   1.667   1.00 65.38  ? 84  ARG A NH2 1 
ATOM   675  N N   . SER A 1 85  ? 16.681  12.435  -0.498  1.00 35.12  ? 85  SER A N   1 
ATOM   676  C CA  . SER A 1 85  ? 15.685  12.742  0.518   1.00 38.87  ? 85  SER A CA  1 
ATOM   677  C C   . SER A 1 85  ? 14.409  13.298  -0.109  1.00 39.33  ? 85  SER A C   1 
ATOM   678  O O   . SER A 1 85  ? 13.310  12.824  0.186   1.00 43.70  ? 85  SER A O   1 
ATOM   679  C CB  . SER A 1 85  ? 16.240  13.749  1.526   1.00 39.55  ? 85  SER A CB  1 
ATOM   680  O OG  . SER A 1 85  ? 17.391  13.235  2.172   1.00 50.75  ? 85  SER A OG  1 
ATOM   681  N N   . THR A 1 86  ? 14.559  14.274  -0.999  1.00 36.22  ? 86  THR A N   1 
ATOM   682  C CA  . THR A 1 86  ? 13.414  14.897  -1.656  1.00 34.21  ? 86  THR A CA  1 
ATOM   683  C C   . THR A 1 86  ? 12.497  13.904  -2.372  1.00 31.14  ? 86  THR A C   1 
ATOM   684  O O   . THR A 1 86  ? 11.278  13.946  -2.201  1.00 30.66  ? 86  THR A O   1 
ATOM   685  C CB  . THR A 1 86  ? 13.883  15.994  -2.622  1.00 37.58  ? 86  THR A CB  1 
ATOM   686  O OG1 . THR A 1 86  ? 14.582  16.997  -1.875  1.00 42.56  ? 86  THR A OG1 1 
ATOM   687  C CG2 . THR A 1 86  ? 12.707  16.631  -3.334  1.00 35.57  ? 86  THR A CG2 1 
ATOM   688  N N   . LEU A 1 87  ? 13.074  13.002  -3.159  1.00 28.33  ? 87  LEU A N   1 
ATOM   689  C CA  . LEU A 1 87  ? 12.272  12.010  -3.866  1.00 27.93  ? 87  LEU A CA  1 
ATOM   690  C C   . LEU A 1 87  ? 11.615  11.055  -2.875  1.00 26.64  ? 87  LEU A C   1 
ATOM   691  O O   . LEU A 1 87  ? 10.448  10.700  -3.026  1.00 24.93  ? 87  LEU A O   1 
ATOM   692  C CB  . LEU A 1 87  ? 13.123  11.228  -4.870  1.00 32.48  ? 87  LEU A CB  1 
ATOM   693  C CG  . LEU A 1 87  ? 13.420  11.930  -6.195  1.00 33.09  ? 87  LEU A CG  1 
ATOM   694  C CD1 . LEU A 1 87  ? 14.343  11.071  -7.039  1.00 36.22  ? 87  LEU A CD1 1 
ATOM   695  C CD2 . LEU A 1 87  ? 12.116  12.195  -6.932  1.00 34.55  ? 87  LEU A CD2 1 
ATOM   696  N N   . CYS A 1 88  ? 12.367  10.647  -1.859  1.00 27.96  ? 88  CYS A N   1 
ATOM   697  C CA  . CYS A 1 88  ? 11.835  9.746   -0.845  1.00 31.63  ? 88  CYS A CA  1 
ATOM   698  C C   . CYS A 1 88  ? 10.671  10.399  -0.086  1.00 31.74  ? 88  CYS A C   1 
ATOM   699  O O   . CYS A 1 88  ? 9.714   9.721   0.295   1.00 33.02  ? 88  CYS A O   1 
ATOM   700  C CB  . CYS A 1 88  ? 12.943  9.292   0.116   1.00 30.80  ? 88  CYS A CB  1 
ATOM   701  S SG  . CYS A 1 88  ? 14.105  8.064   -0.578  1.00 31.64  ? 88  CYS A SG  1 
ATOM   702  N N   . ASP A 1 89  ? 10.730  11.719  0.076   1.00 32.72  ? 89  ASP A N   1 
ATOM   703  C CA  . ASP A 1 89  ? 9.678   12.465  0.767   1.00 35.52  ? 89  ASP A CA  1 
ATOM   704  C C   . ASP A 1 89  ? 8.402   12.595  -0.047  1.00 34.06  ? 89  ASP A C   1 
ATOM   705  O O   . ASP A 1 89  ? 7.343   12.899  0.499   1.00 36.55  ? 89  ASP A O   1 
ATOM   706  C CB  . ASP A 1 89  ? 10.163  13.858  1.161   1.00 39.49  ? 89  ASP A CB  1 
ATOM   707  C CG  . ASP A 1 89  ? 11.063  13.835  2.381   1.00 46.15  ? 89  ASP A CG  1 
ATOM   708  O OD1 . ASP A 1 89  ? 10.949  12.887  3.192   1.00 49.76  ? 89  ASP A OD1 1 
ATOM   709  O OD2 . ASP A 1 89  ? 11.883  14.767  2.529   1.00 52.39  ? 89  ASP A OD2 1 
ATOM   710  N N   . ALA A 1 90  ? 8.500   12.334  -1.344  1.00 33.33  ? 90  ALA A N   1 
ATOM   711  C CA  . ALA A 1 90  ? 7.349   12.413  -2.231  1.00 33.33  ? 90  ALA A CA  1 
ATOM   712  C C   . ALA A 1 90  ? 6.210   11.492  -1.781  1.00 34.91  ? 90  ALA A C   1 
ATOM   713  O O   . ALA A 1 90  ? 5.046   11.737  -2.097  1.00 35.91  ? 90  ALA A O   1 
ATOM   714  C CB  . ALA A 1 90  ? 7.768   12.080  -3.653  1.00 34.35  ? 90  ALA A CB  1 
ATOM   715  N N   . TYR A 1 91  ? 6.541   10.447  -1.027  1.00 35.48  ? 91  TYR A N   1 
ATOM   716  C CA  . TYR A 1 91  ? 5.535   9.500   -0.543  1.00 37.15  ? 91  TYR A CA  1 
ATOM   717  C C   . TYR A 1 91  ? 4.654   9.996   0.608   1.00 38.31  ? 91  TYR A C   1 
ATOM   718  O O   . TYR A 1 91  ? 3.580   9.446   0.861   1.00 37.03  ? 91  TYR A O   1 
ATOM   719  C CB  . TYR A 1 91  ? 6.197   8.175   -0.170  1.00 34.72  ? 91  TYR A CB  1 
ATOM   720  C CG  . TYR A 1 91  ? 6.476   7.302   -1.366  1.00 37.48  ? 91  TYR A CG  1 
ATOM   721  C CD1 . TYR A 1 91  ? 5.466   6.513   -1.920  1.00 35.04  ? 91  TYR A CD1 1 
ATOM   722  C CD2 . TYR A 1 91  ? 7.737   7.278   -1.962  1.00 36.04  ? 91  TYR A CD2 1 
ATOM   723  C CE1 . TYR A 1 91  ? 5.698   5.725   -3.038  1.00 38.62  ? 91  TYR A CE1 1 
ATOM   724  C CE2 . TYR A 1 91  ? 7.981   6.491   -3.086  1.00 38.68  ? 91  TYR A CE2 1 
ATOM   725  C CZ  . TYR A 1 91  ? 6.955   5.717   -3.619  1.00 38.39  ? 91  TYR A CZ  1 
ATOM   726  O OH  . TYR A 1 91  ? 7.174   4.947   -4.739  1.00 43.33  ? 91  TYR A OH  1 
ATOM   727  N N   . LEU A 1 92  ? 5.109   11.041  1.292   1.00 40.65  ? 92  LEU A N   1 
ATOM   728  C CA  . LEU A 1 92  ? 4.379   11.623  2.414   1.00 42.19  ? 92  LEU A CA  1 
ATOM   729  C C   . LEU A 1 92  ? 3.381   12.683  1.975   1.00 42.64  ? 92  LEU A C   1 
ATOM   730  O O   . LEU A 1 92  ? 2.597   13.182  2.784   1.00 42.76  ? 92  LEU A O   1 
ATOM   731  C CB  . LEU A 1 92  ? 5.360   12.250  3.406   1.00 42.69  ? 92  LEU A CB  1 
ATOM   732  C CG  . LEU A 1 92  ? 6.346   11.267  4.038   1.00 46.64  ? 92  LEU A CG  1 
ATOM   733  C CD1 . LEU A 1 92  ? 7.133   11.969  5.144   1.00 49.06  ? 92  LEU A CD1 1 
ATOM   734  C CD2 . LEU A 1 92  ? 5.587   10.054  4.589   1.00 47.73  ? 92  LEU A CD2 1 
ATOM   735  N N   . ARG A 1 93  ? 3.412   13.020  0.691   1.00 42.99  ? 93  ARG A N   1 
ATOM   736  C CA  . ARG A 1 93  ? 2.533   14.044  0.152   1.00 47.62  ? 93  ARG A CA  1 
ATOM   737  C C   . ARG A 1 93  ? 1.613   13.559  -0.960  1.00 44.67  ? 93  ARG A C   1 
ATOM   738  O O   . ARG A 1 93  ? 1.194   14.345  -1.808  1.00 49.81  ? 93  ARG A O   1 
ATOM   739  C CB  . ARG A 1 93  ? 3.376   15.218  -0.352  1.00 54.03  ? 93  ARG A CB  1 
ATOM   740  C CG  . ARG A 1 93  ? 4.113   15.968  0.740   1.00 66.52  ? 93  ARG A CG  1 
ATOM   741  C CD  . ARG A 1 93  ? 4.980   17.067  0.152   1.00 79.84  ? 93  ARG A CD  1 
ATOM   742  N NE  . ARG A 1 93  ? 5.472   17.987  1.175   1.00 91.20  ? 93  ARG A NE  1 
ATOM   743  C CZ  . ARG A 1 93  ? 6.042   19.162  0.913   1.00 96.84  ? 93  ARG A CZ  1 
ATOM   744  N NH1 . ARG A 1 93  ? 6.200   19.567  -0.342  1.00 99.78  ? 93  ARG A NH1 1 
ATOM   745  N NH2 . ARG A 1 93  ? 6.437   19.948  1.909   1.00 100.00 ? 93  ARG A NH2 1 
ATOM   746  N N   . LEU A 1 94  ? 1.280   12.275  -0.953  1.00 41.38  ? 94  LEU A N   1 
ATOM   747  C CA  . LEU A 1 94  ? 0.404   11.736  -1.987  1.00 39.63  ? 94  LEU A CA  1 
ATOM   748  C C   . LEU A 1 94  ? -1.028  12.247  -1.845  1.00 38.13  ? 94  LEU A C   1 
ATOM   749  O O   . LEU A 1 94  ? -1.450  12.679  -0.771  1.00 40.95  ? 94  LEU A O   1 
ATOM   750  C CB  . LEU A 1 94  ? 0.417   10.206  -1.966  1.00 36.80  ? 94  LEU A CB  1 
ATOM   751  C CG  . LEU A 1 94  ? 1.768   9.521   -2.174  1.00 37.34  ? 94  LEU A CG  1 
ATOM   752  C CD1 . LEU A 1 94  ? 1.567   8.024   -2.239  1.00 37.14  ? 94  LEU A CD1 1 
ATOM   753  C CD2 . LEU A 1 94  ? 2.412   10.011  -3.453  1.00 38.11  ? 94  LEU A CD2 1 
ATOM   754  N N   . ALA A 1 95  ? -1.770  12.201  -2.943  1.00 35.14  ? 95  ALA A N   1 
ATOM   755  C CA  . ALA A 1 95  ? -3.152  12.639  -2.962  1.00 29.42  ? 95  ALA A CA  1 
ATOM   756  C C   . ALA A 1 95  ? -4.030  11.410  -3.135  1.00 28.91  ? 95  ALA A C   1 
ATOM   757  O O   . ALA A 1 95  ? -3.648  10.459  -3.813  1.00 28.24  ? 95  ALA A O   1 
ATOM   758  C CB  . ALA A 1 95  ? -3.374  13.605  -4.106  1.00 32.12  ? 95  ALA A CB  1 
ATOM   759  N N   . PRO A 1 96  ? -5.187  11.378  -2.457  1.00 27.49  ? 96  PRO A N   1 
ATOM   760  C CA  . PRO A 1 96  ? -6.079  10.225  -2.586  1.00 26.76  ? 96  PRO A CA  1 
ATOM   761  C C   . PRO A 1 96  ? -6.786  10.205  -3.928  1.00 25.80  ? 96  PRO A C   1 
ATOM   762  O O   . PRO A 1 96  ? -6.790  11.202  -4.656  1.00 28.84  ? 96  PRO A O   1 
ATOM   763  C CB  . PRO A 1 96  ? -7.074  10.440  -1.446  1.00 27.08  ? 96  PRO A CB  1 
ATOM   764  C CG  . PRO A 1 96  ? -7.131  11.930  -1.325  1.00 27.46  ? 96  PRO A CG  1 
ATOM   765  C CD  . PRO A 1 96  ? -5.681  12.314  -1.432  1.00 29.45  ? 96  PRO A CD  1 
ATOM   766  N N   . PHE A 1 97  ? -7.325  9.052   -4.289  1.00 22.88  ? 97  PHE A N   1 
ATOM   767  C CA  . PHE A 1 97  ? -8.072  8.951   -5.530  1.00 26.32  ? 97  PHE A CA  1 
ATOM   768  C C   . PHE A 1 97  ? -9.386  9.709   -5.274  1.00 30.18  ? 97  PHE A C   1 
ATOM   769  O O   . PHE A 1 97  ? -9.895  9.707   -4.146  1.00 29.40  ? 97  PHE A O   1 
ATOM   770  C CB  . PHE A 1 97  ? -8.334  7.489   -5.874  1.00 19.38  ? 97  PHE A CB  1 
ATOM   771  C CG  . PHE A 1 97  ? -7.109  6.721   -6.292  1.00 24.30  ? 97  PHE A CG  1 
ATOM   772  C CD1 . PHE A 1 97  ? -6.698  6.714   -7.622  1.00 22.63  ? 97  PHE A CD1 1 
ATOM   773  C CD2 . PHE A 1 97  ? -6.401  5.951   -5.375  1.00 23.54  ? 97  PHE A CD2 1 
ATOM   774  C CE1 . PHE A 1 97  ? -5.608  5.949   -8.033  1.00 25.47  ? 97  PHE A CE1 1 
ATOM   775  C CE2 . PHE A 1 97  ? -5.306  5.183   -5.775  1.00 23.49  ? 97  PHE A CE2 1 
ATOM   776  C CZ  . PHE A 1 97  ? -4.911  5.180   -7.108  1.00 22.66  ? 97  PHE A CZ  1 
ATOM   777  N N   . SER A 1 98  ? -9.934  10.346  -6.307  1.00 33.07  ? 98  SER A N   1 
ATOM   778  C CA  . SER A 1 98  ? -11.161 11.142  -6.189  1.00 32.28  ? 98  SER A CA  1 
ATOM   779  C C   . SER A 1 98  ? -12.290 10.577  -5.319  1.00 29.50  ? 98  SER A C   1 
ATOM   780  O O   . SER A 1 98  ? -12.800 11.280  -4.447  1.00 31.30  ? 98  SER A O   1 
ATOM   781  C CB  . SER A 1 98  ? -11.692 11.511  -7.579  1.00 31.17  ? 98  SER A CB  1 
ATOM   782  O OG  . SER A 1 98  ? -11.693 10.390  -8.439  1.00 39.04  ? 98  SER A OG  1 
ATOM   783  N N   . GLU A 1 99  ? -12.681 9.325   -5.549  1.00 26.88  ? 99  GLU A N   1 
ATOM   784  C CA  . GLU A 1 99  ? -13.752 8.704   -4.765  1.00 26.28  ? 99  GLU A CA  1 
ATOM   785  C C   . GLU A 1 99  ? -13.422 8.374   -3.318  1.00 25.65  ? 99  GLU A C   1 
ATOM   786  O O   . GLU A 1 99  ? -14.322 8.254   -2.486  1.00 29.57  ? 99  GLU A O   1 
ATOM   787  C CB  . GLU A 1 99  ? -14.309 7.433   -5.433  1.00 25.17  ? 99  GLU A CB  1 
ATOM   788  C CG  . GLU A 1 99  ? -13.461 6.734   -6.507  1.00 30.45  ? 99  GLU A CG  1 
ATOM   789  C CD  . GLU A 1 99  ? -12.163 6.139   -6.012  1.00 23.21  ? 99  GLU A CD  1 
ATOM   790  O OE1 . GLU A 1 99  ? -12.134 4.966   -5.590  1.00 24.46  ? 99  GLU A OE1 1 
ATOM   791  O OE2 . GLU A 1 99  ? -11.150 6.839   -6.092  1.00 29.55  ? 99  GLU A OE2 1 
ATOM   792  N N   . VAL A 1 100 ? -12.141 8.254   -3.008  1.00 25.41  ? 100 VAL A N   1 
ATOM   793  C CA  . VAL A 1 100 ? -11.700 7.874   -1.671  1.00 27.32  ? 100 VAL A CA  1 
ATOM   794  C C   . VAL A 1 100 ? -12.309 8.620   -0.478  1.00 25.62  ? 100 VAL A C   1 
ATOM   795  O O   . VAL A 1 100 ? -12.973 7.999   0.360   1.00 25.68  ? 100 VAL A O   1 
ATOM   796  C CB  . VAL A 1 100 ? -10.141 7.821   -1.594  1.00 27.91  ? 100 VAL A CB  1 
ATOM   797  C CG1 . VAL A 1 100 ? -9.660  7.681   -0.159  1.00 26.43  ? 100 VAL A CG1 1 
ATOM   798  C CG2 . VAL A 1 100 ? -9.634  6.649   -2.433  1.00 24.68  ? 100 VAL A CG2 1 
ATOM   799  N N   . PRO A 1 101 ? -12.149 9.946   -0.405  1.00 25.66  ? 101 PRO A N   1 
ATOM   800  C CA  . PRO A 1 101 ? -12.711 10.704  0.728   1.00 24.50  ? 101 PRO A CA  1 
ATOM   801  C C   . PRO A 1 101 ? -14.194 10.444  1.026   1.00 26.65  ? 101 PRO A C   1 
ATOM   802  O O   . PRO A 1 101 ? -14.554 10.046  2.131   1.00 27.32  ? 101 PRO A O   1 
ATOM   803  C CB  . PRO A 1 101 ? -12.461 12.146  0.306   1.00 25.20  ? 101 PRO A CB  1 
ATOM   804  C CG  . PRO A 1 101 ? -11.177 12.039  -0.461  1.00 21.25  ? 101 PRO A CG  1 
ATOM   805  C CD  . PRO A 1 101 ? -11.442 10.843  -1.329  1.00 23.39  ? 101 PRO A CD  1 
ATOM   806  N N   . ASP A 1 102 ? -15.042 10.624  0.024   1.00 27.71  ? 102 ASP A N   1 
ATOM   807  C CA  . ASP A 1 102 ? -16.477 10.423  0.196   1.00 30.33  ? 102 ASP A CA  1 
ATOM   808  C C   . ASP A 1 102 ? -16.813 8.983   0.524   1.00 28.32  ? 102 ASP A C   1 
ATOM   809  O O   . ASP A 1 102 ? -17.692 8.717   1.349   1.00 24.13  ? 102 ASP A O   1 
ATOM   810  C CB  . ASP A 1 102 ? -17.213 10.849  -1.070  1.00 39.52  ? 102 ASP A CB  1 
ATOM   811  C CG  . ASP A 1 102 ? -16.794 12.222  -1.539  1.00 51.15  ? 102 ASP A CG  1 
ATOM   812  O OD1 . ASP A 1 102 ? -15.783 12.316  -2.274  1.00 59.18  ? 102 ASP A OD1 1 
ATOM   813  O OD2 . ASP A 1 102 ? -17.452 13.208  -1.142  1.00 53.13  ? 102 ASP A OD2 1 
ATOM   814  N N   . SER A 1 103 ? -16.112 8.059   -0.120  1.00 24.91  ? 103 SER A N   1 
ATOM   815  C CA  . SER A 1 103 ? -16.342 6.644   0.110   1.00 23.28  ? 103 SER A CA  1 
ATOM   816  C C   . SER A 1 103 ? -16.004 6.237   1.532   1.00 18.82  ? 103 SER A C   1 
ATOM   817  O O   . SER A 1 103 ? -16.715 5.434   2.133   1.00 19.90  ? 103 SER A O   1 
ATOM   818  C CB  . SER A 1 103 ? -15.547 5.813   -0.888  1.00 20.75  ? 103 SER A CB  1 
ATOM   819  O OG  . SER A 1 103 ? -16.062 5.991   -2.194  1.00 24.41  ? 103 SER A OG  1 
ATOM   820  N N   . LEU A 1 104 ? -14.932 6.803   2.074   1.00 20.00  ? 104 LEU A N   1 
ATOM   821  C CA  . LEU A 1 104 ? -14.512 6.505   3.440   1.00 26.02  ? 104 LEU A CA  1 
ATOM   822  C C   . LEU A 1 104 ? -15.552 7.008   4.441   1.00 28.64  ? 104 LEU A C   1 
ATOM   823  O O   . LEU A 1 104 ? -15.917 6.283   5.379   1.00 28.81  ? 104 LEU A O   1 
ATOM   824  C CB  . LEU A 1 104 ? -13.143 7.121   3.725   1.00 20.99  ? 104 LEU A CB  1 
ATOM   825  C CG  . LEU A 1 104 ? -11.951 6.389   3.104   1.00 21.14  ? 104 LEU A CG  1 
ATOM   826  C CD1 . LEU A 1 104 ? -10.656 7.071   3.523   1.00 19.65  ? 104 LEU A CD1 1 
ATOM   827  C CD2 . LEU A 1 104 ? -11.950 4.922   3.532   1.00 18.59  ? 104 LEU A CD2 1 
ATOM   828  N N   . ARG A 1 105 ? -16.038 8.234   4.210   1.00 31.29  ? 105 ARG A N   1 
ATOM   829  C CA  . ARG A 1 105 ? -17.071 8.880   5.036   1.00 33.29  ? 105 ARG A CA  1 
ATOM   830  C C   . ARG A 1 105 ? -18.301 7.982   5.122   1.00 30.58  ? 105 ARG A C   1 
ATOM   831  O O   . ARG A 1 105 ? -18.861 7.755   6.198   1.00 35.55  ? 105 ARG A O   1 
ATOM   832  C CB  . ARG A 1 105 ? -17.539 10.202  4.407   1.00 42.16  ? 105 ARG A CB  1 
ATOM   833  C CG  . ARG A 1 105 ? -16.443 11.154  4.031   1.00 58.77  ? 105 ARG A CG  1 
ATOM   834  C CD  . ARG A 1 105 ? -16.423 12.420  5.027   1.00 69.28  ? 105 ARG A CD  1 
ATOM   835  N NE  . ARG A 1 105 ? -17.081 13.636  4.470   1.00 80.56  ? 105 ARG A NE  1 
ATOM   836  C CZ  . ARG A 1 105 ? -16.560 14.283  3.444   1.00 86.22  ? 105 ARG A CZ  1 
ATOM   837  N NH1 . ARG A 1 105 ? -15.455 13.819  2.908   1.00 88.58  ? 105 ARG A NH1 1 
ATOM   838  N NH2 . ARG A 1 105 ? -16.952 15.488  3.133   1.00 91.09  ? 105 ARG A NH2 1 
ATOM   839  N N   . GLU A 1 106 ? -18.731 7.501   3.964   1.00 26.16  ? 106 GLU A N   1 
ATOM   840  C CA  . GLU A 1 106 ? -19.900 6.655   3.854   1.00 26.24  ? 106 GLU A CA  1 
ATOM   841  C C   . GLU A 1 106 ? -19.740 5.329   4.571   1.00 29.21  ? 106 GLU A C   1 
ATOM   842  O O   . GLU A 1 106 ? -20.665 4.859   5.238   1.00 28.50  ? 106 GLU A O   1 
ATOM   843  C CB  . GLU A 1 106 ? -20.236 6.434   2.378   1.00 31.79  ? 106 GLU A CB  1 
ATOM   844  C CG  . GLU A 1 106 ? -21.534 5.684   2.115   1.00 43.78  ? 106 GLU A CG  1 
ATOM   845  C CD  . GLU A 1 106 ? -22.769 6.391   2.667   1.00 54.03  ? 106 GLU A CD  1 
ATOM   846  O OE1 . GLU A 1 106 ? -22.798 7.642   2.687   1.00 57.96  ? 106 GLU A OE1 1 
ATOM   847  O OE2 . GLU A 1 106 ? -23.720 5.686   3.074   1.00 55.71  ? 106 GLU A OE2 1 
ATOM   848  N N   . LEU A 1 107 ? -18.557 4.737   4.453   1.00 31.81  ? 107 LEU A N   1 
ATOM   849  C CA  . LEU A 1 107 ? -18.283 3.460   5.099   1.00 30.29  ? 107 LEU A CA  1 
ATOM   850  C C   . LEU A 1 107 ? -18.282 3.593   6.617   1.00 27.70  ? 107 LEU A C   1 
ATOM   851  O O   . LEU A 1 107 ? -18.818 2.738   7.325   1.00 26.15  ? 107 LEU A O   1 
ATOM   852  C CB  . LEU A 1 107 ? -16.947 2.890   4.613   1.00 28.05  ? 107 LEU A CB  1 
ATOM   853  C CG  . LEU A 1 107 ? -16.923 2.453   3.146   1.00 26.23  ? 107 LEU A CG  1 
ATOM   854  C CD1 . LEU A 1 107 ? -15.491 2.219   2.694   1.00 26.82  ? 107 LEU A CD1 1 
ATOM   855  C CD2 . LEU A 1 107 ? -17.780 1.214   2.953   1.00 20.24  ? 107 LEU A CD2 1 
ATOM   856  N N   . LYS A 1 108 ? -17.703 4.678   7.114   1.00 29.72  ? 108 LYS A N   1 
ATOM   857  C CA  . LYS A 1 108 ? -17.653 4.906   8.545   1.00 36.81  ? 108 LYS A CA  1 
ATOM   858  C C   . LYS A 1 108 ? -19.058 5.165   9.074   1.00 40.58  ? 108 LYS A C   1 
ATOM   859  O O   . LYS A 1 108 ? -19.414 4.701   10.158  1.00 40.95  ? 108 LYS A O   1 
ATOM   860  C CB  . LYS A 1 108 ? -16.727 6.077   8.877   1.00 40.63  ? 108 LYS A CB  1 
ATOM   861  C CG  . LYS A 1 108 ? -16.258 6.089   10.327  1.00 48.13  ? 108 LYS A CG  1 
ATOM   862  C CD  . LYS A 1 108 ? -15.590 4.761   10.699  1.00 56.39  ? 108 LYS A CD  1 
ATOM   863  C CE  . LYS A 1 108 ? -15.252 4.691   12.181  1.00 59.18  ? 108 LYS A CE  1 
ATOM   864  N NZ  . LYS A 1 108 ? -14.250 5.724   12.585  1.00 65.20  ? 108 LYS A NZ  1 
ATOM   865  N N   . ARG A 1 109 ? -19.870 5.866   8.284   1.00 42.16  ? 109 ARG A N   1 
ATOM   866  C CA  . ARG A 1 109 ? -21.244 6.169   8.678   1.00 41.23  ? 109 ARG A CA  1 
ATOM   867  C C   . ARG A 1 109 ? -22.031 4.877   8.849   1.00 41.41  ? 109 ARG A C   1 
ATOM   868  O O   . ARG A 1 109 ? -23.042 4.853   9.549   1.00 44.69  ? 109 ARG A O   1 
ATOM   869  C CB  . ARG A 1 109 ? -21.921 7.069   7.642   1.00 40.30  ? 109 ARG A CB  1 
ATOM   870  N N   . ARG A 1 110 ? -21.561 3.803   8.217   1.00 39.26  ? 110 ARG A N   1 
ATOM   871  C CA  . ARG A 1 110 ? -22.224 2.503   8.312   1.00 37.75  ? 110 ARG A CA  1 
ATOM   872  C C   . ARG A 1 110 ? -21.741 1.673   9.509   1.00 34.33  ? 110 ARG A C   1 
ATOM   873  O O   . ARG A 1 110 ? -22.068 0.491   9.640   1.00 36.84  ? 110 ARG A O   1 
ATOM   874  C CB  . ARG A 1 110 ? -22.089 1.735   6.992   1.00 40.15  ? 110 ARG A CB  1 
ATOM   875  C CG  . ARG A 1 110 ? -22.655 2.534   5.836   1.00 46.75  ? 110 ARG A CG  1 
ATOM   876  C CD  . ARG A 1 110 ? -22.865 1.756   4.558   1.00 54.06  ? 110 ARG A CD  1 
ATOM   877  N NE  . ARG A 1 110 ? -23.607 2.585   3.605   1.00 63.85  ? 110 ARG A NE  1 
ATOM   878  C CZ  . ARG A 1 110 ? -23.971 2.208   2.382   1.00 69.51  ? 110 ARG A CZ  1 
ATOM   879  N NH1 . ARG A 1 110 ? -23.656 1.001   1.929   1.00 72.02  ? 110 ARG A NH1 1 
ATOM   880  N NH2 . ARG A 1 110 ? -24.646 3.046   1.602   1.00 67.77  ? 110 ARG A NH2 1 
ATOM   881  N N   . GLY A 1 111 ? -20.971 2.312   10.387  1.00 31.76  ? 111 GLY A N   1 
ATOM   882  C CA  . GLY A 1 111 ? -20.473 1.646   11.576  1.00 35.84  ? 111 GLY A CA  1 
ATOM   883  C C   . GLY A 1 111 ? -19.403 0.584   11.386  1.00 37.50  ? 111 GLY A C   1 
ATOM   884  O O   . GLY A 1 111 ? -19.263 -0.310  12.223  1.00 39.10  ? 111 GLY A O   1 
ATOM   885  N N   . LEU A 1 112 ? -18.644 0.676   10.301  1.00 36.97  ? 112 LEU A N   1 
ATOM   886  C CA  . LEU A 1 112 ? -17.581 -0.283  10.032  1.00 30.53  ? 112 LEU A CA  1 
ATOM   887  C C   . LEU A 1 112 ? -16.284 0.211   10.632  1.00 28.23  ? 112 LEU A C   1 
ATOM   888  O O   . LEU A 1 112 ? -16.045 1.423   10.697  1.00 26.56  ? 112 LEU A O   1 
ATOM   889  C CB  . LEU A 1 112 ? -17.388 -0.457  8.531   1.00 26.82  ? 112 LEU A CB  1 
ATOM   890  C CG  . LEU A 1 112 ? -18.555 -1.103  7.806   1.00 30.42  ? 112 LEU A CG  1 
ATOM   891  C CD1 . LEU A 1 112 ? -18.408 -0.882  6.320   1.00 31.64  ? 112 LEU A CD1 1 
ATOM   892  C CD2 . LEU A 1 112 ? -18.633 -2.584  8.154   1.00 28.08  ? 112 LEU A CD2 1 
ATOM   893  N N   . LYS A 1 113 ? -15.491 -0.721  11.149  1.00 28.11  ? 113 LYS A N   1 
ATOM   894  C CA  . LYS A 1 113 ? -14.191 -0.377  11.703  1.00 27.84  ? 113 LYS A CA  1 
ATOM   895  C C   . LYS A 1 113 ? -13.286 -0.338  10.484  1.00 25.02  ? 113 LYS A C   1 
ATOM   896  O O   . LYS A 1 113 ? -13.328 -1.245  9.652   1.00 24.30  ? 113 LYS A O   1 
ATOM   897  C CB  . LYS A 1 113 ? -13.702 -1.436  12.694  1.00 26.68  ? 113 LYS A CB  1 
ATOM   898  C CG  . LYS A 1 113 ? -14.444 -1.436  14.018  1.00 37.81  ? 113 LYS A CG  1 
ATOM   899  C CD  . LYS A 1 113 ? -13.631 -2.124  15.117  1.00 43.85  ? 113 LYS A CD  1 
ATOM   900  C CE  . LYS A 1 113 ? -12.278 -1.439  15.320  1.00 49.01  ? 113 LYS A CE  1 
ATOM   901  N NZ  . LYS A 1 113 ? -11.521 -1.948  16.503  1.00 46.06  ? 113 LYS A NZ  1 
ATOM   902  N N   . LEU A 1 114 ? -12.521 0.736   10.349  1.00 25.99  ? 114 LEU A N   1 
ATOM   903  C CA  . LEU A 1 114 ? -11.641 0.907   9.205   1.00 23.34  ? 114 LEU A CA  1 
ATOM   904  C C   . LEU A 1 114 ? -10.183 0.946   9.639   1.00 23.46  ? 114 LEU A C   1 
ATOM   905  O O   . LEU A 1 114 ? -9.825  1.651   10.582  1.00 23.26  ? 114 LEU A O   1 
ATOM   906  C CB  . LEU A 1 114 ? -12.012 2.195   8.451   1.00 25.17  ? 114 LEU A CB  1 
ATOM   907  C CG  . LEU A 1 114 ? -13.450 2.331   7.930   1.00 25.22  ? 114 LEU A CG  1 
ATOM   908  C CD1 . LEU A 1 114 ? -13.648 3.686   7.275   1.00 25.13  ? 114 LEU A CD1 1 
ATOM   909  C CD2 . LEU A 1 114 ? -13.770 1.219   6.955   1.00 21.21  ? 114 LEU A CD2 1 
ATOM   910  N N   . ALA A 1 115 ? -9.347  0.171   8.962   1.00 23.83  ? 115 ALA A N   1 
ATOM   911  C CA  . ALA A 1 115 ? -7.929  0.133   9.282   1.00 23.41  ? 115 ALA A CA  1 
ATOM   912  C C   . ALA A 1 115 ? -7.077  0.150   8.014   1.00 22.91  ? 115 ALA A C   1 
ATOM   913  O O   . ALA A 1 115 ? -7.535  -0.225  6.928   1.00 21.00  ? 115 ALA A O   1 
ATOM   914  C CB  . ALA A 1 115 ? -7.605  -1.117  10.110  1.00 19.66  ? 115 ALA A CB  1 
ATOM   915  N N   . ILE A 1 116 ? -5.861  0.657   8.154   1.00 20.18  ? 116 ILE A N   1 
ATOM   916  C CA  . ILE A 1 116 ? -4.903  0.699   7.064   1.00 20.97  ? 116 ILE A CA  1 
ATOM   917  C C   . ILE A 1 116 ? -3.743  -0.184  7.509   1.00 20.59  ? 116 ILE A C   1 
ATOM   918  O O   . ILE A 1 116 ? -3.309  -0.105  8.656   1.00 22.08  ? 116 ILE A O   1 
ATOM   919  C CB  . ILE A 1 116 ? -4.352  2.119   6.833   1.00 19.45  ? 116 ILE A CB  1 
ATOM   920  C CG1 . ILE A 1 116 ? -5.433  3.009   6.221   1.00 20.14  ? 116 ILE A CG1 1 
ATOM   921  C CG2 . ILE A 1 116 ? -3.110  2.072   5.932   1.00 20.25  ? 116 ILE A CG2 1 
ATOM   922  C CD1 . ILE A 1 116 ? -5.024  4.446   6.092   1.00 21.89  ? 116 ILE A CD1 1 
ATOM   923  N N   . LEU A 1 117 ? -3.308  -1.079  6.633   1.00 20.79  ? 117 LEU A N   1 
ATOM   924  C CA  . LEU A 1 117 ? -2.176  -1.946  6.912   1.00 19.31  ? 117 LEU A CA  1 
ATOM   925  C C   . LEU A 1 117 ? -1.213  -1.685  5.761   1.00 18.87  ? 117 LEU A C   1 
ATOM   926  O O   . LEU A 1 117 ? -1.458  -2.120  4.635   1.00 20.70  ? 117 LEU A O   1 
ATOM   927  C CB  . LEU A 1 117 ? -2.604  -3.415  6.944   1.00 19.95  ? 117 LEU A CB  1 
ATOM   928  C CG  . LEU A 1 117 ? -1.478  -4.459  7.007   1.00 21.29  ? 117 LEU A CG  1 
ATOM   929  C CD1 . LEU A 1 117 ? -0.580  -4.258  8.230   1.00 15.79  ? 117 LEU A CD1 1 
ATOM   930  C CD2 . LEU A 1 117 ? -2.090  -5.837  7.009   1.00 21.57  ? 117 LEU A CD2 1 
ATOM   931  N N   . SER A 1 118 ? -0.154  -0.934  6.040   1.00 16.72  ? 118 SER A N   1 
ATOM   932  C CA  . SER A 1 118 ? 0.839   -0.571  5.032   1.00 20.69  ? 118 SER A CA  1 
ATOM   933  C C   . SER A 1 118 ? 2.265   -0.972  5.449   1.00 22.79  ? 118 SER A C   1 
ATOM   934  O O   . SER A 1 118 ? 2.466   -1.584  6.502   1.00 23.76  ? 118 SER A O   1 
ATOM   935  C CB  . SER A 1 118 ? 0.750   0.939   4.781   1.00 22.65  ? 118 SER A CB  1 
ATOM   936  O OG  . SER A 1 118 ? 1.637   1.374   3.769   1.00 26.75  ? 118 SER A OG  1 
ATOM   937  N N   . ASN A 1 119 ? 3.251   -0.597  4.633   1.00 23.04  ? 119 ASN A N   1 
ATOM   938  C CA  . ASN A 1 119 ? 4.656   -0.922  4.885   1.00 21.29  ? 119 ASN A CA  1 
ATOM   939  C C   . ASN A 1 119 ? 5.429   0.114   5.676   1.00 22.48  ? 119 ASN A C   1 
ATOM   940  O O   . ASN A 1 119 ? 6.364   -0.228  6.405   1.00 23.83  ? 119 ASN A O   1 
ATOM   941  C CB  . ASN A 1 119 ? 5.394   -1.159  3.572   1.00 19.60  ? 119 ASN A CB  1 
ATOM   942  C CG  . ASN A 1 119 ? 5.030   -2.462  2.928   1.00 17.53  ? 119 ASN A CG  1 
ATOM   943  O OD1 . ASN A 1 119 ? 4.434   -3.332  3.551   1.00 21.99  ? 119 ASN A OD1 1 
ATOM   944  N ND2 . ASN A 1 119 ? 5.414   -2.617  1.680   1.00 25.23  ? 119 ASN A ND2 1 
ATOM   945  N N   . GLY A 1 120 ? 5.070   1.378   5.490   1.00 20.86  ? 120 GLY A N   1 
ATOM   946  C CA  . GLY A 1 120 ? 5.762   2.460   6.169   1.00 23.18  ? 120 GLY A CA  1 
ATOM   947  C C   . GLY A 1 120 ? 5.482   2.570   7.649   1.00 24.71  ? 120 GLY A C   1 
ATOM   948  O O   . GLY A 1 120 ? 4.568   1.928   8.172   1.00 27.38  ? 120 GLY A O   1 
ATOM   949  N N   . SER A 1 121 ? 6.273   3.397   8.324   1.00 25.53  ? 121 SER A N   1 
ATOM   950  C CA  . SER A 1 121 ? 6.126   3.609   9.756   1.00 27.10  ? 121 SER A CA  1 
ATOM   951  C C   . SER A 1 121 ? 4.745   4.166   10.060  1.00 27.83  ? 121 SER A C   1 
ATOM   952  O O   . SER A 1 121 ? 4.074   4.705   9.180   1.00 26.17  ? 121 SER A O   1 
ATOM   953  C CB  . SER A 1 121 ? 7.184   4.599   10.250  1.00 28.23  ? 121 SER A CB  1 
ATOM   954  O OG  . SER A 1 121 ? 6.938   5.911   9.760   1.00 28.91  ? 121 SER A OG  1 
ATOM   955  N N   . PRO A 1 122 ? 4.284   4.024   11.310  1.00 28.33  ? 122 PRO A N   1 
ATOM   956  C CA  . PRO A 1 122 ? 2.961   4.555   11.649  1.00 28.22  ? 122 PRO A CA  1 
ATOM   957  C C   . PRO A 1 122 ? 2.970   6.079   11.500  1.00 27.76  ? 122 PRO A C   1 
ATOM   958  O O   . PRO A 1 122 ? 1.955   6.692   11.159  1.00 26.60  ? 122 PRO A O   1 
ATOM   959  C CB  . PRO A 1 122 ? 2.793   4.113   13.099  1.00 30.83  ? 122 PRO A CB  1 
ATOM   960  C CG  . PRO A 1 122 ? 3.573   2.813   13.141  1.00 28.55  ? 122 PRO A CG  1 
ATOM   961  C CD  . PRO A 1 122 ? 4.827   3.215   12.415  1.00 28.71  ? 122 PRO A CD  1 
ATOM   962  N N   . GLN A 1 123 ? 4.140   6.677   11.714  1.00 28.97  ? 123 GLN A N   1 
ATOM   963  C CA  . GLN A 1 123 ? 4.302   8.122   11.589  1.00 32.09  ? 123 GLN A CA  1 
ATOM   964  C C   . GLN A 1 123 ? 4.186   8.571   10.128  1.00 31.47  ? 123 GLN A C   1 
ATOM   965  O O   . GLN A 1 123 ? 3.577   9.600   9.837   1.00 31.43  ? 123 GLN A O   1 
ATOM   966  C CB  . GLN A 1 123 ? 5.639   8.582   12.190  1.00 30.89  ? 123 GLN A CB  1 
ATOM   967  C CG  . GLN A 1 123 ? 5.762   8.384   13.704  1.00 30.48  ? 123 GLN A CG  1 
ATOM   968  C CD  . GLN A 1 123 ? 6.512   7.114   14.084  1.00 34.10  ? 123 GLN A CD  1 
ATOM   969  O OE1 . GLN A 1 123 ? 6.288   6.050   13.507  1.00 36.93  ? 123 GLN A OE1 1 
ATOM   970  N NE2 . GLN A 1 123 ? 7.415   7.228   15.047  1.00 32.63  ? 123 GLN A NE2 1 
ATOM   971  N N   . SER A 1 124 ? 4.738   7.791   9.203   1.00 30.21  ? 124 SER A N   1 
ATOM   972  C CA  . SER A 1 124 ? 4.649   8.157   7.794   1.00 27.75  ? 124 SER A CA  1 
ATOM   973  C C   . SER A 1 124 ? 3.219   7.952   7.287   1.00 25.64  ? 124 SER A C   1 
ATOM   974  O O   . SER A 1 124 ? 2.687   8.786   6.554   1.00 25.70  ? 124 SER A O   1 
ATOM   975  C CB  . SER A 1 124 ? 5.643   7.353   6.961   1.00 28.35  ? 124 SER A CB  1 
ATOM   976  O OG  . SER A 1 124 ? 5.312   5.979   6.959   1.00 34.82  ? 124 SER A OG  1 
ATOM   977  N N   . ILE A 1 125 ? 2.598   6.846   7.690   1.00 21.57  ? 125 ILE A N   1 
ATOM   978  C CA  . ILE A 1 125 ? 1.225   6.549   7.299   1.00 23.71  ? 125 ILE A CA  1 
ATOM   979  C C   . ILE A 1 125 ? 0.334   7.684   7.797   1.00 28.76  ? 125 ILE A C   1 
ATOM   980  O O   . ILE A 1 125 ? -0.559  8.146   7.085   1.00 33.04  ? 125 ILE A O   1 
ATOM   981  C CB  . ILE A 1 125 ? 0.713   5.234   7.939   1.00 23.71  ? 125 ILE A CB  1 
ATOM   982  C CG1 . ILE A 1 125 ? 1.579   4.047   7.525   1.00 22.51  ? 125 ILE A CG1 1 
ATOM   983  C CG2 . ILE A 1 125 ? -0.723  4.977   7.526   1.00 24.09  ? 125 ILE A CG2 1 
ATOM   984  C CD1 . ILE A 1 125 ? 1.161   2.755   8.180   1.00 21.62  ? 125 ILE A CD1 1 
ATOM   985  N N   . ASP A 1 126 ? 0.589   8.128   9.026   1.00 30.35  ? 126 ASP A N   1 
ATOM   986  C CA  . ASP A 1 126 ? -0.178  9.205   9.644   1.00 31.37  ? 126 ASP A CA  1 
ATOM   987  C C   . ASP A 1 126 ? -0.041  10.505  8.853   1.00 28.97  ? 126 ASP A C   1 
ATOM   988  O O   . ASP A 1 126 ? -1.034  11.184  8.593   1.00 25.91  ? 126 ASP A O   1 
ATOM   989  C CB  . ASP A 1 126 ? 0.281   9.413   11.096  1.00 33.31  ? 126 ASP A CB  1 
ATOM   990  C CG  . ASP A 1 126 ? -0.518  10.495  11.818  1.00 39.60  ? 126 ASP A CG  1 
ATOM   991  O OD1 . ASP A 1 126 ? -1.712  10.268  12.114  1.00 40.17  ? 126 ASP A OD1 1 
ATOM   992  O OD2 . ASP A 1 126 ? 0.049   11.573  12.092  1.00 41.79  ? 126 ASP A OD2 1 
ATOM   993  N N   . ALA A 1 127 ? 1.187   10.835  8.463   1.00 27.84  ? 127 ALA A N   1 
ATOM   994  C CA  . ALA A 1 127 ? 1.461   12.048  7.699   1.00 28.35  ? 127 ALA A CA  1 
ATOM   995  C C   . ALA A 1 127 ? 0.657   12.098  6.407   1.00 30.42  ? 127 ALA A C   1 
ATOM   996  O O   . ALA A 1 127 ? 0.055   13.125  6.097   1.00 34.20  ? 127 ALA A O   1 
ATOM   997  C CB  . ALA A 1 127 ? 2.944   12.163  7.394   1.00 26.77  ? 127 ALA A CB  1 
ATOM   998  N N   . VAL A 1 128 ? 0.616   10.987  5.678   1.00 30.63  ? 128 VAL A N   1 
ATOM   999  C CA  . VAL A 1 128 ? -0.119  10.917  4.418   1.00 32.80  ? 128 VAL A CA  1 
ATOM   1000 C C   . VAL A 1 128 ? -1.626  11.111  4.621   1.00 34.42  ? 128 VAL A C   1 
ATOM   1001 O O   . VAL A 1 128 ? -2.252  11.914  3.921   1.00 32.73  ? 128 VAL A O   1 
ATOM   1002 C CB  . VAL A 1 128 ? 0.117   9.573   3.684   1.00 30.89  ? 128 VAL A CB  1 
ATOM   1003 C CG1 . VAL A 1 128 ? -0.521  9.610   2.315   1.00 33.62  ? 128 VAL A CG1 1 
ATOM   1004 C CG2 . VAL A 1 128 ? 1.598   9.286   3.555   1.00 36.71  ? 128 VAL A CG2 1 
ATOM   1005 N N   . VAL A 1 129 ? -2.215  10.365  5.557   1.00 34.90  ? 129 VAL A N   1 
ATOM   1006 C CA  . VAL A 1 129 ? -3.652  10.485  5.824   1.00 36.00  ? 129 VAL A CA  1 
ATOM   1007 C C   . VAL A 1 129 ? -4.036  11.831  6.439   1.00 36.44  ? 129 VAL A C   1 
ATOM   1008 O O   . VAL A 1 129 ? -5.079  12.391  6.096   1.00 36.58  ? 129 VAL A O   1 
ATOM   1009 C CB  . VAL A 1 129 ? -4.195  9.338   6.713   1.00 34.85  ? 129 VAL A CB  1 
ATOM   1010 C CG1 . VAL A 1 129 ? -3.974  7.997   6.035   1.00 39.40  ? 129 VAL A CG1 1 
ATOM   1011 C CG2 . VAL A 1 129 ? -3.544  9.360   8.080   1.00 40.07  ? 129 VAL A CG2 1 
ATOM   1012 N N   . SER A 1 130 ? -3.209  12.342  7.349   1.00 38.33  ? 130 SER A N   1 
ATOM   1013 C CA  . SER A 1 130 ? -3.460  13.631  7.995   1.00 37.92  ? 130 SER A CA  1 
ATOM   1014 C C   . SER A 1 130 ? -3.370  14.745  6.970   1.00 39.52  ? 130 SER A C   1 
ATOM   1015 O O   . SER A 1 130 ? -4.191  15.656  6.957   1.00 42.72  ? 130 SER A O   1 
ATOM   1016 C CB  . SER A 1 130 ? -2.442  13.890  9.107   1.00 32.95  ? 130 SER A CB  1 
ATOM   1017 O OG  . SER A 1 130 ? -2.613  12.975  10.172  1.00 39.93  ? 130 SER A OG  1 
ATOM   1018 N N   . HIS A 1 131 ? -2.381  14.643  6.092   1.00 43.66  ? 131 HIS A N   1 
ATOM   1019 C CA  . HIS A 1 131 ? -2.154  15.628  5.044   1.00 47.06  ? 131 HIS A CA  1 
ATOM   1020 C C   . HIS A 1 131 ? -3.381  15.772  4.152   1.00 45.55  ? 131 HIS A C   1 
ATOM   1021 O O   . HIS A 1 131 ? -3.667  16.862  3.660   1.00 47.77  ? 131 HIS A O   1 
ATOM   1022 C CB  . HIS A 1 131 ? -0.954  15.202  4.199   1.00 58.23  ? 131 HIS A CB  1 
ATOM   1023 C CG  . HIS A 1 131 ? -0.320  16.325  3.442   1.00 69.68  ? 131 HIS A CG  1 
ATOM   1024 N ND1 . HIS A 1 131 ? 0.545   17.221  4.026   1.00 76.63  ? 131 HIS A ND1 1 
ATOM   1025 C CD2 . HIS A 1 131 ? -0.421  16.691  2.139   1.00 74.36  ? 131 HIS A CD2 1 
ATOM   1026 C CE1 . HIS A 1 131 ? 0.951   18.094  3.125   1.00 78.30  ? 131 HIS A CE1 1 
ATOM   1027 N NE2 . HIS A 1 131 ? 0.381   17.797  1.971   1.00 78.81  ? 131 HIS A NE2 1 
ATOM   1028 N N   . ALA A 1 132 ? -4.088  14.666  3.934   1.00 41.87  ? 132 ALA A N   1 
ATOM   1029 C CA  . ALA A 1 132 ? -5.288  14.661  3.105   1.00 38.04  ? 132 ALA A CA  1 
ATOM   1030 C C   . ALA A 1 132 ? -6.541  14.946  3.938   1.00 39.09  ? 132 ALA A C   1 
ATOM   1031 O O   . ALA A 1 132 ? -7.656  14.951  3.414   1.00 39.10  ? 132 ALA A O   1 
ATOM   1032 C CB  . ALA A 1 132 ? -5.418  13.320  2.389   1.00 34.21  ? 132 ALA A CB  1 
ATOM   1033 N N   . GLY A 1 133 ? -6.351  15.174  5.235   1.00 38.50  ? 133 GLY A N   1 
ATOM   1034 C CA  . GLY A 1 133 ? -7.464  15.446  6.131   1.00 38.31  ? 133 GLY A CA  1 
ATOM   1035 C C   . GLY A 1 133 ? -8.345  14.236  6.407   1.00 38.66  ? 133 GLY A C   1 
ATOM   1036 O O   . GLY A 1 133 ? -9.449  14.370  6.932   1.00 39.54  ? 133 GLY A O   1 
ATOM   1037 N N   . LEU A 1 134 ? -7.834  13.047  6.106   1.00 40.16  ? 134 LEU A N   1 
ATOM   1038 C CA  . LEU A 1 134 ? -8.586  11.808  6.300   1.00 39.23  ? 134 LEU A CA  1 
ATOM   1039 C C   . LEU A 1 134 ? -8.234  11.038  7.577   1.00 37.96  ? 134 LEU A C   1 
ATOM   1040 O O   . LEU A 1 134 ? -8.797  9.971   7.831   1.00 39.32  ? 134 LEU A O   1 
ATOM   1041 C CB  . LEU A 1 134 ? -8.399  10.892  5.079   1.00 41.12  ? 134 LEU A CB  1 
ATOM   1042 C CG  . LEU A 1 134 ? -9.253  11.074  3.813   1.00 39.29  ? 134 LEU A CG  1 
ATOM   1043 C CD1 . LEU A 1 134 ? -9.433  12.532  3.464   1.00 43.07  ? 134 LEU A CD1 1 
ATOM   1044 C CD2 . LEU A 1 134 ? -8.613  10.328  2.651   1.00 41.23  ? 134 LEU A CD2 1 
ATOM   1045 N N   . ARG A 1 135 ? -7.351  11.591  8.402   1.00 37.37  ? 135 ARG A N   1 
ATOM   1046 C CA  . ARG A 1 135 ? -6.939  10.908  9.628   1.00 42.22  ? 135 ARG A CA  1 
ATOM   1047 C C   . ARG A 1 135 ? -8.070  10.463  10.559  1.00 43.83  ? 135 ARG A C   1 
ATOM   1048 O O   . ARG A 1 135 ? -8.025  9.370   11.113  1.00 43.92  ? 135 ARG A O   1 
ATOM   1049 C CB  . ARG A 1 135 ? -5.927  11.752  10.411  1.00 44.00  ? 135 ARG A CB  1 
ATOM   1050 C CG  . ARG A 1 135 ? -5.435  11.088  11.698  1.00 45.33  ? 135 ARG A CG  1 
ATOM   1051 C CD  . ARG A 1 135 ? -4.849  9.712   11.419  1.00 47.25  ? 135 ARG A CD  1 
ATOM   1052 N NE  . ARG A 1 135 ? -4.621  8.939   12.639  1.00 52.92  ? 135 ARG A NE  1 
ATOM   1053 C CZ  . ARG A 1 135 ? -5.401  7.942   13.058  1.00 51.94  ? 135 ARG A CZ  1 
ATOM   1054 N NH1 . ARG A 1 135 ? -6.474  7.587   12.361  1.00 53.88  ? 135 ARG A NH1 1 
ATOM   1055 N NH2 . ARG A 1 135 ? -5.090  7.274   14.160  1.00 50.46  ? 135 ARG A NH2 1 
ATOM   1056 N N   . ASP A 1 136 ? -9.105  11.281  10.690  1.00 47.12  ? 136 ASP A N   1 
ATOM   1057 C CA  . ASP A 1 136 ? -10.216 10.952  11.578  1.00 51.43  ? 136 ASP A CA  1 
ATOM   1058 C C   . ASP A 1 136 ? -11.064 9.784   11.087  1.00 49.60  ? 136 ASP A C   1 
ATOM   1059 O O   . ASP A 1 136 ? -11.922 9.280   11.817  1.00 49.21  ? 136 ASP A O   1 
ATOM   1060 C CB  . ASP A 1 136 ? -11.099 12.185  11.788  1.00 60.54  ? 136 ASP A CB  1 
ATOM   1061 C CG  . ASP A 1 136 ? -10.306 13.399  12.242  1.00 68.34  ? 136 ASP A CG  1 
ATOM   1062 O OD1 . ASP A 1 136 ? -9.698  13.346  13.335  1.00 71.45  ? 136 ASP A OD1 1 
ATOM   1063 O OD2 . ASP A 1 136 ? -10.279 14.402  11.494  1.00 73.87  ? 136 ASP A OD2 1 
ATOM   1064 N N   . GLY A 1 137 ? -10.807 9.347   9.857   1.00 47.72  ? 137 GLY A N   1 
ATOM   1065 C CA  . GLY A 1 137 ? -11.570 8.255   9.284   1.00 44.62  ? 137 GLY A CA  1 
ATOM   1066 C C   . GLY A 1 137 ? -11.089 6.844   9.566   1.00 40.33  ? 137 GLY A C   1 
ATOM   1067 O O   . GLY A 1 137 ? -11.737 5.887   9.149   1.00 44.98  ? 137 GLY A O   1 
ATOM   1068 N N   . PHE A 1 138 ? -9.988  6.694   10.295  1.00 37.29  ? 138 PHE A N   1 
ATOM   1069 C CA  . PHE A 1 138 ? -9.466  5.360   10.575  1.00 33.44  ? 138 PHE A CA  1 
ATOM   1070 C C   . PHE A 1 138 ? -9.329  4.992   12.049  1.00 31.16  ? 138 PHE A C   1 
ATOM   1071 O O   . PHE A 1 138 ? -8.832  5.772   12.859  1.00 30.57  ? 138 PHE A O   1 
ATOM   1072 C CB  . PHE A 1 138 ? -8.120  5.161   9.867   1.00 30.75  ? 138 PHE A CB  1 
ATOM   1073 C CG  . PHE A 1 138 ? -8.210  5.256   8.376   1.00 24.62  ? 138 PHE A CG  1 
ATOM   1074 C CD1 . PHE A 1 138 ? -8.712  4.196   7.632   1.00 22.04  ? 138 PHE A CD1 1 
ATOM   1075 C CD2 . PHE A 1 138 ? -7.803  6.409   7.714   1.00 25.93  ? 138 PHE A CD2 1 
ATOM   1076 C CE1 . PHE A 1 138 ? -8.817  4.283   6.250   1.00 23.25  ? 138 PHE A CE1 1 
ATOM   1077 C CE2 . PHE A 1 138 ? -7.903  6.510   6.330   1.00 25.44  ? 138 PHE A CE2 1 
ATOM   1078 C CZ  . PHE A 1 138 ? -8.409  5.443   5.598   1.00 24.23  ? 138 PHE A CZ  1 
ATOM   1079 N N   . ASP A 1 139 ? -9.773  3.784   12.377  1.00 29.38  ? 139 ASP A N   1 
ATOM   1080 C CA  . ASP A 1 139 ? -9.689  3.266   13.732  1.00 30.29  ? 139 ASP A CA  1 
ATOM   1081 C C   . ASP A 1 139 ? -8.251  2.850   14.017  1.00 30.47  ? 139 ASP A C   1 
ATOM   1082 O O   . ASP A 1 139 ? -7.760  3.012   15.135  1.00 32.00  ? 139 ASP A O   1 
ATOM   1083 C CB  . ASP A 1 139 ? -10.607 2.048   13.894  1.00 35.24  ? 139 ASP A CB  1 
ATOM   1084 C CG  . ASP A 1 139 ? -12.079 2.401   13.783  1.00 40.60  ? 139 ASP A CG  1 
ATOM   1085 O OD1 . ASP A 1 139 ? -12.599 2.503   12.652  1.00 41.83  ? 139 ASP A OD1 1 
ATOM   1086 O OD2 . ASP A 1 139 ? -12.725 2.569   14.837  1.00 50.66  ? 139 ASP A OD2 1 
ATOM   1087 N N   . HIS A 1 140 ? -7.579  2.296   13.008  1.00 28.10  ? 140 HIS A N   1 
ATOM   1088 C CA  . HIS A 1 140 ? -6.199  1.840   13.162  1.00 26.69  ? 140 HIS A CA  1 
ATOM   1089 C C   . HIS A 1 140 ? -5.313  2.144   11.961  1.00 21.65  ? 140 HIS A C   1 
ATOM   1090 O O   . HIS A 1 140 ? -5.740  2.026   10.814  1.00 22.34  ? 140 HIS A O   1 
ATOM   1091 C CB  . HIS A 1 140 ? -6.149  0.322   13.393  1.00 28.79  ? 140 HIS A CB  1 
ATOM   1092 C CG  . HIS A 1 140 ? -6.984  -0.159  14.538  1.00 32.75  ? 140 HIS A CG  1 
ATOM   1093 N ND1 . HIS A 1 140 ? -6.538  -0.148  15.845  1.00 32.04  ? 140 HIS A ND1 1 
ATOM   1094 C CD2 . HIS A 1 140 ? -8.226  -0.692  14.573  1.00 31.99  ? 140 HIS A CD2 1 
ATOM   1095 C CE1 . HIS A 1 140 ? -7.468  -0.660  16.631  1.00 31.68  ? 140 HIS A CE1 1 
ATOM   1096 N NE2 . HIS A 1 140 ? -8.503  -0.995  15.882  1.00 31.89  ? 140 HIS A NE2 1 
ATOM   1097 N N   . LEU A 1 141 ? -4.079  2.535   12.251  1.00 21.59  ? 141 LEU A N   1 
ATOM   1098 C CA  . LEU A 1 141 ? -3.063  2.807   11.238  1.00 22.79  ? 141 LEU A CA  1 
ATOM   1099 C C   . LEU A 1 141 ? -1.937  1.814   11.570  1.00 23.25  ? 141 LEU A C   1 
ATOM   1100 O O   . LEU A 1 141 ? -1.157  2.037   12.495  1.00 27.33  ? 141 LEU A O   1 
ATOM   1101 C CB  . LEU A 1 141 ? -2.550  4.245   11.348  1.00 22.24  ? 141 LEU A CB  1 
ATOM   1102 C CG  . LEU A 1 141 ? -3.520  5.409   11.128  1.00 23.44  ? 141 LEU A CG  1 
ATOM   1103 C CD1 . LEU A 1 141 ? -2.702  6.676   10.948  1.00 22.35  ? 141 LEU A CD1 1 
ATOM   1104 C CD2 . LEU A 1 141 ? -4.393  5.173   9.906   1.00 17.50  ? 141 LEU A CD2 1 
ATOM   1105 N N   . LEU A 1 142 ? -1.892  0.706   10.834  1.00 24.28  ? 142 LEU A N   1 
ATOM   1106 C CA  . LEU A 1 142 ? -0.913  -0.360  11.061  1.00 23.30  ? 142 LEU A CA  1 
ATOM   1107 C C   . LEU A 1 142 ? 0.255   -0.436  10.079  1.00 22.45  ? 142 LEU A C   1 
ATOM   1108 O O   . LEU A 1 142 ? 0.089   -0.248  8.874   1.00 25.01  ? 142 LEU A O   1 
ATOM   1109 C CB  . LEU A 1 142 ? -1.631  -1.711  11.057  1.00 21.91  ? 142 LEU A CB  1 
ATOM   1110 C CG  . LEU A 1 142 ? -2.848  -1.865  11.964  1.00 21.92  ? 142 LEU A CG  1 
ATOM   1111 C CD1 . LEU A 1 142 ? -3.647  -3.085  11.559  1.00 18.05  ? 142 LEU A CD1 1 
ATOM   1112 C CD2 . LEU A 1 142 ? -2.393  -1.949  13.403  1.00 24.63  ? 142 LEU A CD2 1 
ATOM   1113 N N   . SER A 1 143 ? 1.424   -0.763  10.621  1.00 21.94  ? 143 SER A N   1 
ATOM   1114 C CA  . SER A 1 143 ? 2.666   -0.933  9.872   1.00 23.86  ? 143 SER A CA  1 
ATOM   1115 C C   . SER A 1 143 ? 3.108   -2.385  10.078  1.00 23.20  ? 143 SER A C   1 
ATOM   1116 O O   . SER A 1 143 ? 2.778   -2.993  11.102  1.00 24.41  ? 143 SER A O   1 
ATOM   1117 C CB  . SER A 1 143 ? 3.738   0.008   10.427  1.00 25.15  ? 143 SER A CB  1 
ATOM   1118 O OG  . SER A 1 143 ? 5.051   -0.418  10.086  1.00 22.74  ? 143 SER A OG  1 
ATOM   1119 N N   . VAL A 1 144 ? 3.850   -2.936  9.119   1.00 19.28  ? 144 VAL A N   1 
ATOM   1120 C CA  . VAL A 1 144 ? 4.345   -4.313  9.214   1.00 14.66  ? 144 VAL A CA  1 
ATOM   1121 C C   . VAL A 1 144 ? 5.555   -4.371  10.148  1.00 18.65  ? 144 VAL A C   1 
ATOM   1122 O O   . VAL A 1 144 ? 5.935   -5.440  10.631  1.00 18.28  ? 144 VAL A O   1 
ATOM   1123 C CB  . VAL A 1 144 ? 4.805   -4.871  7.836   1.00 12.59  ? 144 VAL A CB  1 
ATOM   1124 C CG1 . VAL A 1 144 ? 3.675   -4.841  6.838   1.00 15.95  ? 144 VAL A CG1 1 
ATOM   1125 C CG2 . VAL A 1 144 ? 5.994   -4.092  7.313   1.00 11.25  ? 144 VAL A CG2 1 
ATOM   1126 N N   . ASP A 1 145 ? 6.123   -3.205  10.439  1.00 18.20  ? 145 ASP A N   1 
ATOM   1127 C CA  . ASP A 1 145 ? 7.316   -3.119  11.268  1.00 21.76  ? 145 ASP A CA  1 
ATOM   1128 C C   . ASP A 1 145 ? 7.344   -3.955  12.543  1.00 23.87  ? 145 ASP A C   1 
ATOM   1129 O O   . ASP A 1 145 ? 8.335   -4.619  12.824  1.00 25.61  ? 145 ASP A O   1 
ATOM   1130 C CB  . ASP A 1 145 ? 7.661   -1.666  11.578  1.00 23.56  ? 145 ASP A CB  1 
ATOM   1131 C CG  . ASP A 1 145 ? 9.033   -1.522  12.190  1.00 29.15  ? 145 ASP A CG  1 
ATOM   1132 O OD1 . ASP A 1 145 ? 10.032  -1.625  11.444  1.00 30.86  ? 145 ASP A OD1 1 
ATOM   1133 O OD2 . ASP A 1 145 ? 9.116   -1.328  13.420  1.00 36.14  ? 145 ASP A OD2 1 
ATOM   1134 N N   . PRO A 1 146 ? 6.268   -3.925  13.345  1.00 25.79  ? 146 PRO A N   1 
ATOM   1135 C CA  . PRO A 1 146 ? 6.300   -4.735  14.565  1.00 26.46  ? 146 PRO A CA  1 
ATOM   1136 C C   . PRO A 1 146 ? 6.587   -6.233  14.365  1.00 25.82  ? 146 PRO A C   1 
ATOM   1137 O O   . PRO A 1 146 ? 7.138   -6.869  15.261  1.00 30.48  ? 146 PRO A O   1 
ATOM   1138 C CB  . PRO A 1 146 ? 4.927   -4.466  15.197  1.00 25.72  ? 146 PRO A CB  1 
ATOM   1139 C CG  . PRO A 1 146 ? 4.085   -3.962  14.049  1.00 30.99  ? 146 PRO A CG  1 
ATOM   1140 C CD  . PRO A 1 146 ? 5.049   -3.103  13.298  1.00 22.41  ? 146 PRO A CD  1 
ATOM   1141 N N   . VAL A 1 147 ? 6.240   -6.799  13.207  1.00 24.27  ? 147 VAL A N   1 
ATOM   1142 C CA  . VAL A 1 147 ? 6.513   -8.220  12.974  1.00 22.03  ? 147 VAL A CA  1 
ATOM   1143 C C   . VAL A 1 147 ? 7.832   -8.501  12.238  1.00 23.31  ? 147 VAL A C   1 
ATOM   1144 O O   . VAL A 1 147 ? 8.184   -9.659  12.015  1.00 20.52  ? 147 VAL A O   1 
ATOM   1145 C CB  . VAL A 1 147 ? 5.341   -8.972  12.279  1.00 22.21  ? 147 VAL A CB  1 
ATOM   1146 C CG1 . VAL A 1 147 ? 4.138   -9.033  13.205  1.00 23.19  ? 147 VAL A CG1 1 
ATOM   1147 C CG2 . VAL A 1 147 ? 4.976   -8.324  10.952  1.00 24.81  ? 147 VAL A CG2 1 
ATOM   1148 N N   . GLN A 1 148 ? 8.544   -7.440  11.855  1.00 23.77  ? 148 GLN A N   1 
ATOM   1149 C CA  . GLN A 1 148 ? 9.842   -7.552  11.177  1.00 24.64  ? 148 GLN A CA  1 
ATOM   1150 C C   . GLN A 1 148 ? 9.864   -8.424  9.915   1.00 19.77  ? 148 GLN A C   1 
ATOM   1151 O O   . GLN A 1 148 ? 10.865  -9.072  9.619   1.00 19.69  ? 148 GLN A O   1 
ATOM   1152 C CB  . GLN A 1 148 ? 10.899  -8.056  12.162  1.00 28.27  ? 148 GLN A CB  1 
ATOM   1153 C CG  . GLN A 1 148 ? 10.950  -7.290  13.471  1.00 34.41  ? 148 GLN A CG  1 
ATOM   1154 C CD  . GLN A 1 148 ? 11.873  -6.098  13.413  1.00 43.24  ? 148 GLN A CD  1 
ATOM   1155 O OE1 . GLN A 1 148 ? 11.438  -4.949  13.481  1.00 47.64  ? 148 GLN A OE1 1 
ATOM   1156 N NE2 . GLN A 1 148 ? 13.166  -6.367  13.296  1.00 47.38  ? 148 GLN A NE2 1 
ATOM   1157 N N   . VAL A 1 149 ? 8.777   -8.394  9.156   1.00 17.38  ? 149 VAL A N   1 
ATOM   1158 C CA  . VAL A 1 149 ? 8.663   -9.157  7.919   1.00 16.65  ? 149 VAL A CA  1 
ATOM   1159 C C   . VAL A 1 149 ? 7.624   -8.435  7.052   1.00 21.72  ? 149 VAL A C   1 
ATOM   1160 O O   . VAL A 1 149 ? 6.890   -7.574  7.551   1.00 19.37  ? 149 VAL A O   1 
ATOM   1161 C CB  . VAL A 1 149 ? 8.244   -10.630 8.191   1.00 18.15  ? 149 VAL A CB  1 
ATOM   1162 C CG1 . VAL A 1 149 ? 6.780   -10.718 8.606   1.00 18.52  ? 149 VAL A CG1 1 
ATOM   1163 C CG2 . VAL A 1 149 ? 8.522   -11.501 6.970   1.00 13.21  ? 149 VAL A CG2 1 
ATOM   1164 N N   . TYR A 1 150 ? 7.602   -8.735  5.757   1.00 19.91  ? 150 TYR A N   1 
ATOM   1165 C CA  . TYR A 1 150 ? 6.664   -8.103  4.829   1.00 17.22  ? 150 TYR A CA  1 
ATOM   1166 C C   . TYR A 1 150 ? 5.671   -9.103  4.263   1.00 16.62  ? 150 TYR A C   1 
ATOM   1167 O O   . TYR A 1 150 ? 5.817   -10.313 4.438   1.00 18.41  ? 150 TYR A O   1 
ATOM   1168 C CB  . TYR A 1 150 ? 7.414   -7.451  3.660   1.00 10.46  ? 150 TYR A CB  1 
ATOM   1169 C CG  . TYR A 1 150 ? 8.244   -6.250  4.033   1.00 9.01   ? 150 TYR A CG  1 
ATOM   1170 C CD1 . TYR A 1 150 ? 7.669   -4.983  4.116   1.00 10.42  ? 150 TYR A CD1 1 
ATOM   1171 C CD2 . TYR A 1 150 ? 9.599   -6.378  4.319   1.00 8.72   ? 150 TYR A CD2 1 
ATOM   1172 C CE1 . TYR A 1 150 ? 8.418   -3.874  4.477   1.00 11.04  ? 150 TYR A CE1 1 
ATOM   1173 C CE2 . TYR A 1 150 ? 10.364  -5.275  4.679   1.00 10.32  ? 150 TYR A CE2 1 
ATOM   1174 C CZ  . TYR A 1 150 ? 9.763   -4.024  4.759   1.00 11.75  ? 150 TYR A CZ  1 
ATOM   1175 O OH  . TYR A 1 150 ? 10.498  -2.926  5.133   1.00 13.22  ? 150 TYR A OH  1 
ATOM   1176 N N   . LYS A 1 151 ? 4.628   -8.580  3.622   1.00 14.45  ? 151 LYS A N   1 
ATOM   1177 C CA  . LYS A 1 151 ? 3.623   -9.411  2.969   1.00 15.56  ? 151 LYS A CA  1 
ATOM   1178 C C   . LYS A 1 151 ? 4.351   -10.099 1.809   1.00 13.95  ? 151 LYS A C   1 
ATOM   1179 O O   . LYS A 1 151 ? 5.313   -9.547  1.272   1.00 16.51  ? 151 LYS A O   1 
ATOM   1180 C CB  . LYS A 1 151 ? 2.518   -8.530  2.385   1.00 14.98  ? 151 LYS A CB  1 
ATOM   1181 C CG  . LYS A 1 151 ? 1.831   -7.597  3.354   1.00 17.19  ? 151 LYS A CG  1 
ATOM   1182 C CD  . LYS A 1 151 ? 0.992   -6.624  2.550   1.00 19.93  ? 151 LYS A CD  1 
ATOM   1183 C CE  . LYS A 1 151 ? 0.095   -5.774  3.410   1.00 22.92  ? 151 LYS A CE  1 
ATOM   1184 N NZ  . LYS A 1 151 ? -0.853  -5.048  2.536   1.00 21.22  ? 151 LYS A NZ  1 
ATOM   1185 N N   . PRO A 1 152 ? 3.858   -11.259 1.353   1.00 13.46  ? 152 PRO A N   1 
ATOM   1186 C CA  . PRO A 1 152 ? 2.677   -11.956 1.859   1.00 13.02  ? 152 PRO A CA  1 
ATOM   1187 C C   . PRO A 1 152 ? 2.894   -12.903 3.045   1.00 13.92  ? 152 PRO A C   1 
ATOM   1188 O O   . PRO A 1 152 ? 2.159   -13.874 3.194   1.00 15.14  ? 152 PRO A O   1 
ATOM   1189 C CB  . PRO A 1 152 ? 2.202   -12.712 0.628   1.00 11.93  ? 152 PRO A CB  1 
ATOM   1190 C CG  . PRO A 1 152 ? 3.483   -13.098 -0.012  1.00 11.59  ? 152 PRO A CG  1 
ATOM   1191 C CD  . PRO A 1 152 ? 4.273   -11.827 0.059   1.00 12.60  ? 152 PRO A CD  1 
ATOM   1192 N N   . ASP A 1 153 ? 3.888   -12.631 3.881   1.00 15.74  ? 153 ASP A N   1 
ATOM   1193 C CA  . ASP A 1 153 ? 4.133   -13.479 5.046   1.00 17.86  ? 153 ASP A CA  1 
ATOM   1194 C C   . ASP A 1 153 ? 2.913   -13.366 5.976   1.00 18.62  ? 153 ASP A C   1 
ATOM   1195 O O   . ASP A 1 153 ? 2.527   -12.267 6.373   1.00 19.86  ? 153 ASP A O   1 
ATOM   1196 C CB  . ASP A 1 153 ? 5.406   -13.020 5.764   1.00 16.69  ? 153 ASP A CB  1 
ATOM   1197 C CG  . ASP A 1 153 ? 5.838   -13.977 6.862   1.00 24.97  ? 153 ASP A CG  1 
ATOM   1198 O OD1 . ASP A 1 153 ? 5.237   -13.941 7.952   1.00 22.81  ? 153 ASP A OD1 1 
ATOM   1199 O OD2 . ASP A 1 153 ? 6.791   -14.751 6.646   1.00 23.26  ? 153 ASP A OD2 1 
ATOM   1200 N N   . ASN A 1 154 ? 2.327   -14.508 6.327   1.00 20.66  ? 154 ASN A N   1 
ATOM   1201 C CA  . ASN A 1 154 ? 1.139   -14.562 7.185   1.00 22.11  ? 154 ASN A CA  1 
ATOM   1202 C C   . ASN A 1 154 ? 1.199   -13.828 8.511   1.00 20.16  ? 154 ASN A C   1 
ATOM   1203 O O   . ASN A 1 154 ? 0.167   -13.427 9.041   1.00 23.67  ? 154 ASN A O   1 
ATOM   1204 C CB  . ASN A 1 154 ? 0.684   -16.005 7.397   1.00 23.08  ? 154 ASN A CB  1 
ATOM   1205 C CG  . ASN A 1 154 ? 0.032   -16.589 6.161   1.00 31.77  ? 154 ASN A CG  1 
ATOM   1206 O OD1 . ASN A 1 154 ? 0.123   -16.023 5.066   1.00 35.80  ? 154 ASN A OD1 1 
ATOM   1207 N ND2 . ASN A 1 154 ? -0.624  -17.728 6.322   1.00 37.17  ? 154 ASN A ND2 1 
ATOM   1208 N N   . ARG A 1 155 ? 2.399   -13.637 9.043   1.00 19.13  ? 155 ARG A N   1 
ATOM   1209 C CA  . ARG A 1 155 ? 2.547   -12.916 10.298  1.00 18.00  ? 155 ARG A CA  1 
ATOM   1210 C C   . ARG A 1 155 ? 2.031   -11.487 10.158  1.00 21.58  ? 155 ARG A C   1 
ATOM   1211 O O   . ARG A 1 155 ? 1.615   -10.873 11.142  1.00 19.89  ? 155 ARG A O   1 
ATOM   1212 C CB  . ARG A 1 155 ? 4.006   -12.901 10.734  1.00 20.49  ? 155 ARG A CB  1 
ATOM   1213 C CG  . ARG A 1 155 ? 4.435   -14.167 11.444  1.00 24.75  ? 155 ARG A CG  1 
ATOM   1214 C CD  . ARG A 1 155 ? 5.925   -14.172 11.652  1.00 27.36  ? 155 ARG A CD  1 
ATOM   1215 N NE  . ARG A 1 155 ? 6.613   -14.460 10.400  1.00 35.49  ? 155 ARG A NE  1 
ATOM   1216 C CZ  . ARG A 1 155 ? 7.929   -14.395 10.233  1.00 36.77  ? 155 ARG A CZ  1 
ATOM   1217 N NH1 . ARG A 1 155 ? 8.716   -14.044 11.242  1.00 43.60  ? 155 ARG A NH1 1 
ATOM   1218 N NH2 . ARG A 1 155 ? 8.458   -14.712 9.061   1.00 38.05  ? 155 ARG A NH2 1 
ATOM   1219 N N   . VAL A 1 156 ? 2.080   -10.958 8.937   1.00 19.61  ? 156 VAL A N   1 
ATOM   1220 C CA  . VAL A 1 156 ? 1.607   -9.605  8.661   1.00 19.58  ? 156 VAL A CA  1 
ATOM   1221 C C   . VAL A 1 156 ? 0.075   -9.549  8.706   1.00 19.45  ? 156 VAL A C   1 
ATOM   1222 O O   . VAL A 1 156 ? -0.501  -8.651  9.312   1.00 19.19  ? 156 VAL A O   1 
ATOM   1223 C CB  . VAL A 1 156 ? 2.097   -9.115  7.281   1.00 16.24  ? 156 VAL A CB  1 
ATOM   1224 C CG1 . VAL A 1 156 ? 1.544   -7.735  6.983   1.00 18.94  ? 156 VAL A CG1 1 
ATOM   1225 C CG2 . VAL A 1 156 ? 3.609   -9.083  7.250   1.00 18.40  ? 156 VAL A CG2 1 
ATOM   1226 N N   . TYR A 1 157 ? -0.574  -10.529 8.090   1.00 19.73  ? 157 TYR A N   1 
ATOM   1227 C CA  . TYR A 1 157 ? -2.030  -10.592 8.060   1.00 21.94  ? 157 TYR A CA  1 
ATOM   1228 C C   . TYR A 1 157 ? -2.619  -10.829 9.459   1.00 28.01  ? 157 TYR A C   1 
ATOM   1229 O O   . TYR A 1 157 ? -3.678  -10.291 9.786   1.00 30.28  ? 157 TYR A O   1 
ATOM   1230 C CB  . TYR A 1 157 ? -2.494  -11.678 7.085   1.00 20.10  ? 157 TYR A CB  1 
ATOM   1231 C CG  . TYR A 1 157 ? -2.068  -11.452 5.647   1.00 18.07  ? 157 TYR A CG  1 
ATOM   1232 C CD1 . TYR A 1 157 ? -2.286  -10.226 5.016   1.00 17.53  ? 157 TYR A CD1 1 
ATOM   1233 C CD2 . TYR A 1 157 ? -1.437  -12.461 4.923   1.00 22.28  ? 157 TYR A CD2 1 
ATOM   1234 C CE1 . TYR A 1 157 ? -1.883  -10.014 3.699   1.00 16.76  ? 157 TYR A CE1 1 
ATOM   1235 C CE2 . TYR A 1 157 ? -1.029  -12.257 3.604   1.00 19.96  ? 157 TYR A CE2 1 
ATOM   1236 C CZ  . TYR A 1 157 ? -1.255  -11.034 3.002   1.00 18.93  ? 157 TYR A CZ  1 
ATOM   1237 O OH  . TYR A 1 157 ? -0.851  -10.828 1.703   1.00 19.59  ? 157 TYR A OH  1 
ATOM   1238 N N   . GLU A 1 158 ? -1.939  -11.619 10.284  1.00 25.18  ? 158 GLU A N   1 
ATOM   1239 C CA  . GLU A 1 158 ? -2.417  -11.875 11.638  1.00 26.35  ? 158 GLU A CA  1 
ATOM   1240 C C   . GLU A 1 158 ? -2.455  -10.588 12.443  1.00 25.71  ? 158 GLU A C   1 
ATOM   1241 O O   . GLU A 1 158 ? -3.265  -10.444 13.354  1.00 27.40  ? 158 GLU A O   1 
ATOM   1242 C CB  . GLU A 1 158 ? -1.518  -12.876 12.342  1.00 27.76  ? 158 GLU A CB  1 
ATOM   1243 C CG  . GLU A 1 158 ? -1.685  -14.284 11.833  1.00 47.59  ? 158 GLU A CG  1 
ATOM   1244 C CD  . GLU A 1 158 ? -0.453  -15.142 12.053  1.00 59.56  ? 158 GLU A CD  1 
ATOM   1245 O OE1 . GLU A 1 158 ? 0.446   -14.730 12.825  1.00 66.27  ? 158 GLU A OE1 1 
ATOM   1246 O OE2 . GLU A 1 158 ? -0.381  -16.233 11.439  1.00 65.70  ? 158 GLU A OE2 1 
ATOM   1247 N N   . LEU A 1 159 ? -1.570  -9.657  12.101  1.00 26.38  ? 159 LEU A N   1 
ATOM   1248 C CA  . LEU A 1 159 ? -1.481  -8.363  12.775  1.00 29.36  ? 159 LEU A CA  1 
ATOM   1249 C C   . LEU A 1 159 ? -2.793  -7.598  12.634  1.00 31.35  ? 159 LEU A C   1 
ATOM   1250 O O   . LEU A 1 159 ? -3.299  -7.027  13.604  1.00 34.45  ? 159 LEU A O   1 
ATOM   1251 C CB  . LEU A 1 159 ? -0.353  -7.529  12.164  1.00 29.98  ? 159 LEU A CB  1 
ATOM   1252 C CG  . LEU A 1 159 ? 0.694   -6.865  13.054  1.00 30.09  ? 159 LEU A CG  1 
ATOM   1253 C CD1 . LEU A 1 159 ? 1.661   -6.090  12.176  1.00 33.08  ? 159 LEU A CD1 1 
ATOM   1254 C CD2 . LEU A 1 159 ? 0.037   -5.947  14.072  1.00 37.42  ? 159 LEU A CD2 1 
ATOM   1255 N N   . ALA A 1 160 ? -3.328  -7.575  11.417  1.00 31.65  ? 160 ALA A N   1 
ATOM   1256 C CA  . ALA A 1 160 ? -4.579  -6.877  11.133  1.00 30.16  ? 160 ALA A CA  1 
ATOM   1257 C C   . ALA A 1 160 ? -5.724  -7.524  11.898  1.00 27.60  ? 160 ALA A C   1 
ATOM   1258 O O   . ALA A 1 160 ? -6.592  -6.835  12.433  1.00 29.59  ? 160 ALA A O   1 
ATOM   1259 C CB  . ALA A 1 160 ? -4.869  -6.892  9.634   1.00 28.01  ? 160 ALA A CB  1 
ATOM   1260 N N   . GLU A 1 161 ? -5.709  -8.850  11.955  1.00 21.94  ? 161 GLU A N   1 
ATOM   1261 C CA  . GLU A 1 161 ? -6.738  -9.598  12.653  1.00 24.78  ? 161 GLU A CA  1 
ATOM   1262 C C   . GLU A 1 161 ? -6.710  -9.260  14.146  1.00 28.03  ? 161 GLU A C   1 
ATOM   1263 O O   . GLU A 1 161 ? -7.752  -9.034  14.763  1.00 30.91  ? 161 GLU A O   1 
ATOM   1264 C CB  . GLU A 1 161 ? -6.516  -11.089 12.447  1.00 23.15  ? 161 GLU A CB  1 
ATOM   1265 C CG  . GLU A 1 161 ? -7.751  -11.926 12.636  1.00 21.93  ? 161 GLU A CG  1 
ATOM   1266 C CD  . GLU A 1 161 ? -7.452  -13.403 12.649  1.00 17.84  ? 161 GLU A CD  1 
ATOM   1267 O OE1 . GLU A 1 161 ? -6.325  -13.779 13.025  1.00 20.94  ? 161 GLU A OE1 1 
ATOM   1268 O OE2 . GLU A 1 161 ? -8.349  -14.194 12.300  1.00 19.08  ? 161 GLU A OE2 1 
ATOM   1269 N N   . GLN A 1 162 ? -5.508  -9.192  14.707  1.00 29.25  ? 162 GLN A N   1 
ATOM   1270 C CA  . GLN A 1 162 ? -5.331  -8.870  16.117  1.00 30.53  ? 162 GLN A CA  1 
ATOM   1271 C C   . GLN A 1 162 ? -5.696  -7.419  16.424  1.00 32.00  ? 162 GLN A C   1 
ATOM   1272 O O   . GLN A 1 162 ? -6.490  -7.148  17.328  1.00 34.10  ? 162 GLN A O   1 
ATOM   1273 C CB  . GLN A 1 162 ? -3.887  -9.131  16.540  1.00 34.93  ? 162 GLN A CB  1 
ATOM   1274 C CG  . GLN A 1 162 ? -3.485  -10.593 16.528  1.00 48.06  ? 162 GLN A CG  1 
ATOM   1275 C CD  . GLN A 1 162 ? -1.986  -10.781 16.688  1.00 56.33  ? 162 GLN A CD  1 
ATOM   1276 O OE1 . GLN A 1 162 ? -1.274  -9.870  17.116  1.00 61.92  ? 162 GLN A OE1 1 
ATOM   1277 N NE2 . GLN A 1 162 ? -1.498  -11.969 16.344  1.00 60.77  ? 162 GLN A NE2 1 
ATOM   1278 N N   . ALA A 1 163 ? -5.112  -6.492  15.670  1.00 30.21  ? 163 ALA A N   1 
ATOM   1279 C CA  . ALA A 1 163 ? -5.360  -5.065  15.857  1.00 27.83  ? 163 ALA A CA  1 
ATOM   1280 C C   . ALA A 1 163 ? -6.831  -4.679  15.761  1.00 27.76  ? 163 ALA A C   1 
ATOM   1281 O O   . ALA A 1 163 ? -7.290  -3.793  16.484  1.00 31.99  ? 163 ALA A O   1 
ATOM   1282 C CB  . ALA A 1 163 ? -4.550  -4.258  14.863  1.00 25.38  ? 163 ALA A CB  1 
ATOM   1283 N N   . LEU A 1 164 ? -7.561  -5.312  14.848  1.00 26.59  ? 164 LEU A N   1 
ATOM   1284 C CA  . LEU A 1 164 ? -8.979  -5.009  14.678  1.00 28.51  ? 164 LEU A CA  1 
ATOM   1285 C C   . LEU A 1 164 ? -9.908  -5.710  15.668  1.00 28.38  ? 164 LEU A C   1 
ATOM   1286 O O   . LEU A 1 164 ? -11.070 -5.326  15.799  1.00 27.80  ? 164 LEU A O   1 
ATOM   1287 C CB  . LEU A 1 164 ? -9.439  -5.295  13.245  1.00 29.79  ? 164 LEU A CB  1 
ATOM   1288 C CG  . LEU A 1 164 ? -9.210  -4.231  12.169  1.00 29.46  ? 164 LEU A CG  1 
ATOM   1289 C CD1 . LEU A 1 164 ? -9.841  -4.710  10.881  1.00 32.15  ? 164 LEU A CD1 1 
ATOM   1290 C CD2 . LEU A 1 164 ? -9.837  -2.911  12.575  1.00 29.04  ? 164 LEU A CD2 1 
ATOM   1291 N N   . GLY A 1 165 ? -9.410  -6.751  16.332  1.00 27.80  ? 165 GLY A N   1 
ATOM   1292 C CA  . GLY A 1 165 ? -10.219 -7.477  17.302  1.00 22.42  ? 165 GLY A CA  1 
ATOM   1293 C C   . GLY A 1 165 ? -11.394 -8.227  16.704  1.00 20.14  ? 165 GLY A C   1 
ATOM   1294 O O   . GLY A 1 165 ? -12.454 -8.336  17.321  1.00 24.48  ? 165 GLY A O   1 
ATOM   1295 N N   . LEU A 1 166 ? -11.202 -8.757  15.502  1.00 16.88  ? 166 LEU A N   1 
ATOM   1296 C CA  . LEU A 1 166 ? -12.245 -9.506  14.802  1.00 16.42  ? 166 LEU A CA  1 
ATOM   1297 C C   . LEU A 1 166 ? -11.607 -10.734 14.164  1.00 15.48  ? 166 LEU A C   1 
ATOM   1298 O O   . LEU A 1 166 ? -10.404 -10.757 13.922  1.00 20.03  ? 166 LEU A O   1 
ATOM   1299 C CB  . LEU A 1 166 ? -12.846 -8.650  13.678  1.00 18.88  ? 166 LEU A CB  1 
ATOM   1300 C CG  . LEU A 1 166 ? -13.584 -7.354  14.015  1.00 23.81  ? 166 LEU A CG  1 
ATOM   1301 C CD1 . LEU A 1 166 ? -13.762 -6.483  12.774  1.00 17.20  ? 166 LEU A CD1 1 
ATOM   1302 C CD2 . LEU A 1 166 ? -14.922 -7.710  14.609  1.00 22.87  ? 166 LEU A CD2 1 
ATOM   1303 N N   . ASP A 1 167 ? -12.401 -11.765 13.924  1.00 14.01  ? 167 ASP A N   1 
ATOM   1304 C CA  . ASP A 1 167 ? -11.882 -12.943 13.258  1.00 18.28  ? 167 ASP A CA  1 
ATOM   1305 C C   . ASP A 1 167 ? -11.705 -12.515 11.795  1.00 24.59  ? 167 ASP A C   1 
ATOM   1306 O O   . ASP A 1 167 ? -12.443 -11.653 11.308  1.00 22.38  ? 167 ASP A O   1 
ATOM   1307 C CB  . ASP A 1 167 ? -12.876 -14.096 13.357  1.00 15.85  ? 167 ASP A CB  1 
ATOM   1308 C CG  . ASP A 1 167 ? -12.400 -15.339 12.638  1.00 21.11  ? 167 ASP A CG  1 
ATOM   1309 O OD1 . ASP A 1 167 ? -11.344 -15.883 13.011  1.00 23.23  ? 167 ASP A OD1 1 
ATOM   1310 O OD2 . ASP A 1 167 ? -13.073 -15.777 11.689  1.00 23.34  ? 167 ASP A OD2 1 
ATOM   1311 N N   . ARG A 1 168 ? -10.763 -13.138 11.087  1.00 24.94  ? 168 ARG A N   1 
ATOM   1312 C CA  . ARG A 1 168 ? -10.485 -12.805 9.685   1.00 22.18  ? 168 ARG A CA  1 
ATOM   1313 C C   . ARG A 1 168 ? -11.704 -12.870 8.771   1.00 20.15  ? 168 ARG A C   1 
ATOM   1314 O O   . ARG A 1 168 ? -11.817 -12.092 7.831   1.00 23.09  ? 168 ARG A O   1 
ATOM   1315 C CB  . ARG A 1 168 ? -9.367  -13.697 9.127   1.00 18.93  ? 168 ARG A CB  1 
ATOM   1316 C CG  . ARG A 1 168 ? -9.715  -15.178 9.050   1.00 15.30  ? 168 ARG A CG  1 
ATOM   1317 C CD  . ARG A 1 168 ? -8.462  -16.029 8.926   1.00 13.43  ? 168 ARG A CD  1 
ATOM   1318 N NE  . ARG A 1 168 ? -7.597  -15.859 10.087  1.00 12.30  ? 168 ARG A NE  1 
ATOM   1319 C CZ  . ARG A 1 168 ? -6.490  -16.556 10.318  1.00 18.00  ? 168 ARG A CZ  1 
ATOM   1320 N NH1 . ARG A 1 168 ? -6.089  -17.484 9.461   1.00 20.22  ? 168 ARG A NH1 1 
ATOM   1321 N NH2 . ARG A 1 168 ? -5.786  -16.331 11.419  1.00 18.55  ? 168 ARG A NH2 1 
ATOM   1322 N N   . SER A 1 169 ? -12.629 -13.775 9.063   1.00 21.31  ? 169 SER A N   1 
ATOM   1323 C CA  . SER A 1 169 ? -13.833 -13.925 8.250   1.00 22.50  ? 169 SER A CA  1 
ATOM   1324 C C   . SER A 1 169 ? -14.766 -12.701 8.277   1.00 24.84  ? 169 SER A C   1 
ATOM   1325 O O   . SER A 1 169 ? -15.659 -12.578 7.433   1.00 24.68  ? 169 SER A O   1 
ATOM   1326 C CB  . SER A 1 169 ? -14.606 -15.144 8.715   1.00 23.23  ? 169 SER A CB  1 
ATOM   1327 O OG  . SER A 1 169 ? -14.913 -15.006 10.090  1.00 26.22  ? 169 SER A OG  1 
ATOM   1328 N N   . ALA A 1 170 ? -14.569 -11.823 9.257   1.00 22.84  ? 170 ALA A N   1 
ATOM   1329 C CA  . ALA A 1 170 ? -15.383 -10.624 9.411   1.00 23.20  ? 170 ALA A CA  1 
ATOM   1330 C C   . ALA A 1 170 ? -14.625 -9.361  9.006   1.00 23.99  ? 170 ALA A C   1 
ATOM   1331 O O   . ALA A 1 170 ? -15.084 -8.248  9.279   1.00 24.02  ? 170 ALA A O   1 
ATOM   1332 C CB  . ALA A 1 170 ? -15.868 -10.503 10.865  1.00 25.87  ? 170 ALA A CB  1 
ATOM   1333 N N   . ILE A 1 171 ? -13.444 -9.526  8.412   1.00 21.85  ? 171 ILE A N   1 
ATOM   1334 C CA  . ILE A 1 171 ? -12.646 -8.387  7.973   1.00 20.43  ? 171 ILE A CA  1 
ATOM   1335 C C   . ILE A 1 171 ? -12.493 -8.429  6.456   1.00 22.60  ? 171 ILE A C   1 
ATOM   1336 O O   . ILE A 1 171 ? -12.072 -9.434  5.897   1.00 25.33  ? 171 ILE A O   1 
ATOM   1337 C CB  . ILE A 1 171 ? -11.243 -8.375  8.608   1.00 20.14  ? 171 ILE A CB  1 
ATOM   1338 C CG1 . ILE A 1 171 ? -11.340 -8.279  10.130  1.00 18.03  ? 171 ILE A CG1 1 
ATOM   1339 C CG2 . ILE A 1 171 ? -10.450 -7.178  8.095   1.00 20.55  ? 171 ILE A CG2 1 
ATOM   1340 C CD1 . ILE A 1 171 ? -10.008 -8.422  10.846  1.00 15.13  ? 171 ILE A CD1 1 
ATOM   1341 N N   . LEU A 1 172 ? -12.883 -7.352  5.789   1.00 21.73  ? 172 LEU A N   1 
ATOM   1342 C CA  . LEU A 1 172 ? -12.766 -7.285  4.342   1.00 19.60  ? 172 LEU A CA  1 
ATOM   1343 C C   . LEU A 1 172 ? -11.374 -6.752  4.022   1.00 13.44  ? 172 LEU A C   1 
ATOM   1344 O O   . LEU A 1 172 ? -10.973 -5.707  4.534   1.00 17.77  ? 172 LEU A O   1 
ATOM   1345 C CB  . LEU A 1 172 ? -13.847 -6.364  3.767   1.00 18.98  ? 172 LEU A CB  1 
ATOM   1346 C CG  . LEU A 1 172 ? -13.862 -6.161  2.251   1.00 17.90  ? 172 LEU A CG  1 
ATOM   1347 C CD1 . LEU A 1 172 ? -14.158 -7.467  1.562   1.00 14.47  ? 172 LEU A CD1 1 
ATOM   1348 C CD2 . LEU A 1 172 ? -14.897 -5.113  1.867   1.00 21.92  ? 172 LEU A CD2 1 
ATOM   1349 N N   . PHE A 1 173 ? -10.603 -7.523  3.263   1.00 15.48  ? 173 PHE A N   1 
ATOM   1350 C CA  . PHE A 1 173 ? -9.256  -7.109  2.880   1.00 14.37  ? 173 PHE A CA  1 
ATOM   1351 C C   . PHE A 1 173 ? -9.348  -6.438  1.503   1.00 11.73  ? 173 PHE A C   1 
ATOM   1352 O O   . PHE A 1 173 ? -9.771  -7.058  0.527   1.00 16.05  ? 173 PHE A O   1 
ATOM   1353 C CB  . PHE A 1 173 ? -8.297  -8.315  2.855   1.00 14.73  ? 173 PHE A CB  1 
ATOM   1354 C CG  . PHE A 1 173 ? -6.845  -7.927  2.759   1.00 15.69  ? 173 PHE A CG  1 
ATOM   1355 C CD1 . PHE A 1 173 ? -6.119  -7.604  3.903   1.00 19.27  ? 173 PHE A CD1 1 
ATOM   1356 C CD2 . PHE A 1 173 ? -6.216  -7.827  1.518   1.00 20.05  ? 173 PHE A CD2 1 
ATOM   1357 C CE1 . PHE A 1 173 ? -4.791  -7.187  3.813   1.00 22.68  ? 173 PHE A CE1 1 
ATOM   1358 C CE2 . PHE A 1 173 ? -4.892  -7.412  1.416   1.00 19.97  ? 173 PHE A CE2 1 
ATOM   1359 C CZ  . PHE A 1 173 ? -4.178  -7.087  2.565   1.00 22.20  ? 173 PHE A CZ  1 
ATOM   1360 N N   . VAL A 1 174 ? -8.990  -5.161  1.442   1.00 15.19  ? 174 VAL A N   1 
ATOM   1361 C CA  . VAL A 1 174 ? -9.067  -4.400  0.198   1.00 15.94  ? 174 VAL A CA  1 
ATOM   1362 C C   . VAL A 1 174 ? -7.676  -4.012  -0.275  1.00 14.77  ? 174 VAL A C   1 
ATOM   1363 O O   . VAL A 1 174 ? -6.952  -3.284  0.412   1.00 15.87  ? 174 VAL A O   1 
ATOM   1364 C CB  . VAL A 1 174 ? -9.962  -3.139  0.381   1.00 16.80  ? 174 VAL A CB  1 
ATOM   1365 C CG1 . VAL A 1 174 ? -10.051 -2.338  -0.917  1.00 12.80  ? 174 VAL A CG1 1 
ATOM   1366 C CG2 . VAL A 1 174 ? -11.358 -3.562  0.831   1.00 11.13  ? 174 VAL A CG2 1 
ATOM   1367 N N   . ALA A 1 175 ? -7.310  -4.480  -1.463  1.00 17.39  ? 175 ALA A N   1 
ATOM   1368 C CA  . ALA A 1 175 ? -5.988  -4.186  -2.006  1.00 17.64  ? 175 ALA A CA  1 
ATOM   1369 C C   . ALA A 1 175 ? -5.991  -4.051  -3.516  1.00 12.83  ? 175 ALA A C   1 
ATOM   1370 O O   . ALA A 1 175 ? -6.766  -4.709  -4.202  1.00 14.09  ? 175 ALA A O   1 
ATOM   1371 C CB  . ALA A 1 175 ? -5.000  -5.276  -1.593  1.00 20.09  ? 175 ALA A CB  1 
ATOM   1372 N N   . SER A 1 176 ? -5.099  -3.202  -4.017  1.00 14.24  ? 176 SER A N   1 
ATOM   1373 C CA  . SER A 1 176 ? -4.946  -2.974  -5.450  1.00 17.13  ? 176 SER A CA  1 
ATOM   1374 C C   . SER A 1 176 ? -3.981  -4.010  -6.053  1.00 16.99  ? 176 SER A C   1 
ATOM   1375 O O   . SER A 1 176 ? -4.095  -4.367  -7.217  1.00 22.11  ? 176 SER A O   1 
ATOM   1376 C CB  . SER A 1 176 ? -4.408  -1.560  -5.686  1.00 18.62  ? 176 SER A CB  1 
ATOM   1377 O OG  . SER A 1 176 ? -3.195  -1.342  -4.970  1.00 31.76  ? 176 SER A OG  1 
ATOM   1378 N N   . ASN A 1 177 ? -3.026  -4.475  -5.250  1.00 18.09  ? 177 ASN A N   1 
ATOM   1379 C CA  . ASN A 1 177 ? -2.038  -5.464  -5.705  1.00 16.83  ? 177 ASN A CA  1 
ATOM   1380 C C   . ASN A 1 177 ? -2.575  -6.888  -5.683  1.00 14.27  ? 177 ASN A C   1 
ATOM   1381 O O   . ASN A 1 177 ? -2.875  -7.428  -4.618  1.00 13.89  ? 177 ASN A O   1 
ATOM   1382 C CB  . ASN A 1 177 ? -0.766  -5.379  -4.854  1.00 16.58  ? 177 ASN A CB  1 
ATOM   1383 C CG  . ASN A 1 177 ? 0.025   -4.109  -5.108  1.00 23.15  ? 177 ASN A CG  1 
ATOM   1384 O OD1 . ASN A 1 177 ? -0.066  -3.516  -6.183  1.00 24.71  ? 177 ASN A OD1 1 
ATOM   1385 N ND2 . ASN A 1 177 ? 0.818   -3.694  -4.126  1.00 21.32  ? 177 ASN A ND2 1 
ATOM   1386 N N   . ALA A 1 178 ? -2.666  -7.500  -6.858  1.00 13.56  ? 178 ALA A N   1 
ATOM   1387 C CA  . ALA A 1 178 ? -3.175  -8.858  -6.978  1.00 12.57  ? 178 ALA A CA  1 
ATOM   1388 C C   . ALA A 1 178 ? -2.358  -9.885  -6.196  1.00 15.29  ? 178 ALA A C   1 
ATOM   1389 O O   . ALA A 1 178 ? -2.915  -10.870 -5.718  1.00 12.93  ? 178 ALA A O   1 
ATOM   1390 C CB  . ALA A 1 178 ? -3.275  -9.259  -8.439  1.00 11.51  ? 178 ALA A CB  1 
ATOM   1391 N N   . TRP A 1 179 ? -1.049  -9.677  -6.067  1.00 13.51  ? 179 TRP A N   1 
ATOM   1392 C CA  . TRP A 1 179 ? -0.234  -10.633 -5.314  1.00 17.87  ? 179 TRP A CA  1 
ATOM   1393 C C   . TRP A 1 179 ? -0.594  -10.564 -3.829  1.00 20.58  ? 179 TRP A C   1 
ATOM   1394 O O   . TRP A 1 179 ? -0.542  -11.566 -3.118  1.00 18.35  ? 179 TRP A O   1 
ATOM   1395 C CB  . TRP A 1 179 ? 1.270   -10.385 -5.517  1.00 13.76  ? 179 TRP A CB  1 
ATOM   1396 C CG  . TRP A 1 179 ? 1.769   -9.048  -5.053  1.00 11.73  ? 179 TRP A CG  1 
ATOM   1397 C CD1 . TRP A 1 179 ? 1.989   -7.952  -5.824  1.00 10.22  ? 179 TRP A CD1 1 
ATOM   1398 C CD2 . TRP A 1 179 ? 2.120   -8.670  -3.712  1.00 15.81  ? 179 TRP A CD2 1 
ATOM   1399 N NE1 . TRP A 1 179 ? 2.452   -6.917  -5.057  1.00 12.33  ? 179 TRP A NE1 1 
ATOM   1400 C CE2 . TRP A 1 179 ? 2.539   -7.328  -3.754  1.00 12.57  ? 179 TRP A CE2 1 
ATOM   1401 C CE3 . TRP A 1 179 ? 2.118   -9.340  -2.478  1.00 17.51  ? 179 TRP A CE3 1 
ATOM   1402 C CZ2 . TRP A 1 179 ? 2.953   -6.632  -2.612  1.00 14.38  ? 179 TRP A CZ2 1 
ATOM   1403 C CZ3 . TRP A 1 179 ? 2.530   -8.649  -1.342  1.00 13.27  ? 179 TRP A CZ3 1 
ATOM   1404 C CH2 . TRP A 1 179 ? 2.940   -7.309  -1.418  1.00 16.60  ? 179 TRP A CH2 1 
ATOM   1405 N N   . ASP A 1 180 ? -0.972  -9.368  -3.383  1.00 18.93  ? 180 ASP A N   1 
ATOM   1406 C CA  . ASP A 1 180 ? -1.348  -9.126  -1.993  1.00 20.25  ? 180 ASP A CA  1 
ATOM   1407 C C   . ASP A 1 180 ? -2.728  -9.732  -1.737  1.00 18.50  ? 180 ASP A C   1 
ATOM   1408 O O   . ASP A 1 180 ? -2.936  -10.410 -0.733  1.00 18.97  ? 180 ASP A O   1 
ATOM   1409 C CB  . ASP A 1 180 ? -1.343  -7.620  -1.721  1.00 17.83  ? 180 ASP A CB  1 
ATOM   1410 C CG  . ASP A 1 180 ? -1.384  -7.283  -0.246  1.00 26.62  ? 180 ASP A CG  1 
ATOM   1411 O OD1 . ASP A 1 180 ? -1.170  -8.181  0.599   1.00 23.88  ? 180 ASP A OD1 1 
ATOM   1412 O OD2 . ASP A 1 180 ? -1.628  -6.100  0.067   1.00 23.29  ? 180 ASP A OD2 1 
ATOM   1413 N N   . ALA A 1 181 ? -3.648  -9.533  -2.679  1.00 18.15  ? 181 ALA A N   1 
ATOM   1414 C CA  . ALA A 1 181 ? -4.998  -10.087 -2.571  1.00 17.94  ? 181 ALA A CA  1 
ATOM   1415 C C   . ALA A 1 181 ? -4.924  -11.618 -2.530  1.00 17.85  ? 181 ALA A C   1 
ATOM   1416 O O   . ALA A 1 181 ? -5.758  -12.279 -1.907  1.00 19.08  ? 181 ALA A O   1 
ATOM   1417 C CB  . ALA A 1 181 ? -5.864  -9.624  -3.747  1.00 13.58  ? 181 ALA A CB  1 
ATOM   1418 N N   . THR A 1 182 ? -3.933  -12.176 -3.220  1.00 20.40  ? 182 THR A N   1 
ATOM   1419 C CA  . THR A 1 182 ? -3.727  -13.624 -3.242  1.00 17.54  ? 182 THR A CA  1 
ATOM   1420 C C   . THR A 1 182 ? -3.313  -14.090 -1.839  1.00 13.93  ? 182 THR A C   1 
ATOM   1421 O O   . THR A 1 182 ? -3.864  -15.059 -1.322  1.00 16.11  ? 182 THR A O   1 
ATOM   1422 C CB  . THR A 1 182 ? -2.637  -14.020 -4.278  1.00 15.38  ? 182 THR A CB  1 
ATOM   1423 O OG1 . THR A 1 182 ? -3.051  -13.619 -5.589  1.00 16.43  ? 182 THR A OG1 1 
ATOM   1424 C CG2 . THR A 1 182 ? -2.405  -15.520 -4.266  1.00 12.85  ? 182 THR A CG2 1 
ATOM   1425 N N   . GLY A 1 183 ? -2.377  -13.372 -1.218  1.00 12.02  ? 183 GLY A N   1 
ATOM   1426 C CA  . GLY A 1 183 ? -1.927  -13.731 0.116   1.00 16.97  ? 183 GLY A CA  1 
ATOM   1427 C C   . GLY A 1 183 ? -3.060  -13.682 1.127   1.00 19.92  ? 183 GLY A C   1 
ATOM   1428 O O   . GLY A 1 183 ? -3.280  -14.622 1.889   1.00 21.91  ? 183 GLY A O   1 
ATOM   1429 N N   . ALA A 1 184 ? -3.797  -12.578 1.119   1.00 19.39  ? 184 ALA A N   1 
ATOM   1430 C CA  . ALA A 1 184 ? -4.920  -12.392 2.029   1.00 18.10  ? 184 ALA A CA  1 
ATOM   1431 C C   . ALA A 1 184 ? -5.974  -13.480 1.878   1.00 19.90  ? 184 ALA A C   1 
ATOM   1432 O O   . ALA A 1 184 ? -6.562  -13.918 2.870   1.00 21.64  ? 184 ALA A O   1 
ATOM   1433 C CB  . ALA A 1 184 ? -5.543  -11.036 1.807   1.00 16.45  ? 184 ALA A CB  1 
ATOM   1434 N N   . ARG A 1 185 ? -6.227  -13.894 0.638   1.00 18.94  ? 185 ARG A N   1 
ATOM   1435 C CA  . ARG A 1 185 ? -7.201  -14.938 0.351   1.00 17.88  ? 185 ARG A CA  1 
ATOM   1436 C C   . ARG A 1 185 ? -6.774  -16.281 0.935   1.00 23.92  ? 185 ARG A C   1 
ATOM   1437 O O   . ARG A 1 185 ? -7.599  -17.014 1.478   1.00 25.70  ? 185 ARG A O   1 
ATOM   1438 C CB  . ARG A 1 185 ? -7.419  -15.068 -1.158  1.00 23.56  ? 185 ARG A CB  1 
ATOM   1439 C CG  . ARG A 1 185 ? -8.645  -14.341 -1.672  1.00 31.73  ? 185 ARG A CG  1 
ATOM   1440 C CD  . ARG A 1 185 ? -9.927  -15.082 -1.320  1.00 30.31  ? 185 ARG A CD  1 
ATOM   1441 N NE  . ARG A 1 185 ? -10.128 -16.241 -2.183  1.00 36.72  ? 185 ARG A NE  1 
ATOM   1442 C CZ  . ARG A 1 185 ? -11.219 -17.003 -2.191  1.00 40.99  ? 185 ARG A CZ  1 
ATOM   1443 N NH1 . ARG A 1 185 ? -12.227 -16.749 -1.371  1.00 45.97  ? 185 ARG A NH1 1 
ATOM   1444 N NH2 . ARG A 1 185 ? -11.300 -18.033 -3.024  1.00 46.74  ? 185 ARG A NH2 1 
ATOM   1445 N N   . TYR A 1 186 ? -5.496  -16.626 0.792   1.00 25.04  ? 186 TYR A N   1 
ATOM   1446 C CA  . TYR A 1 186 ? -4.989  -17.882 1.347   1.00 23.31  ? 186 TYR A CA  1 
ATOM   1447 C C   . TYR A 1 186 ? -5.054  -17.828 2.864   1.00 20.81  ? 186 TYR A C   1 
ATOM   1448 O O   . TYR A 1 186 ? -5.240  -18.852 3.511   1.00 27.21  ? 186 TYR A O   1 
ATOM   1449 C CB  . TYR A 1 186 ? -3.547  -18.140 0.908   1.00 17.52  ? 186 TYR A CB  1 
ATOM   1450 C CG  . TYR A 1 186 ? -3.430  -18.807 -0.438  1.00 15.84  ? 186 TYR A CG  1 
ATOM   1451 C CD1 . TYR A 1 186 ? -4.022  -20.042 -0.675  1.00 17.45  ? 186 TYR A CD1 1 
ATOM   1452 C CD2 . TYR A 1 186 ? -2.696  -18.225 -1.463  1.00 14.29  ? 186 TYR A CD2 1 
ATOM   1453 C CE1 . TYR A 1 186 ? -3.875  -20.685 -1.895  1.00 18.11  ? 186 TYR A CE1 1 
ATOM   1454 C CE2 . TYR A 1 186 ? -2.545  -18.860 -2.689  1.00 14.01  ? 186 TYR A CE2 1 
ATOM   1455 C CZ  . TYR A 1 186 ? -3.137  -20.086 -2.895  1.00 18.03  ? 186 TYR A CZ  1 
ATOM   1456 O OH  . TYR A 1 186 ? -2.982  -20.732 -4.092  1.00 19.87  ? 186 TYR A OH  1 
ATOM   1457 N N   . PHE A 1 187 ? -4.858  -16.636 3.421   1.00 19.31  ? 187 PHE A N   1 
ATOM   1458 C CA  . PHE A 1 187 ? -4.912  -16.428 4.865   1.00 21.76  ? 187 PHE A CA  1 
ATOM   1459 C C   . PHE A 1 187 ? -6.329  -16.691 5.408   1.00 25.02  ? 187 PHE A C   1 
ATOM   1460 O O   . PHE A 1 187 ? -6.489  -17.390 6.408   1.00 26.50  ? 187 PHE A O   1 
ATOM   1461 C CB  . PHE A 1 187 ? -4.455  -15.005 5.206   1.00 19.83  ? 187 PHE A CB  1 
ATOM   1462 C CG  . PHE A 1 187 ? -4.476  -14.688 6.678   1.00 23.12  ? 187 PHE A CG  1 
ATOM   1463 C CD1 . PHE A 1 187 ? -3.468  -15.141 7.519   1.00 24.10  ? 187 PHE A CD1 1 
ATOM   1464 C CD2 . PHE A 1 187 ? -5.494  -13.903 7.222   1.00 21.96  ? 187 PHE A CD2 1 
ATOM   1465 C CE1 . PHE A 1 187 ? -3.469  -14.815 8.878   1.00 24.97  ? 187 PHE A CE1 1 
ATOM   1466 C CE2 . PHE A 1 187 ? -5.502  -13.573 8.575   1.00 19.64  ? 187 PHE A CE2 1 
ATOM   1467 C CZ  . PHE A 1 187 ? -4.488  -14.028 9.404   1.00 20.72  ? 187 PHE A CZ  1 
ATOM   1468 N N   . GLY A 1 188 ? -7.345  -16.132 4.754   1.00 24.95  ? 188 GLY A N   1 
ATOM   1469 C CA  . GLY A 1 188 ? -8.714  -16.344 5.203   1.00 25.52  ? 188 GLY A CA  1 
ATOM   1470 C C   . GLY A 1 188 ? -9.622  -15.122 5.134   1.00 25.69  ? 188 GLY A C   1 
ATOM   1471 O O   . GLY A 1 188 ? -10.807 -15.200 5.459   1.00 25.94  ? 188 GLY A O   1 
ATOM   1472 N N   . PHE A 1 189 ? -9.051  -13.990 4.742   1.00 26.06  ? 189 PHE A N   1 
ATOM   1473 C CA  . PHE A 1 189 ? -9.803  -12.747 4.623   1.00 23.98  ? 189 PHE A CA  1 
ATOM   1474 C C   . PHE A 1 189 ? -10.683 -12.732 3.371   1.00 25.64  ? 189 PHE A C   1 
ATOM   1475 O O   . PHE A 1 189 ? -10.282 -13.261 2.332   1.00 26.36  ? 189 PHE A O   1 
ATOM   1476 C CB  . PHE A 1 189 ? -8.855  -11.556 4.403   1.00 18.45  ? 189 PHE A CB  1 
ATOM   1477 C CG  . PHE A 1 189 ? -8.123  -11.114 5.618   1.00 19.79  ? 189 PHE A CG  1 
ATOM   1478 C CD1 . PHE A 1 189 ? -8.795  -10.856 6.803   1.00 19.73  ? 189 PHE A CD1 1 
ATOM   1479 C CD2 . PHE A 1 189 ? -6.748  -10.902 5.562   1.00 19.00  ? 189 PHE A CD2 1 
ATOM   1480 C CE1 . PHE A 1 189 ? -8.111  -10.388 7.920   1.00 19.94  ? 189 PHE A CE1 1 
ATOM   1481 C CE2 . PHE A 1 189 ? -6.054  -10.433 6.674   1.00 20.55  ? 189 PHE A CE2 1 
ATOM   1482 C CZ  . PHE A 1 189 ? -6.737  -10.172 7.855   1.00 22.04  ? 189 PHE A CZ  1 
ATOM   1483 N N   . PRO A 1 190 ? -11.926 -12.261 3.507   1.00 23.73  ? 190 PRO A N   1 
ATOM   1484 C CA  . PRO A 1 190 ? -12.804 -12.194 2.328   1.00 22.93  ? 190 PRO A CA  1 
ATOM   1485 C C   . PRO A 1 190 ? -12.063 -11.063 1.579   1.00 21.00  ? 190 PRO A C   1 
ATOM   1486 O O   . PRO A 1 190 ? -11.829 -10.007 2.156   1.00 21.25  ? 190 PRO A O   1 
ATOM   1487 C CB  . PRO A 1 190 ? -14.109 -11.665 2.906   1.00 21.31  ? 190 PRO A CB  1 
ATOM   1488 C CG  . PRO A 1 190 ? -14.133 -12.279 4.258   1.00 22.85  ? 190 PRO A CG  1 
ATOM   1489 C CD  . PRO A 1 190 ? -12.717 -12.147 4.748   1.00 21.96  ? 190 PRO A CD  1 
ATOM   1490 N N   . THR A 1 191 ? -11.687 -11.292 0.325   1.00 20.79  ? 191 THR A N   1 
ATOM   1491 C CA  . THR A 1 191 ? -10.888 -10.291 -0.383  1.00 20.05  ? 191 THR A CA  1 
ATOM   1492 C C   . THR A 1 191 ? -11.522 -9.513  -1.532  1.00 18.41  ? 191 THR A C   1 
ATOM   1493 O O   . THR A 1 191 ? -12.183 -10.082 -2.404  1.00 20.96  ? 191 THR A O   1 
ATOM   1494 C CB  . THR A 1 191 ? -9.573  -10.933 -0.865  1.00 19.90  ? 191 THR A CB  1 
ATOM   1495 O OG1 . THR A 1 191 ? -8.949  -11.606 0.236   1.00 19.70  ? 191 THR A OG1 1 
ATOM   1496 C CG2 . THR A 1 191 ? -8.622  -9.887  -1.386  1.00 19.97  ? 191 THR A CG2 1 
ATOM   1497 N N   . CYS A 1 192 ? -11.266 -8.212  -1.534  1.00 18.07  ? 192 CYS A N   1 
ATOM   1498 C CA  . CYS A 1 192 ? -11.766 -7.310  -2.563  1.00 20.60  ? 192 CYS A CA  1 
ATOM   1499 C C   . CYS A 1 192 ? -10.571 -6.718  -3.313  1.00 16.04  ? 192 CYS A C   1 
ATOM   1500 O O   . CYS A 1 192 ? -9.744  -6.021  -2.721  1.00 19.30  ? 192 CYS A O   1 
ATOM   1501 C CB  . CYS A 1 192 ? -12.602 -6.185  -1.928  1.00 18.00  ? 192 CYS A CB  1 
ATOM   1502 S SG  . CYS A 1 192 ? -13.235 -4.968  -3.121  1.00 23.19  ? 192 CYS A SG  1 
ATOM   1503 N N   . TRP A 1 193 ? -10.460 -7.041  -4.599  1.00 17.59  ? 193 TRP A N   1 
ATOM   1504 C CA  . TRP A 1 193 ? -9.375  -6.532  -5.438  1.00 15.65  ? 193 TRP A CA  1 
ATOM   1505 C C   . TRP A 1 193 ? -9.830  -5.278  -6.190  1.00 9.86   ? 193 TRP A C   1 
ATOM   1506 O O   . TRP A 1 193 ? -10.795 -5.331  -6.952  1.00 14.34  ? 193 TRP A O   1 
ATOM   1507 C CB  . TRP A 1 193 ? -8.943  -7.605  -6.452  1.00 12.95  ? 193 TRP A CB  1 
ATOM   1508 C CG  . TRP A 1 193 ? -7.783  -7.190  -7.346  1.00 13.62  ? 193 TRP A CG  1 
ATOM   1509 C CD1 . TRP A 1 193 ? -6.690  -6.456  -6.984  1.00 13.83  ? 193 TRP A CD1 1 
ATOM   1510 C CD2 . TRP A 1 193 ? -7.623  -7.487  -8.740  1.00 10.92  ? 193 TRP A CD2 1 
ATOM   1511 N NE1 . TRP A 1 193 ? -5.864  -6.276  -8.068  1.00 15.28  ? 193 TRP A NE1 1 
ATOM   1512 C CE2 . TRP A 1 193 ? -6.409  -6.899  -9.159  1.00 10.95  ? 193 TRP A CE2 1 
ATOM   1513 C CE3 . TRP A 1 193 ? -8.383  -8.193  -9.683  1.00 15.08  ? 193 TRP A CE3 1 
ATOM   1514 C CZ2 . TRP A 1 193 ? -5.937  -6.993  -10.470 1.00 12.75  ? 193 TRP A CZ2 1 
ATOM   1515 C CZ3 . TRP A 1 193 ? -7.912  -8.287  -10.991 1.00 19.69  ? 193 TRP A CZ3 1 
ATOM   1516 C CH2 . TRP A 1 193 ? -6.699  -7.690  -11.368 1.00 13.43  ? 193 TRP A CH2 1 
ATOM   1517 N N   . ILE A 1 194 ? -9.138  -4.164  -5.967  1.00 12.79  ? 194 ILE A N   1 
ATOM   1518 C CA  . ILE A 1 194 ? -9.448  -2.898  -6.637  1.00 17.18  ? 194 ILE A CA  1 
ATOM   1519 C C   . ILE A 1 194 ? -8.649  -2.845  -7.944  1.00 16.27  ? 194 ILE A C   1 
ATOM   1520 O O   . ILE A 1 194 ? -7.463  -2.530  -7.930  1.00 20.04  ? 194 ILE A O   1 
ATOM   1521 C CB  . ILE A 1 194 ? -9.016  -1.676  -5.793  1.00 20.70  ? 194 ILE A CB  1 
ATOM   1522 C CG1 . ILE A 1 194 ? -9.598  -1.742  -4.378  1.00 26.16  ? 194 ILE A CG1 1 
ATOM   1523 C CG2 . ILE A 1 194 ? -9.446  -0.381  -6.485  1.00 21.42  ? 194 ILE A CG2 1 
ATOM   1524 C CD1 . ILE A 1 194 ? -11.047 -1.347  -4.277  1.00 29.38  ? 194 ILE A CD1 1 
ATOM   1525 N N   . ASN A 1 195 ? -9.311  -3.111  -9.063  1.00 16.62  ? 195 ASN A N   1 
ATOM   1526 C CA  . ASN A 1 195 ? -8.657  -3.106  -10.366 1.00 16.49  ? 195 ASN A CA  1 
ATOM   1527 C C   . ASN A 1 195 ? -9.150  -1.936  -11.230 1.00 20.21  ? 195 ASN A C   1 
ATOM   1528 O O   . ASN A 1 195 ? -10.055 -2.086  -12.061 1.00 23.55  ? 195 ASN A O   1 
ATOM   1529 C CB  . ASN A 1 195 ? -8.926  -4.432  -11.067 1.00 15.89  ? 195 ASN A CB  1 
ATOM   1530 C CG  . ASN A 1 195 ? -8.135  -4.590  -12.346 1.00 13.23  ? 195 ASN A CG  1 
ATOM   1531 O OD1 . ASN A 1 195 ? -7.119  -3.919  -12.564 1.00 17.73  ? 195 ASN A OD1 1 
ATOM   1532 N ND2 . ASN A 1 195 ? -8.590  -5.486  -13.196 1.00 11.13  ? 195 ASN A ND2 1 
ATOM   1533 N N   . ARG A 1 196 ? -8.516  -0.783  -11.055 1.00 18.11  ? 196 ARG A N   1 
ATOM   1534 C CA  . ARG A 1 196 ? -8.887  0.425   -11.779 1.00 21.27  ? 196 ARG A CA  1 
ATOM   1535 C C   . ARG A 1 196 ? -8.473  0.465   -13.241 1.00 26.63  ? 196 ARG A C   1 
ATOM   1536 O O   . ARG A 1 196 ? -9.222  0.970   -14.082 1.00 28.58  ? 196 ARG A O   1 
ATOM   1537 C CB  . ARG A 1 196 ? -8.302  1.663   -11.092 1.00 17.92  ? 196 ARG A CB  1 
ATOM   1538 C CG  . ARG A 1 196 ? -8.841  1.941   -9.715  1.00 23.67  ? 196 ARG A CG  1 
ATOM   1539 C CD  . ARG A 1 196 ? -8.363  3.281   -9.192  1.00 21.78  ? 196 ARG A CD  1 
ATOM   1540 N NE  . ARG A 1 196 ? -9.027  3.635   -7.936  1.00 29.25  ? 196 ARG A NE  1 
ATOM   1541 C CZ  . ARG A 1 196 ? -8.536  3.387   -6.723  1.00 31.16  ? 196 ARG A CZ  1 
ATOM   1542 N NH1 . ARG A 1 196 ? -7.348  2.805   -6.581  1.00 30.84  ? 196 ARG A NH1 1 
ATOM   1543 N NH2 . ARG A 1 196 ? -9.224  3.745   -5.646  1.00 28.65  ? 196 ARG A NH2 1 
ATOM   1544 N N   . THR A 1 197 ? -7.308  -0.098  -13.554 1.00 29.03  ? 197 THR A N   1 
ATOM   1545 C CA  . THR A 1 197 ? -6.786  -0.026  -14.917 1.00 25.75  ? 197 THR A CA  1 
ATOM   1546 C C   . THR A 1 197 ? -6.732  -1.255  -15.820 1.00 24.22  ? 197 THR A C   1 
ATOM   1547 O O   . THR A 1 197 ? -5.876  -1.335  -16.699 1.00 27.69  ? 197 THR A O   1 
ATOM   1548 C CB  . THR A 1 197 ? -5.411  0.625   -14.907 1.00 27.02  ? 197 THR A CB  1 
ATOM   1549 O OG1 . THR A 1 197 ? -4.620  0.038   -13.869 1.00 30.05  ? 197 THR A OG1 1 
ATOM   1550 C CG2 . THR A 1 197 ? -5.540  2.117   -14.645 1.00 31.84  ? 197 THR A CG2 1 
ATOM   1551 N N   . GLY A 1 198 ? -7.646  -2.194  -15.621 1.00 23.75  ? 198 GLY A N   1 
ATOM   1552 C CA  . GLY A 1 198 ? -7.695  -3.371  -16.472 1.00 25.19  ? 198 GLY A CA  1 
ATOM   1553 C C   . GLY A 1 198 ? -6.598  -4.411  -16.367 1.00 26.70  ? 198 GLY A C   1 
ATOM   1554 O O   . GLY A 1 198 ? -6.268  -5.058  -17.362 1.00 31.05  ? 198 GLY A O   1 
ATOM   1555 N N   . ASN A 1 199 ? -6.030  -4.587  -15.180 1.00 23.90  ? 199 ASN A N   1 
ATOM   1556 C CA  . ASN A 1 199 ? -4.997  -5.595  -14.995 1.00 20.99  ? 199 ASN A CA  1 
ATOM   1557 C C   . ASN A 1 199 ? -5.654  -6.964  -14.892 1.00 21.36  ? 199 ASN A C   1 
ATOM   1558 O O   . ASN A 1 199 ? -6.875  -7.060  -14.743 1.00 23.15  ? 199 ASN A O   1 
ATOM   1559 C CB  . ASN A 1 199 ? -4.211  -5.329  -13.714 1.00 25.11  ? 199 ASN A CB  1 
ATOM   1560 C CG  . ASN A 1 199 ? -3.284  -4.146  -13.832 1.00 33.60  ? 199 ASN A CG  1 
ATOM   1561 O OD1 . ASN A 1 199 ? -2.669  -3.919  -14.875 1.00 43.38  ? 199 ASN A OD1 1 
ATOM   1562 N ND2 . ASN A 1 199 ? -3.152  -3.395  -12.754 1.00 39.83  ? 199 ASN A ND2 1 
ATOM   1563 N N   . VAL A 1 200 ? -4.860  -8.022  -15.032 1.00 20.25  ? 200 VAL A N   1 
ATOM   1564 C CA  . VAL A 1 200 ? -5.365  -9.386  -14.889 1.00 19.67  ? 200 VAL A CA  1 
ATOM   1565 C C   . VAL A 1 200 ? -4.812  -9.907  -13.559 1.00 17.28  ? 200 VAL A C   1 
ATOM   1566 O O   . VAL A 1 200 ? -3.762  -9.454  -13.084 1.00 15.26  ? 200 VAL A O   1 
ATOM   1567 C CB  . VAL A 1 200 ? -4.966  -10.318 -16.067 1.00 24.68  ? 200 VAL A CB  1 
ATOM   1568 C CG1 . VAL A 1 200 ? -5.815  -10.010 -17.293 1.00 23.22  ? 200 VAL A CG1 1 
ATOM   1569 C CG2 . VAL A 1 200 ? -3.492  -10.164 -16.402 1.00 26.57  ? 200 VAL A CG2 1 
ATOM   1570 N N   . PHE A 1 201 ? -5.552  -10.810 -12.929 1.00 17.59  ? 201 PHE A N   1 
ATOM   1571 C CA  . PHE A 1 201 ? -5.151  -11.350 -11.636 1.00 19.79  ? 201 PHE A CA  1 
ATOM   1572 C C   . PHE A 1 201 ? -3.946  -12.283 -11.746 1.00 22.30  ? 201 PHE A C   1 
ATOM   1573 O O   . PHE A 1 201 ? -3.716  -12.897 -12.792 1.00 23.22  ? 201 PHE A O   1 
ATOM   1574 C CB  . PHE A 1 201 ? -6.334  -12.077 -10.984 1.00 17.54  ? 201 PHE A CB  1 
ATOM   1575 C CG  . PHE A 1 201 ? -6.281  -12.100 -9.481  1.00 16.18  ? 201 PHE A CG  1 
ATOM   1576 C CD1 . PHE A 1 201 ? -6.420  -10.925 -8.751  1.00 15.43  ? 201 PHE A CD1 1 
ATOM   1577 C CD2 . PHE A 1 201 ? -6.082  -13.291 -8.799  1.00 17.00  ? 201 PHE A CD2 1 
ATOM   1578 C CE1 . PHE A 1 201 ? -6.363  -10.936 -7.365  1.00 18.73  ? 201 PHE A CE1 1 
ATOM   1579 C CE2 . PHE A 1 201 ? -6.020  -13.315 -7.414  1.00 20.54  ? 201 PHE A CE2 1 
ATOM   1580 C CZ  . PHE A 1 201 ? -6.162  -12.135 -6.695  1.00 21.50  ? 201 PHE A CZ  1 
ATOM   1581 N N   . GLU A 1 202 ? -3.164  -12.354 -10.671 1.00 21.88  ? 202 GLU A N   1 
ATOM   1582 C CA  . GLU A 1 202 ? -1.991  -13.215 -10.628 1.00 21.21  ? 202 GLU A CA  1 
ATOM   1583 C C   . GLU A 1 202 ? -2.387  -14.675 -10.770 1.00 21.87  ? 202 GLU A C   1 
ATOM   1584 O O   . GLU A 1 202 ? -3.483  -15.087 -10.377 1.00 21.54  ? 202 GLU A O   1 
ATOM   1585 C CB  . GLU A 1 202 ? -1.217  -13.015 -9.325  1.00 19.92  ? 202 GLU A CB  1 
ATOM   1586 C CG  . GLU A 1 202 ? -0.599  -11.629 -9.170  1.00 24.21  ? 202 GLU A CG  1 
ATOM   1587 C CD  . GLU A 1 202 ? 0.510   -11.322 -10.173 1.00 27.96  ? 202 GLU A CD  1 
ATOM   1588 O OE1 . GLU A 1 202 ? 0.802   -12.163 -11.050 1.00 30.03  ? 202 GLU A OE1 1 
ATOM   1589 O OE2 . GLU A 1 202 ? 1.101   -10.228 -10.076 1.00 31.24  ? 202 GLU A OE2 1 
ATOM   1590 N N   . GLU A 1 203 ? -1.481  -15.468 -11.314 1.00 19.70  ? 203 GLU A N   1 
ATOM   1591 C CA  . GLU A 1 203 ? -1.751  -16.874 -11.515 1.00 20.74  ? 203 GLU A CA  1 
ATOM   1592 C C   . GLU A 1 203 ? -1.119  -17.708 -10.402 1.00 23.36  ? 203 GLU A C   1 
ATOM   1593 O O   . GLU A 1 203 ? -0.250  -18.547 -10.655 1.00 22.78  ? 203 GLU A O   1 
ATOM   1594 C CB  . GLU A 1 203 ? -1.234  -17.302 -12.888 1.00 26.11  ? 203 GLU A CB  1 
ATOM   1595 C CG  . GLU A 1 203 ? -2.139  -18.279 -13.619 1.00 35.66  ? 203 GLU A CG  1 
ATOM   1596 C CD  . GLU A 1 203 ? -3.465  -17.668 -14.045 1.00 34.72  ? 203 GLU A CD  1 
ATOM   1597 O OE1 . GLU A 1 203 ? -3.455  -16.571 -14.642 1.00 37.94  ? 203 GLU A OE1 1 
ATOM   1598 O OE2 . GLU A 1 203 ? -4.516  -18.296 -13.800 1.00 40.24  ? 203 GLU A OE2 1 
ATOM   1599 N N   . MET A 1 204 ? -1.528  -17.453 -9.160  1.00 21.95  ? 204 MET A N   1 
ATOM   1600 C CA  . MET A 1 204 ? -0.997  -18.211 -8.029  1.00 18.03  ? 204 MET A CA  1 
ATOM   1601 C C   . MET A 1 204 ? -2.042  -19.032 -7.303  1.00 17.69  ? 204 MET A C   1 
ATOM   1602 O O   . MET A 1 204 ? -1.969  -19.210 -6.088  1.00 20.21  ? 204 MET A O   1 
ATOM   1603 C CB  . MET A 1 204 ? -0.252  -17.310 -7.047  1.00 15.83  ? 204 MET A CB  1 
ATOM   1604 C CG  . MET A 1 204 ? 1.110   -16.913 -7.532  1.00 13.31  ? 204 MET A CG  1 
ATOM   1605 S SD  . MET A 1 204 ? 1.960   -15.853 -6.390  1.00 20.52  ? 204 MET A SD  1 
ATOM   1606 C CE  . MET A 1 204 ? 1.157   -14.276 -6.713  1.00 19.85  ? 204 MET A CE  1 
ATOM   1607 N N   . GLY A 1 205 ? -3.022  -19.516 -8.061  1.00 20.91  ? 205 GLY A N   1 
ATOM   1608 C CA  . GLY A 1 205 ? -4.072  -20.361 -7.509  1.00 24.08  ? 205 GLY A CA  1 
ATOM   1609 C C   . GLY A 1 205 ? -5.249  -19.717 -6.796  1.00 27.57  ? 205 GLY A C   1 
ATOM   1610 O O   . GLY A 1 205 ? -6.090  -20.432 -6.264  1.00 28.89  ? 205 GLY A O   1 
ATOM   1611 N N   . GLN A 1 206 ? -5.331  -18.392 -6.789  1.00 28.34  ? 206 GLN A N   1 
ATOM   1612 C CA  . GLN A 1 206 ? -6.434  -17.712 -6.114  1.00 29.11  ? 206 GLN A CA  1 
ATOM   1613 C C   . GLN A 1 206 ? -7.179  -16.757 -7.026  1.00 28.08  ? 206 GLN A C   1 
ATOM   1614 O O   . GLN A 1 206 ? -6.725  -16.441 -8.125  1.00 27.34  ? 206 GLN A O   1 
ATOM   1615 C CB  . GLN A 1 206 ? -5.924  -16.929 -4.898  1.00 30.59  ? 206 GLN A CB  1 
ATOM   1616 C CG  . GLN A 1 206 ? -5.761  -17.741 -3.624  1.00 36.31  ? 206 GLN A CG  1 
ATOM   1617 C CD  . GLN A 1 206 ? -7.082  -18.259 -3.076  1.00 41.00  ? 206 GLN A CD  1 
ATOM   1618 O OE1 . GLN A 1 206 ? -8.156  -17.916 -3.571  1.00 42.38  ? 206 GLN A OE1 1 
ATOM   1619 N NE2 . GLN A 1 206 ? -7.004  -19.095 -2.051  1.00 41.39  ? 206 GLN A NE2 1 
ATOM   1620 N N   . THR A 1 207 ? -8.349  -16.330 -6.559  1.00 26.58  ? 207 THR A N   1 
ATOM   1621 C CA  . THR A 1 207 ? -9.202  -15.367 -7.242  1.00 24.50  ? 207 THR A CA  1 
ATOM   1622 C C   . THR A 1 207 ? -9.850  -14.583 -6.110  1.00 24.52  ? 207 THR A C   1 
ATOM   1623 O O   . THR A 1 207 ? -10.216 -15.160 -5.089  1.00 25.79  ? 207 THR A O   1 
ATOM   1624 C CB  . THR A 1 207 ? -10.288 -16.053 -8.098  1.00 24.93  ? 207 THR A CB  1 
ATOM   1625 O OG1 . THR A 1 207 ? -10.916 -17.096 -7.346  1.00 36.25  ? 207 THR A OG1 1 
ATOM   1626 C CG2 . THR A 1 207 ? -9.691  -16.643 -9.359  1.00 30.72  ? 207 THR A CG2 1 
ATOM   1627 N N   . PRO A 1 208 ? -9.958  -13.253 -6.247  1.00 23.62  ? 208 PRO A N   1 
ATOM   1628 C CA  . PRO A 1 208 ? -10.580 -12.447 -5.186  1.00 21.15  ? 208 PRO A CA  1 
ATOM   1629 C C   . PRO A 1 208 ? -12.080 -12.680 -5.114  1.00 20.85  ? 208 PRO A C   1 
ATOM   1630 O O   . PRO A 1 208 ? -12.696 -13.121 -6.088  1.00 24.17  ? 208 PRO A O   1 
ATOM   1631 C CB  . PRO A 1 208 ? -10.261 -11.025 -5.628  1.00 20.70  ? 208 PRO A CB  1 
ATOM   1632 C CG  . PRO A 1 208 ? -10.383 -11.121 -7.111  1.00 21.90  ? 208 PRO A CG  1 
ATOM   1633 C CD  . PRO A 1 208 ? -9.653  -12.415 -7.422  1.00 24.64  ? 208 PRO A CD  1 
ATOM   1634 N N   . ASP A 1 209 ? -12.675 -12.381 -3.965  1.00 22.27  ? 209 ASP A N   1 
ATOM   1635 C CA  . ASP A 1 209 ? -14.110 -12.546 -3.791  1.00 19.11  ? 209 ASP A CA  1 
ATOM   1636 C C   . ASP A 1 209 ? -14.872 -11.513 -4.609  1.00 18.28  ? 209 ASP A C   1 
ATOM   1637 O O   . ASP A 1 209 ? -15.945 -11.796 -5.148  1.00 20.85  ? 209 ASP A O   1 
ATOM   1638 C CB  . ASP A 1 209 ? -14.465 -12.443 -2.317  1.00 18.41  ? 209 ASP A CB  1 
ATOM   1639 C CG  . ASP A 1 209 ? -13.938 -13.610 -1.532  1.00 21.68  ? 209 ASP A CG  1 
ATOM   1640 O OD1 . ASP A 1 209 ? -14.504 -14.711 -1.667  1.00 30.60  ? 209 ASP A OD1 1 
ATOM   1641 O OD2 . ASP A 1 209 ? -12.940 -13.446 -0.812  1.00 22.24  ? 209 ASP A OD2 1 
ATOM   1642 N N   . TRP A 1 210 ? -14.293 -10.319 -4.705  1.00 19.18  ? 210 TRP A N   1 
ATOM   1643 C CA  . TRP A 1 210 ? -14.868 -9.220  -5.469  1.00 20.52  ? 210 TRP A CA  1 
ATOM   1644 C C   . TRP A 1 210 ? -13.754 -8.498  -6.222  1.00 17.72  ? 210 TRP A C   1 
ATOM   1645 O O   . TRP A 1 210 ? -12.645 -8.354  -5.711  1.00 20.44  ? 210 TRP A O   1 
ATOM   1646 C CB  . TRP A 1 210 ? -15.559 -8.205  -4.543  1.00 19.15  ? 210 TRP A CB  1 
ATOM   1647 C CG  . TRP A 1 210 ? -16.667 -8.766  -3.694  1.00 26.48  ? 210 TRP A CG  1 
ATOM   1648 C CD1 . TRP A 1 210 ? -17.957 -9.018  -4.079  1.00 26.33  ? 210 TRP A CD1 1 
ATOM   1649 C CD2 . TRP A 1 210 ? -16.567 -9.191  -2.329  1.00 25.24  ? 210 TRP A CD2 1 
ATOM   1650 N NE1 . TRP A 1 210 ? -18.660 -9.584  -3.043  1.00 23.26  ? 210 TRP A NE1 1 
ATOM   1651 C CE2 . TRP A 1 210 ? -17.833 -9.704  -1.958  1.00 27.48  ? 210 TRP A CE2 1 
ATOM   1652 C CE3 . TRP A 1 210 ? -15.530 -9.196  -1.386  1.00 27.44  ? 210 TRP A CE3 1 
ATOM   1653 C CZ2 . TRP A 1 210 ? -18.086 -10.221 -0.681  1.00 27.59  ? 210 TRP A CZ2 1 
ATOM   1654 C CZ3 . TRP A 1 210 ? -15.781 -9.708  -0.117  1.00 26.76  ? 210 TRP A CZ3 1 
ATOM   1655 C CH2 . TRP A 1 210 ? -17.053 -10.214 0.223   1.00 30.58  ? 210 TRP A CH2 1 
ATOM   1656 N N   . GLU A 1 211 ? -14.040 -8.100  -7.455  1.00 21.15  ? 211 GLU A N   1 
ATOM   1657 C CA  . GLU A 1 211 ? -13.109 -7.331  -8.269  1.00 22.13  ? 211 GLU A CA  1 
ATOM   1658 C C   . GLU A 1 211 ? -13.903 -6.081  -8.622  1.00 20.37  ? 211 GLU A C   1 
ATOM   1659 O O   . GLU A 1 211 ? -14.948 -6.168  -9.264  1.00 24.33  ? 211 GLU A O   1 
ATOM   1660 C CB  . GLU A 1 211 ? -12.737 -8.078  -9.552  1.00 24.40  ? 211 GLU A CB  1 
ATOM   1661 C CG  . GLU A 1 211 ? -11.770 -7.295  -10.444 1.00 25.06  ? 211 GLU A CG  1 
ATOM   1662 C CD  . GLU A 1 211 ? -11.498 -7.973  -11.778 1.00 27.50  ? 211 GLU A CD  1 
ATOM   1663 O OE1 . GLU A 1 211 ? -11.753 -9.190  -11.918 1.00 31.89  ? 211 GLU A OE1 1 
ATOM   1664 O OE2 . GLU A 1 211 ? -11.020 -7.275  -12.698 1.00 25.90  ? 211 GLU A OE2 1 
ATOM   1665 N N   . VAL A 1 212 ? -13.447 -4.933  -8.147  1.00 20.80  ? 212 VAL A N   1 
ATOM   1666 C CA  . VAL A 1 212 ? -14.153 -3.685  -8.397  1.00 21.90  ? 212 VAL A CA  1 
ATOM   1667 C C   . VAL A 1 212 ? -13.227 -2.710  -9.089  1.00 23.54  ? 212 VAL A C   1 
ATOM   1668 O O   . VAL A 1 212 ? -12.014 -2.900  -9.074  1.00 24.17  ? 212 VAL A O   1 
ATOM   1669 C CB  . VAL A 1 212 ? -14.662 -3.050  -7.069  1.00 21.04  ? 212 VAL A CB  1 
ATOM   1670 C CG1 . VAL A 1 212 ? -15.552 -4.027  -6.323  1.00 23.95  ? 212 VAL A CG1 1 
ATOM   1671 C CG2 . VAL A 1 212 ? -13.502 -2.631  -6.189  1.00 19.89  ? 212 VAL A CG2 1 
ATOM   1672 N N   . THR A 1 213 ? -13.790 -1.649  -9.660  1.00 24.10  ? 213 THR A N   1 
ATOM   1673 C CA  . THR A 1 213 ? -12.993 -0.647  -10.357 1.00 21.43  ? 213 THR A CA  1 
ATOM   1674 C C   . THR A 1 213 ? -12.636 0.558   -9.492  1.00 20.97  ? 213 THR A C   1 
ATOM   1675 O O   . THR A 1 213 ? -11.828 1.394   -9.900  1.00 20.59  ? 213 THR A O   1 
ATOM   1676 C CB  . THR A 1 213 ? -13.697 -0.162  -11.648 1.00 21.95  ? 213 THR A CB  1 
ATOM   1677 O OG1 . THR A 1 213 ? -14.978 0.383   -11.319 1.00 29.74  ? 213 THR A OG1 1 
ATOM   1678 C CG2 . THR A 1 213 ? -13.892 -1.319  -12.623 1.00 16.47  ? 213 THR A CG2 1 
ATOM   1679 N N   . SER A 1 214 ? -13.242 0.658   -8.311  1.00 20.06  ? 214 SER A N   1 
ATOM   1680 C CA  . SER A 1 214 ? -12.965 1.773   -7.401  1.00 18.68  ? 214 SER A CA  1 
ATOM   1681 C C   . SER A 1 214 ? -13.638 1.533   -6.055  1.00 17.90  ? 214 SER A C   1 
ATOM   1682 O O   . SER A 1 214 ? -14.383 0.564   -5.894  1.00 20.20  ? 214 SER A O   1 
ATOM   1683 C CB  . SER A 1 214 ? -13.474 3.103   -7.987  1.00 20.28  ? 214 SER A CB  1 
ATOM   1684 O OG  . SER A 1 214 ? -14.896 3.195   -7.970  1.00 17.70  ? 214 SER A OG  1 
ATOM   1685 N N   . LEU A 1 215 ? -13.409 2.441   -5.108  1.00 22.73  ? 215 LEU A N   1 
ATOM   1686 C CA  . LEU A 1 215 ? -14.019 2.333   -3.785  1.00 24.26  ? 215 LEU A CA  1 
ATOM   1687 C C   . LEU A 1 215 ? -15.531 2.533   -3.821  1.00 22.60  ? 215 LEU A C   1 
ATOM   1688 O O   . LEU A 1 215 ? -16.225 2.186   -2.870  1.00 26.09  ? 215 LEU A O   1 
ATOM   1689 C CB  . LEU A 1 215 ? -13.399 3.323   -2.794  1.00 23.44  ? 215 LEU A CB  1 
ATOM   1690 C CG  . LEU A 1 215 ? -12.060 2.995   -2.122  1.00 29.00  ? 215 LEU A CG  1 
ATOM   1691 C CD1 . LEU A 1 215 ? -12.108 3.535   -0.706  1.00 24.59  ? 215 LEU A CD1 1 
ATOM   1692 C CD2 . LEU A 1 215 ? -11.802 1.493   -2.082  1.00 30.57  ? 215 LEU A CD2 1 
ATOM   1693 N N   . ARG A 1 216 ? -16.039 3.092   -4.915  1.00 23.88  ? 216 ARG A N   1 
ATOM   1694 C CA  . ARG A 1 216 ? -17.474 3.319   -5.041  1.00 22.31  ? 216 ARG A CA  1 
ATOM   1695 C C   . ARG A 1 216 ? -18.209 1.989   -4.965  1.00 23.90  ? 216 ARG A C   1 
ATOM   1696 O O   . ARG A 1 216 ? -19.235 1.874   -4.297  1.00 23.85  ? 216 ARG A O   1 
ATOM   1697 C CB  . ARG A 1 216 ? -17.807 4.000   -6.374  1.00 22.77  ? 216 ARG A CB  1 
ATOM   1698 C CG  . ARG A 1 216 ? -17.132 5.332   -6.591  1.00 21.52  ? 216 ARG A CG  1 
ATOM   1699 C CD  . ARG A 1 216 ? -17.535 5.932   -7.930  1.00 25.60  ? 216 ARG A CD  1 
ATOM   1700 N NE  . ARG A 1 216 ? -16.690 7.073   -8.285  1.00 26.16  ? 216 ARG A NE  1 
ATOM   1701 C CZ  . ARG A 1 216 ? -15.587 6.983   -9.023  1.00 27.63  ? 216 ARG A CZ  1 
ATOM   1702 N NH1 . ARG A 1 216 ? -15.194 5.807   -9.502  1.00 25.90  ? 216 ARG A NH1 1 
ATOM   1703 N NH2 . ARG A 1 216 ? -14.875 8.067   -9.289  1.00 22.67  ? 216 ARG A NH2 1 
ATOM   1704 N N   . ALA A 1 217 ? -17.660 0.973   -5.624  1.00 21.10  ? 217 ALA A N   1 
ATOM   1705 C CA  . ALA A 1 217 ? -18.290 -0.339  -5.625  1.00 21.06  ? 217 ALA A CA  1 
ATOM   1706 C C   . ALA A 1 217 ? -18.222 -1.009  -4.251  1.00 23.42  ? 217 ALA A C   1 
ATOM   1707 O O   . ALA A 1 217 ? -19.044 -1.871  -3.937  1.00 26.19  ? 217 ALA A O   1 
ATOM   1708 C CB  . ALA A 1 217 ? -17.677 -1.219  -6.685  1.00 22.08  ? 217 ALA A CB  1 
ATOM   1709 N N   . VAL A 1 218 ? -17.252 -0.604  -3.436  1.00 24.94  ? 218 VAL A N   1 
ATOM   1710 C CA  . VAL A 1 218 ? -17.104 -1.144  -2.087  1.00 26.34  ? 218 VAL A CA  1 
ATOM   1711 C C   . VAL A 1 218 ? -18.269 -0.644  -1.234  1.00 27.94  ? 218 VAL A C   1 
ATOM   1712 O O   . VAL A 1 218 ? -18.920 -1.422  -0.534  1.00 26.97  ? 218 VAL A O   1 
ATOM   1713 C CB  . VAL A 1 218 ? -15.784 -0.683  -1.441  1.00 25.95  ? 218 VAL A CB  1 
ATOM   1714 C CG1 . VAL A 1 218 ? -15.685 -1.202  -0.009  1.00 26.81  ? 218 VAL A CG1 1 
ATOM   1715 C CG2 . VAL A 1 218 ? -14.609 -1.166  -2.271  1.00 28.77  ? 218 VAL A CG2 1 
ATOM   1716 N N   . VAL A 1 219 ? -18.527 0.659   -1.308  1.00 27.25  ? 219 VAL A N   1 
ATOM   1717 C CA  . VAL A 1 219 ? -19.619 1.277   -0.567  1.00 26.05  ? 219 VAL A CA  1 
ATOM   1718 C C   . VAL A 1 219 ? -20.935 0.586   -0.896  1.00 27.32  ? 219 VAL A C   1 
ATOM   1719 O O   . VAL A 1 219 ? -21.715 0.271   -0.008  1.00 28.47  ? 219 VAL A O   1 
ATOM   1720 C CB  . VAL A 1 219 ? -19.740 2.769   -0.908  1.00 23.58  ? 219 VAL A CB  1 
ATOM   1721 C CG1 . VAL A 1 219 ? -20.991 3.346   -0.289  1.00 25.68  ? 219 VAL A CG1 1 
ATOM   1722 C CG2 . VAL A 1 219 ? -18.523 3.517   -0.404  1.00 24.70  ? 219 VAL A CG2 1 
ATOM   1723 N N   . GLU A 1 220 ? -21.147 0.312   -2.175  1.00 30.32  ? 220 GLU A N   1 
ATOM   1724 C CA  . GLU A 1 220 ? -22.367 -0.342  -2.634  1.00 33.74  ? 220 GLU A CA  1 
ATOM   1725 C C   . GLU A 1 220 ? -22.498 -1.800  -2.196  1.00 38.95  ? 220 GLU A C   1 
ATOM   1726 O O   . GLU A 1 220 ? -23.509 -2.437  -2.479  1.00 43.95  ? 220 GLU A O   1 
ATOM   1727 C CB  . GLU A 1 220 ? -22.474 -0.239  -4.147  1.00 34.25  ? 220 GLU A CB  1 
ATOM   1728 N N   . LEU A 1 221 ? -21.462 -2.348  -1.565  1.00 43.88  ? 221 LEU A N   1 
ATOM   1729 C CA  . LEU A 1 221 ? -21.510 -3.733  -1.098  1.00 45.52  ? 221 LEU A CA  1 
ATOM   1730 C C   . LEU A 1 221 ? -22.240 -3.810  0.235   1.00 44.50  ? 221 LEU A C   1 
ATOM   1731 O O   . LEU A 1 221 ? -22.734 -4.869  0.621   1.00 46.21  ? 221 LEU A O   1 
ATOM   1732 C CB  . LEU A 1 221 ? -20.100 -4.320  -0.929  1.00 45.60  ? 221 LEU A CB  1 
ATOM   1733 C CG  . LEU A 1 221 ? -19.276 -4.715  -2.161  1.00 45.18  ? 221 LEU A CG  1 
ATOM   1734 C CD1 . LEU A 1 221 ? -17.932 -5.274  -1.715  1.00 42.34  ? 221 LEU A CD1 1 
ATOM   1735 C CD2 . LEU A 1 221 ? -20.029 -5.745  -2.990  1.00 42.08  ? 221 LEU A CD2 1 
ATOM   1736 N N   . PHE A 1 222 ? -22.301 -2.680  0.925   1.00 45.72  ? 222 PHE A N   1 
ATOM   1737 C CA  . PHE A 1 222 ? -22.941 -2.602  2.227   1.00 50.75  ? 222 PHE A CA  1 
ATOM   1738 C C   . PHE A 1 222 ? -24.312 -1.931  2.166   1.00 55.31  ? 222 PHE A C   1 
ATOM   1739 O O   . PHE A 1 222 ? -24.992 -1.901  3.214   1.00 62.02  ? 222 PHE A O   1 
ATOM   1740 C CB  . PHE A 1 222 ? -22.019 -1.860  3.196   1.00 49.54  ? 222 PHE A CB  1 
ATOM   1741 C CG  . PHE A 1 222 ? -20.645 -2.463  3.300   1.00 51.20  ? 222 PHE A CG  1 
ATOM   1742 C CD1 . PHE A 1 222 ? -20.415 -3.566  4.121   1.00 50.99  ? 222 PHE A CD1 1 
ATOM   1743 C CD2 . PHE A 1 222 ? -19.584 -1.943  2.564   1.00 51.25  ? 222 PHE A CD2 1 
ATOM   1744 C CE1 . PHE A 1 222 ? -19.149 -4.147  4.202   1.00 48.30  ? 222 PHE A CE1 1 
ATOM   1745 C CE2 . PHE A 1 222 ? -18.315 -2.516  2.639   1.00 48.61  ? 222 PHE A CE2 1 
ATOM   1746 C CZ  . PHE A 1 222 ? -18.098 -3.619  3.462   1.00 51.50  ? 222 PHE A CZ  1 
HETATM 1747 C C   . ACY B 2 .   ? 0.867   -0.354  0.789   1.00 30.56  ? 300 ACY A C   1 
HETATM 1748 O O   . ACY B 2 .   ? 1.937   -0.842  1.195   1.00 30.45  ? 300 ACY A O   1 
HETATM 1749 O OXT . ACY B 2 .   ? 0.331   0.622   1.352   1.00 30.01  ? 300 ACY A OXT 1 
HETATM 1750 C CH3 . ACY B 2 .   ? 0.208   -0.956  -0.447  1.00 27.22  ? 300 ACY A CH3 1 
HETATM 1751 O O   . HOH C 3 .   ? -2.381  -3.393  -2.531  1.00 23.21  ? 500 HOH A O   1 
HETATM 1752 O O   . HOH C 3 .   ? -0.026  -4.457  -1.408  1.00 23.75  ? 501 HOH A O   1 
HETATM 1753 O O   . HOH C 3 .   ? 2.534   -3.886  -0.449  1.00 38.67  ? 502 HOH A O   1 
HETATM 1754 O O   . HOH C 3 .   ? -3.465  -15.989 -7.542  1.00 17.64  ? 503 HOH A O   1 
HETATM 1755 O O   . HOH C 3 .   ? 8.608   -0.860  7.849   1.00 28.57  ? 504 HOH A O   1 
HETATM 1756 O O   . HOH C 3 .   ? 15.277  -10.176 10.048  1.00 65.07  ? 505 HOH A O   1 
HETATM 1757 O O   . HOH C 3 .   ? -5.608  -4.292  2.701   1.00 43.12  ? 506 HOH A O   1 
HETATM 1758 O O   . HOH C 3 .   ? 7.218   -1.011  -11.650 1.00 40.49  ? 507 HOH A O   1 
HETATM 1759 O O   . HOH C 3 .   ? 4.818   -5.803  2.668   1.00 24.99  ? 508 HOH A O   1 
HETATM 1760 O O   . HOH C 3 .   ? -1.993  -7.949  -11.613 1.00 27.84  ? 509 HOH A O   1 
HETATM 1761 O O   . HOH C 3 .   ? -9.538  8.551   -9.488  1.00 43.00  ? 510 HOH A O   1 
HETATM 1762 O O   . HOH C 3 .   ? 3.540   -17.244 5.873   1.00 26.60  ? 511 HOH A O   1 
HETATM 1763 O O   . HOH C 3 .   ? 2.340   -20.003 -9.717  1.00 23.48  ? 512 HOH A O   1 
HETATM 1764 O O   . HOH C 3 .   ? -1.087  -16.342 2.607   1.00 30.87  ? 513 HOH A O   1 
HETATM 1765 O O   . HOH C 3 .   ? -12.070 -17.697 10.025  1.00 30.91  ? 514 HOH A O   1 
HETATM 1766 O O   . HOH C 3 .   ? -3.086  -3.964  3.915   1.00 24.89  ? 515 HOH A O   1 
HETATM 1767 O O   . HOH C 3 .   ? -15.081 2.939   -10.860 1.00 26.13  ? 516 HOH A O   1 
HETATM 1768 O O   . HOH C 3 .   ? -2.779  -6.273  -9.661  1.00 23.52  ? 517 HOH A O   1 
HETATM 1769 O O   . HOH C 3 .   ? -18.393 -3.008  13.063  1.00 36.33  ? 518 HOH A O   1 
HETATM 1770 O O   . HOH C 3 .   ? 5.447   -4.184  -0.609  1.00 30.43  ? 519 HOH A O   1 
HETATM 1771 O O   . HOH C 3 .   ? -3.633  -19.989 -10.922 1.00 46.65  ? 520 HOH A O   1 
HETATM 1772 O O   . HOH C 3 .   ? 12.848  -0.643  12.346  1.00 42.88  ? 521 HOH A O   1 
HETATM 1773 O O   . HOH C 3 .   ? -0.792  -19.159 3.228   1.00 36.14  ? 522 HOH A O   1 
HETATM 1774 O O   . HOH C 3 .   ? 6.450   -0.682  -4.756  1.00 25.93  ? 523 HOH A O   1 
HETATM 1775 O O   . HOH C 3 .   ? -11.027 5.871   -8.962  1.00 30.59  ? 524 HOH A O   1 
HETATM 1776 O O   . HOH C 3 .   ? -9.202  -8.951  -14.507 1.00 38.52  ? 525 HOH A O   1 
HETATM 1777 O O   . HOH C 3 .   ? 1.415   -11.745 13.805  1.00 30.07  ? 526 HOH A O   1 
HETATM 1778 O O   . HOH C 3 .   ? 11.445  -13.775 8.080   1.00 43.41  ? 527 HOH A O   1 
HETATM 1779 O O   . HOH C 3 .   ? 2.573   -1.235  -3.704  1.00 42.38  ? 528 HOH A O   1 
HETATM 1780 O O   . HOH C 3 .   ? 7.669   7.801   3.056   1.00 54.26  ? 529 HOH A O   1 
HETATM 1781 O O   . HOH C 3 .   ? -16.725 1.326   -8.657  1.00 34.28  ? 530 HOH A O   1 
HETATM 1782 O O   . HOH C 3 .   ? -0.713  11.676  -5.736  1.00 37.79  ? 531 HOH A O   1 
HETATM 1783 O O   . HOH C 3 .   ? 4.248   12.768  -4.676  1.00 42.77  ? 532 HOH A O   1 
HETATM 1784 O O   . HOH C 3 .   ? 12.273  -10.963 7.860   1.00 33.87  ? 533 HOH A O   1 
HETATM 1785 O O   . HOH C 3 .   ? 1.649   -0.954  13.734  1.00 46.97  ? 534 HOH A O   1 
HETATM 1786 O O   . HOH C 3 .   ? -16.747 -1.893  -9.697  1.00 68.21  ? 535 HOH A O   1 
HETATM 1787 O O   . HOH C 3 .   ? -3.841  -13.286 14.407  1.00 46.47  ? 536 HOH A O   1 
HETATM 1788 O O   . HOH C 3 .   ? -2.051  -6.789  -15.673 1.00 43.55  ? 537 HOH A O   1 
HETATM 1789 O O   . HOH C 3 .   ? 8.940   1.334   9.591   1.00 37.84  ? 538 HOH A O   1 
HETATM 1790 O O   . HOH C 3 .   ? -1.854  -23.269 -4.247  1.00 45.39  ? 539 HOH A O   1 
HETATM 1791 O O   . HOH C 3 .   ? -1.192  4.998   -7.902  1.00 40.38  ? 540 HOH A O   1 
HETATM 1792 O O   . HOH C 3 .   ? -5.184  1.681   -8.146  1.00 34.35  ? 541 HOH A O   1 
HETATM 1793 O O   . HOH C 3 .   ? 6.843   4.900   3.450   1.00 45.40  ? 542 HOH A O   1 
HETATM 1794 O O   . HOH C 3 .   ? -8.577  -11.673 -13.719 1.00 37.62  ? 543 HOH A O   1 
HETATM 1795 O O   . HOH C 3 .   ? 23.793  7.177   -8.499  1.00 35.16  ? 544 HOH A O   1 
HETATM 1796 O O   . HOH C 3 .   ? -12.065 -17.229 7.087   1.00 37.10  ? 545 HOH A O   1 
HETATM 1797 O O   . HOH C 3 .   ? 23.159  6.085   -0.554  1.00 45.34  ? 546 HOH A O   1 
HETATM 1798 O O   . HOH C 3 .   ? -0.086  -8.117  -8.407  1.00 21.24  ? 547 HOH A O   1 
HETATM 1799 O O   . HOH C 3 .   ? 2.846   11.807  11.485  1.00 40.69  ? 548 HOH A O   1 
HETATM 1800 O O   . HOH C 3 .   ? 8.215   4.587   6.420   1.00 29.80  ? 549 HOH A O   1 
HETATM 1801 O O   . HOH C 3 .   ? 10.264  3.261   7.624   1.00 34.28  ? 550 HOH A O   1 
HETATM 1802 O O   . HOH C 3 .   ? -4.977  -3.759  -10.037 1.00 45.25  ? 551 HOH A O   1 
HETATM 1803 O O   . HOH C 3 .   ? 11.464  -11.872 11.512  1.00 50.57  ? 552 HOH A O   1 
HETATM 1804 O O   . HOH C 3 .   ? -4.835  -14.263 -14.887 1.00 36.66  ? 553 HOH A O   1 
HETATM 1805 O O   . HOH C 3 .   ? -20.460 -7.912  2.180   1.00 46.44  ? 554 HOH A O   1 
HETATM 1806 O O   . HOH C 3 .   ? -1.402  13.306  1.691   1.00 32.98  ? 555 HOH A O   1 
HETATM 1807 O O   . HOH C 3 .   ? -6.074  -0.757  -9.489  1.00 37.63  ? 556 HOH A O   1 
HETATM 1808 O O   . HOH C 3 .   ? -11.430 -15.934 1.685   1.00 45.01  ? 557 HOH A O   1 
HETATM 1809 O O   . HOH C 3 .   ? 7.052   -2.348  -1.772  1.00 45.90  ? 558 HOH A O   1 
HETATM 1810 O O   . HOH C 3 .   ? -14.137 -16.472 4.869   1.00 45.65  ? 559 HOH A O   1 
HETATM 1811 O O   . HOH C 3 .   ? 5.963   -6.910  0.228   1.00 15.85  ? 560 HOH A O   1 
HETATM 1812 O O   . HOH C 3 .   ? 10.114  22.099  -8.954  1.00 38.34  ? 561 HOH A O   1 
HETATM 1813 O O   . HOH C 3 .   ? -16.196 -14.544 5.494   1.00 37.98  ? 562 HOH A O   1 
HETATM 1814 O O   . HOH C 3 .   ? -18.417 6.954   -3.048  1.00 43.58  ? 563 HOH A O   1 
HETATM 1815 O O   . HOH C 3 .   ? -5.994  -16.389 -11.254 1.00 39.76  ? 564 HOH A O   1 
HETATM 1816 O O   . HOH C 3 .   ? -19.720 10.863  1.974   1.00 54.65  ? 565 HOH A O   1 
# 
loop_
_pdbx_poly_seq_scheme.asym_id 
_pdbx_poly_seq_scheme.entity_id 
_pdbx_poly_seq_scheme.seq_id 
_pdbx_poly_seq_scheme.mon_id 
_pdbx_poly_seq_scheme.ndb_seq_num 
_pdbx_poly_seq_scheme.pdb_seq_num 
_pdbx_poly_seq_scheme.auth_seq_num 
_pdbx_poly_seq_scheme.pdb_mon_id 
_pdbx_poly_seq_scheme.auth_mon_id 
_pdbx_poly_seq_scheme.pdb_strand_id 
_pdbx_poly_seq_scheme.pdb_ins_code 
_pdbx_poly_seq_scheme.hetero 
A 1 1   MET 1   1   ?   ?   ?   A . n 
A 1 2   ASP 2   2   ?   ?   ?   A . n 
A 1 3   TYR 3   3   3   TYR TYR A . n 
A 1 4   ILE 4   4   4   ILE ILE A . n 
A 1 5   LYS 5   5   5   LYS LYS A . n 
A 1 6   GLY 6   6   6   GLY GLY A . n 
A 1 7   ILE 7   7   7   ILE ILE A . n 
A 1 8   ALA 8   8   8   ALA ALA A . n 
A 1 9   PHE 9   9   9   PHE PHE A . n 
A 1 10  ASP 10  10  10  ASP ASP A . n 
A 1 11  LEU 11  11  11  LEU LEU A . n 
A 1 12  TYR 12  12  12  TYR TYR A . n 
A 1 13  GLY 13  13  13  GLY GLY A . n 
A 1 14  THR 14  14  14  THR THR A . n 
A 1 15  LEU 15  15  15  LEU LEU A . n 
A 1 16  PHE 16  16  16  PHE PHE A . n 
A 1 17  ASP 17  17  17  ASP ASP A . n 
A 1 18  VAL 18  18  18  VAL VAL A . n 
A 1 19  HIS 19  19  19  HIS HIS A . n 
A 1 20  SER 20  20  20  SER SER A . n 
A 1 21  VAL 21  21  21  VAL VAL A . n 
A 1 22  VAL 22  22  22  VAL VAL A . n 
A 1 23  GLY 23  23  23  GLY GLY A . n 
A 1 24  ARG 24  24  24  ARG ARG A . n 
A 1 25  CYS 25  25  25  CYS CYS A . n 
A 1 26  ASP 26  26  26  ASP ASP A . n 
A 1 27  GLU 27  27  27  GLU GLU A . n 
A 1 28  ALA 28  28  28  ALA ALA A . n 
A 1 29  PHE 29  29  29  PHE PHE A . n 
A 1 30  PRO 30  30  30  PRO PRO A . n 
A 1 31  GLY 31  31  31  GLY GLY A . n 
A 1 32  ARG 32  32  32  ARG ARG A . n 
A 1 33  GLY 33  33  33  GLY GLY A . n 
A 1 34  ARG 34  34  34  ARG ARG A . n 
A 1 35  GLU 35  35  35  GLU GLU A . n 
A 1 36  ILE 36  36  36  ILE ILE A . n 
A 1 37  SER 37  37  37  SER SER A . n 
A 1 38  ALA 38  38  38  ALA ALA A . n 
A 1 39  LEU 39  39  39  LEU LEU A . n 
A 1 40  TRP 40  40  40  TRP TRP A . n 
A 1 41  ARG 41  41  41  ARG ARG A . n 
A 1 42  GLN 42  42  42  GLN GLN A . n 
A 1 43  LYS 43  43  43  LYS LYS A . n 
A 1 44  GLN 44  44  44  GLN GLN A . n 
A 1 45  LEU 45  45  45  LEU LEU A . n 
A 1 46  GLU 46  46  46  GLU GLU A . n 
A 1 47  TYR 47  47  47  TYR TYR A . n 
A 1 48  THR 48  48  48  THR THR A . n 
A 1 49  TRP 49  49  49  TRP TRP A . n 
A 1 50  LEU 50  50  50  LEU LEU A . n 
A 1 51  ARG 51  51  51  ARG ARG A . n 
A 1 52  SER 52  52  52  SER SER A . n 
A 1 53  LEU 53  53  53  LEU LEU A . n 
A 1 54  MET 54  54  54  MET MET A . n 
A 1 55  ASN 55  55  55  ASN ASN A . n 
A 1 56  ARG 56  56  56  ARG ARG A . n 
A 1 57  TYR 57  57  57  TYR TYR A . n 
A 1 58  VAL 58  58  58  VAL VAL A . n 
A 1 59  ASN 59  59  59  ASN ASN A . n 
A 1 60  PHE 60  60  60  PHE PHE A . n 
A 1 61  GLN 61  61  61  GLN GLN A . n 
A 1 62  GLN 62  62  62  GLN GLN A . n 
A 1 63  ALA 63  63  63  ALA ALA A . n 
A 1 64  THR 64  64  64  THR THR A . n 
A 1 65  GLU 65  65  65  GLU GLU A . n 
A 1 66  ASP 66  66  66  ASP ASP A . n 
A 1 67  ALA 67  67  67  ALA ALA A . n 
A 1 68  LEU 68  68  68  LEU LEU A . n 
A 1 69  ARG 69  69  69  ARG ARG A . n 
A 1 70  PHE 70  70  70  PHE PHE A . n 
A 1 71  THR 71  71  71  THR THR A . n 
A 1 72  CYS 72  72  72  CYS CYS A . n 
A 1 73  ARG 73  73  73  ARG ARG A . n 
A 1 74  HIS 74  74  74  HIS HIS A . n 
A 1 75  LEU 75  75  75  LEU LEU A . n 
A 1 76  GLY 76  76  76  GLY GLY A . n 
A 1 77  LEU 77  77  77  LEU LEU A . n 
A 1 78  ASP 78  78  78  ASP ASP A . n 
A 1 79  LEU 79  79  79  LEU LEU A . n 
A 1 80  ASP 80  80  80  ASP ASP A . n 
A 1 81  ALA 81  81  81  ALA ALA A . n 
A 1 82  ARG 82  82  82  ARG ARG A . n 
A 1 83  THR 83  83  83  THR THR A . n 
A 1 84  ARG 84  84  84  ARG ARG A . n 
A 1 85  SER 85  85  85  SER SER A . n 
A 1 86  THR 86  86  86  THR THR A . n 
A 1 87  LEU 87  87  87  LEU LEU A . n 
A 1 88  CYS 88  88  88  CYS CYS A . n 
A 1 89  ASP 89  89  89  ASP ASP A . n 
A 1 90  ALA 90  90  90  ALA ALA A . n 
A 1 91  TYR 91  91  91  TYR TYR A . n 
A 1 92  LEU 92  92  92  LEU LEU A . n 
A 1 93  ARG 93  93  93  ARG ARG A . n 
A 1 94  LEU 94  94  94  LEU LEU A . n 
A 1 95  ALA 95  95  95  ALA ALA A . n 
A 1 96  PRO 96  96  96  PRO PRO A . n 
A 1 97  PHE 97  97  97  PHE PHE A . n 
A 1 98  SER 98  98  98  SER SER A . n 
A 1 99  GLU 99  99  99  GLU GLU A . n 
A 1 100 VAL 100 100 100 VAL VAL A . n 
A 1 101 PRO 101 101 101 PRO PRO A . n 
A 1 102 ASP 102 102 102 ASP ASP A . n 
A 1 103 SER 103 103 103 SER SER A . n 
A 1 104 LEU 104 104 104 LEU LEU A . n 
A 1 105 ARG 105 105 105 ARG ARG A . n 
A 1 106 GLU 106 106 106 GLU GLU A . n 
A 1 107 LEU 107 107 107 LEU LEU A . n 
A 1 108 LYS 108 108 108 LYS LYS A . n 
A 1 109 ARG 109 109 109 ARG ARG A . n 
A 1 110 ARG 110 110 110 ARG ARG A . n 
A 1 111 GLY 111 111 111 GLY GLY A . n 
A 1 112 LEU 112 112 112 LEU LEU A . n 
A 1 113 LYS 113 113 113 LYS LYS A . n 
A 1 114 LEU 114 114 114 LEU LEU A . n 
A 1 115 ALA 115 115 115 ALA ALA A . n 
A 1 116 ILE 116 116 116 ILE ILE A . n 
A 1 117 LEU 117 117 117 LEU LEU A . n 
A 1 118 SER 118 118 118 SER SER A . n 
A 1 119 ASN 119 119 119 ASN ASN A . n 
A 1 120 GLY 120 120 120 GLY GLY A . n 
A 1 121 SER 121 121 121 SER SER A . n 
A 1 122 PRO 122 122 122 PRO PRO A . n 
A 1 123 GLN 123 123 123 GLN GLN A . n 
A 1 124 SER 124 124 124 SER SER A . n 
A 1 125 ILE 125 125 125 ILE ILE A . n 
A 1 126 ASP 126 126 126 ASP ASP A . n 
A 1 127 ALA 127 127 127 ALA ALA A . n 
A 1 128 VAL 128 128 128 VAL VAL A . n 
A 1 129 VAL 129 129 129 VAL VAL A . n 
A 1 130 SER 130 130 130 SER SER A . n 
A 1 131 HIS 131 131 131 HIS HIS A . n 
A 1 132 ALA 132 132 132 ALA ALA A . n 
A 1 133 GLY 133 133 133 GLY GLY A . n 
A 1 134 LEU 134 134 134 LEU LEU A . n 
A 1 135 ARG 135 135 135 ARG ARG A . n 
A 1 136 ASP 136 136 136 ASP ASP A . n 
A 1 137 GLY 137 137 137 GLY GLY A . n 
A 1 138 PHE 138 138 138 PHE PHE A . n 
A 1 139 ASP 139 139 139 ASP ASP A . n 
A 1 140 HIS 140 140 140 HIS HIS A . n 
A 1 141 LEU 141 141 141 LEU LEU A . n 
A 1 142 LEU 142 142 142 LEU LEU A . n 
A 1 143 SER 143 143 143 SER SER A . n 
A 1 144 VAL 144 144 144 VAL VAL A . n 
A 1 145 ASP 145 145 145 ASP ASP A . n 
A 1 146 PRO 146 146 146 PRO PRO A . n 
A 1 147 VAL 147 147 147 VAL VAL A . n 
A 1 148 GLN 148 148 148 GLN GLN A . n 
A 1 149 VAL 149 149 149 VAL VAL A . n 
A 1 150 TYR 150 150 150 TYR TYR A . n 
A 1 151 LYS 151 151 151 LYS LYS A . n 
A 1 152 PRO 152 152 152 PRO PRO A . n 
A 1 153 ASP 153 153 153 ASP ASP A . n 
A 1 154 ASN 154 154 154 ASN ASN A . n 
A 1 155 ARG 155 155 155 ARG ARG A . n 
A 1 156 VAL 156 156 156 VAL VAL A . n 
A 1 157 TYR 157 157 157 TYR TYR A . n 
A 1 158 GLU 158 158 158 GLU GLU A . n 
A 1 159 LEU 159 159 159 LEU LEU A . n 
A 1 160 ALA 160 160 160 ALA ALA A . n 
A 1 161 GLU 161 161 161 GLU GLU A . n 
A 1 162 GLN 162 162 162 GLN GLN A . n 
A 1 163 ALA 163 163 163 ALA ALA A . n 
A 1 164 LEU 164 164 164 LEU LEU A . n 
A 1 165 GLY 165 165 165 GLY GLY A . n 
A 1 166 LEU 166 166 166 LEU LEU A . n 
A 1 167 ASP 167 167 167 ASP ASP A . n 
A 1 168 ARG 168 168 168 ARG ARG A . n 
A 1 169 SER 169 169 169 SER SER A . n 
A 1 170 ALA 170 170 170 ALA ALA A . n 
A 1 171 ILE 171 171 171 ILE ILE A . n 
A 1 172 LEU 172 172 172 LEU LEU A . n 
A 1 173 PHE 173 173 173 PHE PHE A . n 
A 1 174 VAL 174 174 174 VAL VAL A . n 
A 1 175 ALA 175 175 175 ALA ALA A . n 
A 1 176 SER 176 176 176 SER SER A . n 
A 1 177 ASN 177 177 177 ASN ASN A . n 
A 1 178 ALA 178 178 178 ALA ALA A . n 
A 1 179 TRP 179 179 179 TRP TRP A . n 
A 1 180 ASP 180 180 180 ASP ASP A . n 
A 1 181 ALA 181 181 181 ALA ALA A . n 
A 1 182 THR 182 182 182 THR THR A . n 
A 1 183 GLY 183 183 183 GLY GLY A . n 
A 1 184 ALA 184 184 184 ALA ALA A . n 
A 1 185 ARG 185 185 185 ARG ARG A . n 
A 1 186 TYR 186 186 186 TYR TYR A . n 
A 1 187 PHE 187 187 187 PHE PHE A . n 
A 1 188 GLY 188 188 188 GLY GLY A . n 
A 1 189 PHE 189 189 189 PHE PHE A . n 
A 1 190 PRO 190 190 190 PRO PRO A . n 
A 1 191 THR 191 191 191 THR THR A . n 
A 1 192 CYS 192 192 192 CYS CYS A . n 
A 1 193 TRP 193 193 193 TRP TRP A . n 
A 1 194 ILE 194 194 194 ILE ILE A . n 
A 1 195 ASN 195 195 195 ASN ASN A . n 
A 1 196 ARG 196 196 196 ARG ARG A . n 
A 1 197 THR 197 197 197 THR THR A . n 
A 1 198 GLY 198 198 198 GLY GLY A . n 
A 1 199 ASN 199 199 199 ASN ASN A . n 
A 1 200 VAL 200 200 200 VAL VAL A . n 
A 1 201 PHE 201 201 201 PHE PHE A . n 
A 1 202 GLU 202 202 202 GLU GLU A . n 
A 1 203 GLU 203 203 203 GLU GLU A . n 
A 1 204 MET 204 204 204 MET MET A . n 
A 1 205 GLY 205 205 205 GLY GLY A . n 
A 1 206 GLN 206 206 206 GLN GLN A . n 
A 1 207 THR 207 207 207 THR THR A . n 
A 1 208 PRO 208 208 208 PRO PRO A . n 
A 1 209 ASP 209 209 209 ASP ASP A . n 
A 1 210 TRP 210 210 210 TRP TRP A . n 
A 1 211 GLU 211 211 211 GLU GLU A . n 
A 1 212 VAL 212 212 212 VAL VAL A . n 
A 1 213 THR 213 213 213 THR THR A . n 
A 1 214 SER 214 214 214 SER SER A . n 
A 1 215 LEU 215 215 215 LEU LEU A . n 
A 1 216 ARG 216 216 216 ARG ARG A . n 
A 1 217 ALA 217 217 217 ALA ALA A . n 
A 1 218 VAL 218 218 218 VAL VAL A . n 
A 1 219 VAL 219 219 219 VAL VAL A . n 
A 1 220 GLU 220 220 220 GLU GLU A . n 
A 1 221 LEU 221 221 221 LEU LEU A . n 
A 1 222 PHE 222 222 222 PHE PHE A . n 
A 1 223 GLU 223 223 ?   ?   ?   A . n 
A 1 224 THR 224 224 ?   ?   ?   A . n 
A 1 225 ALA 225 225 ?   ?   ?   A . n 
A 1 226 ALA 226 226 ?   ?   ?   A . n 
A 1 227 GLY 227 227 ?   ?   ?   A . n 
A 1 228 LYS 228 228 ?   ?   ?   A . n 
A 1 229 ALA 229 229 ?   ?   ?   A . n 
A 1 230 GLU 230 230 ?   ?   ?   A . n 
A 1 231 LYS 231 231 ?   ?   ?   A . n 
A 1 232 GLY 232 232 ?   ?   ?   A . n 
# 
loop_
_pdbx_nonpoly_scheme.asym_id 
_pdbx_nonpoly_scheme.entity_id 
_pdbx_nonpoly_scheme.mon_id 
_pdbx_nonpoly_scheme.ndb_seq_num 
_pdbx_nonpoly_scheme.pdb_seq_num 
_pdbx_nonpoly_scheme.auth_seq_num 
_pdbx_nonpoly_scheme.pdb_mon_id 
_pdbx_nonpoly_scheme.auth_mon_id 
_pdbx_nonpoly_scheme.pdb_strand_id 
_pdbx_nonpoly_scheme.pdb_ins_code 
B 2 ACY 1  300 300 ACY ACY A . 
C 3 HOH 1  500 500 HOH HOH A . 
C 3 HOH 2  501 501 HOH HOH A . 
C 3 HOH 3  502 502 HOH HOH A . 
C 3 HOH 4  503 503 HOH HOH A . 
C 3 HOH 5  504 504 HOH HOH A . 
C 3 HOH 6  505 505 HOH HOH A . 
C 3 HOH 7  506 506 HOH HOH A . 
C 3 HOH 8  507 507 HOH HOH A . 
C 3 HOH 9  508 508 HOH HOH A . 
C 3 HOH 10 509 509 HOH HOH A . 
C 3 HOH 11 510 510 HOH HOH A . 
C 3 HOH 12 511 511 HOH HOH A . 
C 3 HOH 13 512 512 HOH HOH A . 
C 3 HOH 14 513 513 HOH HOH A . 
C 3 HOH 15 514 514 HOH HOH A . 
C 3 HOH 16 515 515 HOH HOH A . 
C 3 HOH 17 516 516 HOH HOH A . 
C 3 HOH 18 517 517 HOH HOH A . 
C 3 HOH 19 518 518 HOH HOH A . 
C 3 HOH 20 519 519 HOH HOH A . 
C 3 HOH 21 520 520 HOH HOH A . 
C 3 HOH 22 521 521 HOH HOH A . 
C 3 HOH 23 522 522 HOH HOH A . 
C 3 HOH 24 523 523 HOH HOH A . 
C 3 HOH 25 524 524 HOH HOH A . 
C 3 HOH 26 525 525 HOH HOH A . 
C 3 HOH 27 526 526 HOH HOH A . 
C 3 HOH 28 527 527 HOH HOH A . 
C 3 HOH 29 528 528 HOH HOH A . 
C 3 HOH 30 529 529 HOH HOH A . 
C 3 HOH 31 530 530 HOH HOH A . 
C 3 HOH 32 531 531 HOH HOH A . 
C 3 HOH 33 532 532 HOH HOH A . 
C 3 HOH 34 533 533 HOH HOH A . 
C 3 HOH 35 534 534 HOH HOH A . 
C 3 HOH 36 535 535 HOH HOH A . 
C 3 HOH 37 536 536 HOH HOH A . 
C 3 HOH 38 537 537 HOH HOH A . 
C 3 HOH 39 538 538 HOH HOH A . 
C 3 HOH 40 539 539 HOH HOH A . 
C 3 HOH 41 540 540 HOH HOH A . 
C 3 HOH 42 541 541 HOH HOH A . 
C 3 HOH 43 542 542 HOH HOH A . 
C 3 HOH 44 543 543 HOH HOH A . 
C 3 HOH 45 544 544 HOH HOH A . 
C 3 HOH 46 545 545 HOH HOH A . 
C 3 HOH 47 546 546 HOH HOH A . 
C 3 HOH 48 547 547 HOH HOH A . 
C 3 HOH 49 548 548 HOH HOH A . 
C 3 HOH 50 549 549 HOH HOH A . 
C 3 HOH 51 550 550 HOH HOH A . 
C 3 HOH 52 551 551 HOH HOH A . 
C 3 HOH 53 552 552 HOH HOH A . 
C 3 HOH 54 553 553 HOH HOH A . 
C 3 HOH 55 554 554 HOH HOH A . 
C 3 HOH 56 555 555 HOH HOH A . 
C 3 HOH 57 556 556 HOH HOH A . 
C 3 HOH 58 557 557 HOH HOH A . 
C 3 HOH 59 558 558 HOH HOH A . 
C 3 HOH 60 559 559 HOH HOH A . 
C 3 HOH 61 560 560 HOH HOH A . 
C 3 HOH 62 561 561 HOH HOH A . 
C 3 HOH 63 562 562 HOH HOH A . 
C 3 HOH 64 563 563 HOH HOH A . 
C 3 HOH 65 564 564 HOH HOH A . 
C 3 HOH 66 565 565 HOH HOH A . 
# 
_pdbx_struct_assembly.id                   1 
_pdbx_struct_assembly.details              author_and_software_defined_assembly 
_pdbx_struct_assembly.method_details       PISA,PQS 
_pdbx_struct_assembly.oligomeric_details   dimeric 
_pdbx_struct_assembly.oligomeric_count     2 
# 
_pdbx_struct_assembly_gen.assembly_id       1 
_pdbx_struct_assembly_gen.oper_expression   1,2 
_pdbx_struct_assembly_gen.asym_id_list      A,B,C 
# 
loop_
_pdbx_struct_assembly_prop.biol_id 
_pdbx_struct_assembly_prop.type 
_pdbx_struct_assembly_prop.value 
_pdbx_struct_assembly_prop.details 
1 'ABSA (A^2)' 2930  ? 
1 MORE         -22   ? 
1 'SSA (A^2)'  18110 ? 
# 
loop_
_pdbx_struct_oper_list.id 
_pdbx_struct_oper_list.type 
_pdbx_struct_oper_list.name 
_pdbx_struct_oper_list.symmetry_operation 
_pdbx_struct_oper_list.matrix[1][1] 
_pdbx_struct_oper_list.matrix[1][2] 
_pdbx_struct_oper_list.matrix[1][3] 
_pdbx_struct_oper_list.vector[1] 
_pdbx_struct_oper_list.matrix[2][1] 
_pdbx_struct_oper_list.matrix[2][2] 
_pdbx_struct_oper_list.matrix[2][3] 
_pdbx_struct_oper_list.vector[2] 
_pdbx_struct_oper_list.matrix[3][1] 
_pdbx_struct_oper_list.matrix[3][2] 
_pdbx_struct_oper_list.matrix[3][3] 
_pdbx_struct_oper_list.vector[3] 
1 'identity operation'         1_555 x,y,z       1.0000000000  0.0000000000 0.0000000000  0.0000000000  0.0000000000 1.0000000000  0.0000000000  0.0000000000   0.0000000000  0.0000000000  1.0000000000 0.0000000000   
2 'crystal symmetry operation' 2_656 -x+1,y,-z+1 -0.9999284890 0.0062267559 -0.0102100169 19.6323412457 0.0062267559 -0.4578110142 -0.8890277289 -20.9970539897 -0.0102100169 -0.8890277289 0.4577395032 -12.6679126455 
# 
loop_
_pdbx_audit_revision_history.ordinal 
_pdbx_audit_revision_history.data_content_type 
_pdbx_audit_revision_history.major_revision 
_pdbx_audit_revision_history.minor_revision 
_pdbx_audit_revision_history.revision_date 
1 'Structure model' 1 0 1999-03-23 
2 'Structure model' 1 1 2008-03-24 
3 'Structure model' 1 2 2011-07-13 
4 'Structure model' 1 3 2018-03-14 
5 'Structure model' 1 4 2023-08-09 
# 
_pdbx_audit_revision_details.ordinal             1 
_pdbx_audit_revision_details.revision_ordinal    1 
_pdbx_audit_revision_details.data_content_type   'Structure model' 
_pdbx_audit_revision_details.provider            repository 
_pdbx_audit_revision_details.type                'Initial release' 
_pdbx_audit_revision_details.description         ? 
_pdbx_audit_revision_details.details             ? 
# 
loop_
_pdbx_audit_revision_group.ordinal 
_pdbx_audit_revision_group.revision_ordinal 
_pdbx_audit_revision_group.data_content_type 
_pdbx_audit_revision_group.group 
1 2 'Structure model' 'Version format compliance' 
2 3 'Structure model' 'Derived calculations'      
3 3 'Structure model' 'Source and taxonomy'       
4 3 'Structure model' 'Version format compliance' 
5 4 'Structure model' 'Database references'       
6 4 'Structure model' Other                       
7 5 'Structure model' 'Database references'       
8 5 'Structure model' 'Derived calculations'      
9 5 'Structure model' 'Refinement description'    
# 
loop_
_pdbx_audit_revision_category.ordinal 
_pdbx_audit_revision_category.revision_ordinal 
_pdbx_audit_revision_category.data_content_type 
_pdbx_audit_revision_category.category 
1 4 'Structure model' pdbx_database_status          
2 4 'Structure model' struct_ref_seq_dif            
3 5 'Structure model' database_2                    
4 5 'Structure model' pdbx_initial_refinement_model 
5 5 'Structure model' struct_conn                   
6 5 'Structure model' struct_ref_seq_dif            
7 5 'Structure model' struct_site                   
# 
loop_
_pdbx_audit_revision_item.ordinal 
_pdbx_audit_revision_item.revision_ordinal 
_pdbx_audit_revision_item.data_content_type 
_pdbx_audit_revision_item.item 
1  4 'Structure model' '_pdbx_database_status.process_site'  
2  4 'Structure model' '_struct_ref_seq_dif.details'         
3  5 'Structure model' '_database_2.pdbx_DOI'                
4  5 'Structure model' '_database_2.pdbx_database_accession' 
5  5 'Structure model' '_struct_conn.pdbx_leaving_atom_flag' 
6  5 'Structure model' '_struct_conn.ptnr1_auth_comp_id'     
7  5 'Structure model' '_struct_conn.ptnr1_auth_seq_id'      
8  5 'Structure model' '_struct_conn.ptnr1_label_asym_id'    
9  5 'Structure model' '_struct_conn.ptnr1_label_atom_id'    
10 5 'Structure model' '_struct_conn.ptnr1_label_comp_id'    
11 5 'Structure model' '_struct_conn.ptnr1_label_seq_id'     
12 5 'Structure model' '_struct_conn.ptnr2_auth_comp_id'     
13 5 'Structure model' '_struct_conn.ptnr2_auth_seq_id'      
14 5 'Structure model' '_struct_conn.ptnr2_label_asym_id'    
15 5 'Structure model' '_struct_conn.ptnr2_label_atom_id'    
16 5 'Structure model' '_struct_conn.ptnr2_label_comp_id'    
17 5 'Structure model' '_struct_conn.ptnr2_label_seq_id'     
18 5 'Structure model' '_struct_ref_seq_dif.details'         
19 5 'Structure model' '_struct_site.pdbx_auth_asym_id'      
20 5 'Structure model' '_struct_site.pdbx_auth_comp_id'      
21 5 'Structure model' '_struct_site.pdbx_auth_seq_id'       
# 
loop_
_software.name 
_software.classification 
_software.version 
_software.citation_id 
_software.pdbx_ordinal 
X-PLOR 'model building' 3.1 ? 1 
X-PLOR refinement       3.1 ? 2 
R-AXIS 'data reduction' IIC ? 3 
R-AXIS 'data scaling'   IIC ? 4 
X-PLOR phasing          3.1 ? 5 
# 
loop_
_pdbx_validate_rmsd_angle.id 
_pdbx_validate_rmsd_angle.PDB_model_num 
_pdbx_validate_rmsd_angle.auth_atom_id_1 
_pdbx_validate_rmsd_angle.auth_asym_id_1 
_pdbx_validate_rmsd_angle.auth_comp_id_1 
_pdbx_validate_rmsd_angle.auth_seq_id_1 
_pdbx_validate_rmsd_angle.PDB_ins_code_1 
_pdbx_validate_rmsd_angle.label_alt_id_1 
_pdbx_validate_rmsd_angle.auth_atom_id_2 
_pdbx_validate_rmsd_angle.auth_asym_id_2 
_pdbx_validate_rmsd_angle.auth_comp_id_2 
_pdbx_validate_rmsd_angle.auth_seq_id_2 
_pdbx_validate_rmsd_angle.PDB_ins_code_2 
_pdbx_validate_rmsd_angle.label_alt_id_2 
_pdbx_validate_rmsd_angle.auth_atom_id_3 
_pdbx_validate_rmsd_angle.auth_asym_id_3 
_pdbx_validate_rmsd_angle.auth_comp_id_3 
_pdbx_validate_rmsd_angle.auth_seq_id_3 
_pdbx_validate_rmsd_angle.PDB_ins_code_3 
_pdbx_validate_rmsd_angle.label_alt_id_3 
_pdbx_validate_rmsd_angle.angle_value 
_pdbx_validate_rmsd_angle.angle_target_value 
_pdbx_validate_rmsd_angle.angle_deviation 
_pdbx_validate_rmsd_angle.angle_standard_deviation 
_pdbx_validate_rmsd_angle.linker_flag 
1 1 CB A ASP 10 ? ? CG A ASP 10 ? ? OD1 A ASP 10 ? ? 124.72 118.30 6.42  0.90 N 
2 1 CB A ASP 10 ? ? CG A ASP 10 ? ? OD2 A ASP 10 ? ? 109.19 118.30 -9.11 0.90 N 
# 
_pdbx_validate_torsion.id              1 
_pdbx_validate_torsion.PDB_model_num   1 
_pdbx_validate_torsion.auth_comp_id    LEU 
_pdbx_validate_torsion.auth_asym_id    A 
_pdbx_validate_torsion.auth_seq_id     11 
_pdbx_validate_torsion.PDB_ins_code    ? 
_pdbx_validate_torsion.label_alt_id    ? 
_pdbx_validate_torsion.phi             -89.22 
_pdbx_validate_torsion.psi             -74.31 
# 
loop_
_pdbx_unobs_or_zero_occ_atoms.id 
_pdbx_unobs_or_zero_occ_atoms.PDB_model_num 
_pdbx_unobs_or_zero_occ_atoms.polymer_flag 
_pdbx_unobs_or_zero_occ_atoms.occupancy_flag 
_pdbx_unobs_or_zero_occ_atoms.auth_asym_id 
_pdbx_unobs_or_zero_occ_atoms.auth_comp_id 
_pdbx_unobs_or_zero_occ_atoms.auth_seq_id 
_pdbx_unobs_or_zero_occ_atoms.PDB_ins_code 
_pdbx_unobs_or_zero_occ_atoms.auth_atom_id 
_pdbx_unobs_or_zero_occ_atoms.label_alt_id 
_pdbx_unobs_or_zero_occ_atoms.label_asym_id 
_pdbx_unobs_or_zero_occ_atoms.label_comp_id 
_pdbx_unobs_or_zero_occ_atoms.label_seq_id 
_pdbx_unobs_or_zero_occ_atoms.label_atom_id 
1  1 Y 1 A TYR 3   ? CG  ? A TYR 3   CG  
2  1 Y 1 A TYR 3   ? CD1 ? A TYR 3   CD1 
3  1 Y 1 A TYR 3   ? CD2 ? A TYR 3   CD2 
4  1 Y 1 A TYR 3   ? CE1 ? A TYR 3   CE1 
5  1 Y 1 A TYR 3   ? CE2 ? A TYR 3   CE2 
6  1 Y 1 A TYR 3   ? CZ  ? A TYR 3   CZ  
7  1 Y 1 A TYR 3   ? OH  ? A TYR 3   OH  
8  1 Y 1 A ARG 109 ? CG  ? A ARG 109 CG  
9  1 Y 1 A ARG 109 ? CD  ? A ARG 109 CD  
10 1 Y 1 A ARG 109 ? NE  ? A ARG 109 NE  
11 1 Y 1 A ARG 109 ? CZ  ? A ARG 109 CZ  
12 1 Y 1 A ARG 109 ? NH1 ? A ARG 109 NH1 
13 1 Y 1 A ARG 109 ? NH2 ? A ARG 109 NH2 
14 1 Y 1 A GLU 220 ? CG  ? A GLU 220 CG  
15 1 Y 1 A GLU 220 ? CD  ? A GLU 220 CD  
16 1 Y 1 A GLU 220 ? OE1 ? A GLU 220 OE1 
17 1 Y 1 A GLU 220 ? OE2 ? A GLU 220 OE2 
# 
loop_
_pdbx_unobs_or_zero_occ_residues.id 
_pdbx_unobs_or_zero_occ_residues.PDB_model_num 
_pdbx_unobs_or_zero_occ_residues.polymer_flag 
_pdbx_unobs_or_zero_occ_residues.occupancy_flag 
_pdbx_unobs_or_zero_occ_residues.auth_asym_id 
_pdbx_unobs_or_zero_occ_residues.auth_comp_id 
_pdbx_unobs_or_zero_occ_residues.auth_seq_id 
_pdbx_unobs_or_zero_occ_residues.PDB_ins_code 
_pdbx_unobs_or_zero_occ_residues.label_asym_id 
_pdbx_unobs_or_zero_occ_residues.label_comp_id 
_pdbx_unobs_or_zero_occ_residues.label_seq_id 
1  1 Y 1 A MET 1   ? A MET 1   
2  1 Y 1 A ASP 2   ? A ASP 2   
3  1 Y 1 A GLU 223 ? A GLU 223 
4  1 Y 1 A THR 224 ? A THR 224 
5  1 Y 1 A ALA 225 ? A ALA 225 
6  1 Y 1 A ALA 226 ? A ALA 226 
7  1 Y 1 A GLY 227 ? A GLY 227 
8  1 Y 1 A LYS 228 ? A LYS 228 
9  1 Y 1 A ALA 229 ? A ALA 229 
10 1 Y 1 A GLU 230 ? A GLU 230 
11 1 Y 1 A LYS 231 ? A LYS 231 
12 1 Y 1 A GLY 232 ? A GLY 232 
# 
loop_
_pdbx_entity_nonpoly.entity_id 
_pdbx_entity_nonpoly.name 
_pdbx_entity_nonpoly.comp_id 
2 'ACETIC ACID' ACY 
3 water         HOH 
# 
_pdbx_initial_refinement_model.id               1 
_pdbx_initial_refinement_model.entity_id_list   ? 
_pdbx_initial_refinement_model.type             'experimental model' 
_pdbx_initial_refinement_model.source_name      PDB 
_pdbx_initial_refinement_model.accession_code   1JUD 
_pdbx_initial_refinement_model.details          ? 
# 
